data_9DGL
# 
_entry.id   9DGL 
# 
_audit_conform.dict_name       mmcif_pdbx.dic 
_audit_conform.dict_version    5.409 
_audit_conform.dict_location   http://mmcif.pdb.org/dictionaries/ascii/mmcif_pdbx.dic 
# 
loop_
_database_2.database_id 
_database_2.database_code 
_database_2.pdbx_database_accession 
_database_2.pdbx_DOI 
PDB   9DGL         pdb_00009dgl 10.2210/pdb9dgl/pdb 
WWPDB D_1000288069 ?            ?                   
# 
loop_
_pdbx_audit_revision_history.ordinal 
_pdbx_audit_revision_history.data_content_type 
_pdbx_audit_revision_history.major_revision 
_pdbx_audit_revision_history.minor_revision 
_pdbx_audit_revision_history.revision_date 
_pdbx_audit_revision_history.part_number 
1 'Structure model' 1 0 2025-11-12 ? 
2 'Structure model' 1 1 2025-12-24 ? 
# 
_pdbx_audit_revision_details.ordinal             1 
_pdbx_audit_revision_details.revision_ordinal    1 
_pdbx_audit_revision_details.data_content_type   'Structure model' 
_pdbx_audit_revision_details.provider            repository 
_pdbx_audit_revision_details.type                'Initial release' 
_pdbx_audit_revision_details.description         ? 
_pdbx_audit_revision_details.details             ? 
# 
_pdbx_audit_revision_group.ordinal             1 
_pdbx_audit_revision_group.revision_ordinal    2 
_pdbx_audit_revision_group.data_content_type   'Structure model' 
_pdbx_audit_revision_group.group               'Database references' 
# 
_pdbx_audit_revision_category.ordinal             1 
_pdbx_audit_revision_category.revision_ordinal    2 
_pdbx_audit_revision_category.data_content_type   'Structure model' 
_pdbx_audit_revision_category.category            citation 
# 
_pdbx_audit_revision_item.ordinal             1 
_pdbx_audit_revision_item.revision_ordinal    2 
_pdbx_audit_revision_item.data_content_type   'Structure model' 
_pdbx_audit_revision_item.item                '_citation.journal_volume' 
# 
_pdbx_database_status.status_code                     REL 
_pdbx_database_status.status_code_sf                  REL 
_pdbx_database_status.status_code_mr                  ? 
_pdbx_database_status.entry_id                        9DGL 
_pdbx_database_status.recvd_initial_deposition_date   2024-09-02 
_pdbx_database_status.SG_entry                        N 
_pdbx_database_status.deposit_site                    RCSB 
_pdbx_database_status.process_site                    RCSB 
_pdbx_database_status.status_code_cs                  ? 
_pdbx_database_status.status_code_nmr_data            ? 
_pdbx_database_status.methods_development_category    ? 
_pdbx_database_status.pdb_format_compatible           Y 
# 
_pdbx_contact_author.id                 2 
_pdbx_contact_author.email              mao@purdue.edu 
_pdbx_contact_author.name_first         Chengde 
_pdbx_contact_author.name_last          Mao 
_pdbx_contact_author.name_mi            ? 
_pdbx_contact_author.role               'principal investigator/group leader' 
_pdbx_contact_author.identifier_ORCID   0000-0001-7516-8666 
# 
loop_
_audit_author.name 
_audit_author.pdbx_ordinal 
_audit_author.identifier_ORCID 
'Koomullam, N.' 1 0009-0000-3495-8434 
'Mao, C.'       2 0000-0001-7516-8666 
# 
_citation.abstract                  ? 
_citation.abstract_id_CAS           ? 
_citation.book_id_ISBN              ? 
_citation.book_publisher            ? 
_citation.book_publisher_city       ? 
_citation.book_title                ? 
_citation.coordinate_linkage        ? 
_citation.country                   GE 
_citation.database_id_Medline       ? 
_citation.details                   ? 
_citation.id                        primary 
_citation.journal_abbrev            Angew.Chem.Int.Ed.Engl. 
_citation.journal_id_ASTM           ACIEAY 
_citation.journal_id_CSD            0179 
_citation.journal_id_ISSN           1521-3773 
_citation.journal_full              ? 
_citation.journal_issue             ? 
_citation.journal_volume            64 
_citation.language                  ? 
_citation.page_first                e18174 
_citation.page_last                 e18174 
_citation.title                     'Crystallographic Study of DNA T-Junction via Crystal Engineering.' 
_citation.year                      2025 
_citation.database_id_CSD           ? 
_citation.pdbx_database_id_DOI      10.1002/anie.202518174 
_citation.pdbx_database_id_PubMed   41165523 
_citation.pdbx_database_id_patent   ? 
_citation.unpublished_flag          ? 
# 
loop_
_citation_author.citation_id 
_citation_author.name 
_citation_author.ordinal 
_citation_author.identifier_ORCID 
primary 'Li, X.'    1 ?                   
primary 'Siraj, N.' 2 ?                   
primary 'Sha, R.'   3 ?                   
primary 'Mao, C.'   4 0000-0001-7516-8666 
# 
loop_
_entity.id 
_entity.type 
_entity.src_method 
_entity.pdbx_description 
_entity.formula_weight 
_entity.pdbx_number_of_molecules 
_entity.pdbx_ec 
_entity.pdbx_mutation 
_entity.pdbx_fragment 
_entity.details 
1 polymer syn 
;DNA (5'-D(*CP*AP*GP*CP*AP*GP*CP*CP*TP*GP*AP*AP*TP*AP*CP*T)-3')
;
4867.181  1 ? ? ? ? 
2 polymer syn 
;DNA (5'-D(P*GP*GP*CP*TP*GP*C)-3')
;
1825.216  1 ? ? ? ? 
3 polymer syn 'DNA (48-MER)'                                                   14780.413 1 ? ? ? ? 
4 polymer syn 
;DNA (5'-D(*TP*GP*CP*GP*CP*TP*GP*T)-3')
;
2433.602  1 ? ? ? ? 
# 
loop_
_entity_poly.entity_id 
_entity_poly.type 
_entity_poly.nstd_linkage 
_entity_poly.nstd_monomer 
_entity_poly.pdbx_seq_one_letter_code 
_entity_poly.pdbx_seq_one_letter_code_can 
_entity_poly.pdbx_strand_id 
_entity_poly.pdbx_target_identifier 
1 polydeoxyribonucleotide no no '(DC)(DA)(DG)(DC)(DA)(DG)(DC)(DC)(DT)(DG)(DA)(DA)(DT)(DA)(DC)(DT)' CAGCAGCCTGAATACT A ? 
2 polydeoxyribonucleotide no no '(DG)(DG)(DC)(DT)(DG)(DC)' GGCTGC                                           B ? 
3 polydeoxyribonucleotide no no 
;(DC)(DT)(DG)(DC)(DG)(DA)(DG)(DT)(DA)(DT)(DT)(DC)(DA)(DC)(DC)(DG)(DG)(DC)(DC)(DG)
(DC)(DG)(DG)(DT)(DT)(DT)(DT)(DC)(DC)(DG)(DC)(DG)(DG)(DC)(DG)(DC)(DA)(DG)(DC)(DC)
(DG)(DG)(DA)(DC)(DA)(DG)(DC)(DG)
;
CTGCGAGTATTCACCGGCCGCGGTTTTCCGCGGCGCAGCCGGACAGCG C ? 
4 polydeoxyribonucleotide no no '(DT)(DG)(DC)(DG)(DC)(DT)(DG)(DT)' TGCGCTGT                                         E ? 
# 
loop_
_entity_poly_seq.entity_id 
_entity_poly_seq.num 
_entity_poly_seq.mon_id 
_entity_poly_seq.hetero 
1 1  DC n 
1 2  DA n 
1 3  DG n 
1 4  DC n 
1 5  DA n 
1 6  DG n 
1 7  DC n 
1 8  DC n 
1 9  DT n 
1 10 DG n 
1 11 DA n 
1 12 DA n 
1 13 DT n 
1 14 DA n 
1 15 DC n 
1 16 DT n 
2 1  DG n 
2 2  DG n 
2 3  DC n 
2 4  DT n 
2 5  DG n 
2 6  DC n 
3 1  DC n 
3 2  DT n 
3 3  DG n 
3 4  DC n 
3 5  DG n 
3 6  DA n 
3 7  DG n 
3 8  DT n 
3 9  DA n 
3 10 DT n 
3 11 DT n 
3 12 DC n 
3 13 DA n 
3 14 DC n 
3 15 DC n 
3 16 DG n 
3 17 DG n 
3 18 DC n 
3 19 DC n 
3 20 DG n 
3 21 DC n 
3 22 DG n 
3 23 DG n 
3 24 DT n 
3 25 DT n 
3 26 DT n 
3 27 DT n 
3 28 DC n 
3 29 DC n 
3 30 DG n 
3 31 DC n 
3 32 DG n 
3 33 DG n 
3 34 DC n 
3 35 DG n 
3 36 DC n 
3 37 DA n 
3 38 DG n 
3 39 DC n 
3 40 DC n 
3 41 DG n 
3 42 DG n 
3 43 DA n 
3 44 DC n 
3 45 DA n 
3 46 DG n 
3 47 DC n 
3 48 DG n 
4 1  DT n 
4 2  DG n 
4 3  DC n 
4 4  DG n 
4 5  DC n 
4 6  DT n 
4 7  DG n 
4 8  DT n 
# 
loop_
_pdbx_entity_src_syn.entity_id 
_pdbx_entity_src_syn.pdbx_src_id 
_pdbx_entity_src_syn.pdbx_alt_source_flag 
_pdbx_entity_src_syn.pdbx_beg_seq_num 
_pdbx_entity_src_syn.pdbx_end_seq_num 
_pdbx_entity_src_syn.organism_scientific 
_pdbx_entity_src_syn.organism_common_name 
_pdbx_entity_src_syn.ncbi_taxonomy_id 
_pdbx_entity_src_syn.details 
1 1 sample 1 16 'synthetic construct' ? 32630 ? 
2 1 sample 1 6  'synthetic construct' ? 32630 ? 
3 1 sample 1 48 'synthetic construct' ? 32630 ? 
4 1 sample 1 8  'synthetic construct' ? 32630 ? 
# 
loop_
_chem_comp.id 
_chem_comp.type 
_chem_comp.mon_nstd_flag 
_chem_comp.name 
_chem_comp.pdbx_synonyms 
_chem_comp.formula 
_chem_comp.formula_weight 
DA 'DNA linking' y "2'-DEOXYADENOSINE-5'-MONOPHOSPHATE" ? 'C10 H14 N5 O6 P' 331.222 
DC 'DNA linking' y "2'-DEOXYCYTIDINE-5'-MONOPHOSPHATE"  ? 'C9 H14 N3 O7 P'  307.197 
DG 'DNA linking' y "2'-DEOXYGUANOSINE-5'-MONOPHOSPHATE" ? 'C10 H14 N5 O7 P' 347.221 
DT 'DNA linking' y "THYMIDINE-5'-MONOPHOSPHATE"         ? 'C10 H15 N2 O8 P' 322.208 
# 
loop_
_pdbx_poly_seq_scheme.asym_id 
_pdbx_poly_seq_scheme.entity_id 
_pdbx_poly_seq_scheme.seq_id 
_pdbx_poly_seq_scheme.mon_id 
_pdbx_poly_seq_scheme.ndb_seq_num 
_pdbx_poly_seq_scheme.pdb_seq_num 
_pdbx_poly_seq_scheme.auth_seq_num 
_pdbx_poly_seq_scheme.pdb_mon_id 
_pdbx_poly_seq_scheme.auth_mon_id 
_pdbx_poly_seq_scheme.pdb_strand_id 
_pdbx_poly_seq_scheme.pdb_ins_code 
_pdbx_poly_seq_scheme.hetero 
A 1 1  DC 1  1  1  DC DC A . n 
A 1 2  DA 2  2  2  DA DA A . n 
A 1 3  DG 3  3  3  DG DG A . n 
A 1 4  DC 4  4  4  DC DC A . n 
A 1 5  DA 5  5  5  DA DA A . n 
A 1 6  DG 6  6  6  DG DG A . n 
A 1 7  DC 7  7  7  DC DC A . n 
A 1 8  DC 8  8  8  DC DC A . n 
A 1 9  DT 9  9  9  DT DT A . n 
A 1 10 DG 10 10 10 DG DG A . n 
A 1 11 DA 11 11 11 DA DA A . n 
A 1 12 DA 12 12 12 DA DA A . n 
A 1 13 DT 13 13 13 DT DT A . n 
A 1 14 DA 14 14 14 DA DA A . n 
A 1 15 DC 15 15 15 DC DC A . n 
A 1 16 DT 16 16 16 DT DT A . n 
B 2 1  DG 1  9  9  DG DG B . n 
B 2 2  DG 2  10 10 DG DG B . n 
B 2 3  DC 3  11 11 DC DC B . n 
B 2 4  DT 4  12 12 DT DT B . n 
B 2 5  DG 5  13 13 DG DG B . n 
B 2 6  DC 6  14 14 DC DC B . n 
C 3 1  DC 1  1  1  DC DC C . n 
C 3 2  DT 2  2  2  DT DT C . n 
C 3 3  DG 3  3  3  DG DG C . n 
C 3 4  DC 4  4  4  DC DC C . n 
C 3 5  DG 5  5  5  DG DG C . n 
C 3 6  DA 6  6  6  DA DA C . n 
C 3 7  DG 7  7  7  DG DG C . n 
C 3 8  DT 8  8  8  DT DT C . n 
C 3 9  DA 9  9  9  DA DA C . n 
C 3 10 DT 10 10 10 DT DT C . n 
C 3 11 DT 11 11 11 DT DT C . n 
C 3 12 DC 12 12 12 DC DC C . n 
C 3 13 DA 13 13 13 DA DA C . n 
C 3 14 DC 14 14 14 DC DC C . n 
C 3 15 DC 15 15 15 DC DC C . n 
C 3 16 DG 16 16 16 DG DG C . n 
C 3 17 DG 17 17 17 DG DG C . n 
C 3 18 DC 18 18 18 DC DC C . n 
C 3 19 DC 19 19 19 DC DC C . n 
C 3 20 DG 20 20 20 DG DG C . n 
C 3 21 DC 21 21 21 DC DC C . n 
C 3 22 DG 22 22 22 DG DG C . n 
C 3 23 DG 23 23 23 DG DG C . n 
C 3 24 DT 24 24 ?  ?  ?  C . n 
C 3 25 DT 25 25 ?  ?  ?  C . n 
C 3 26 DT 26 26 ?  ?  ?  C . n 
C 3 27 DT 27 27 ?  ?  ?  C . n 
C 3 28 DC 28 28 28 DC DC C . n 
C 3 29 DC 29 29 29 DC DC C . n 
C 3 30 DG 30 30 30 DG DG C . n 
C 3 31 DC 31 31 31 DC DC C . n 
C 3 32 DG 32 32 32 DG DG C . n 
C 3 33 DG 33 33 33 DG DG C . n 
C 3 34 DC 34 34 34 DC DC C . n 
C 3 35 DG 35 35 35 DG DG C . n 
C 3 36 DC 36 36 36 DC DC C . n 
C 3 37 DA 37 37 37 DA DA C . n 
C 3 38 DG 38 38 38 DG DG C . n 
C 3 39 DC 39 39 39 DC DC C . n 
C 3 40 DC 40 40 40 DC DC C . n 
C 3 41 DG 41 41 41 DG DG C . n 
C 3 42 DG 42 42 42 DG DG C . n 
C 3 43 DA 43 43 43 DA DA C . n 
C 3 44 DC 44 44 44 DC DC C . n 
C 3 45 DA 45 45 45 DA DA C . n 
C 3 46 DG 46 46 46 DG DG C . n 
C 3 47 DC 47 47 47 DC DC C . n 
C 3 48 DG 48 48 48 DG DG C . n 
D 4 1  DT 1  1  1  DT DT E . n 
D 4 2  DG 2  2  2  DG DG E . n 
D 4 3  DC 3  3  3  DC DC E . n 
D 4 4  DG 4  4  4  DG DG E . n 
D 4 5  DC 5  5  5  DC DC E . n 
D 4 6  DT 6  6  6  DT DT E . n 
D 4 7  DG 7  7  7  DG DG E . n 
D 4 8  DT 8  8  8  DT DT E . n 
# 
loop_
_software.citation_id 
_software.classification 
_software.compiler_name 
_software.compiler_version 
_software.contact_author 
_software.contact_author_email 
_software.date 
_software.description 
_software.dependencies 
_software.hardware 
_software.language 
_software.location 
_software.mods 
_software.name 
_software.os 
_software.os_version 
_software.type 
_software.version 
_software.pdbx_ordinal 
? refinement       ? ? ? ? ? ? ? ? ? ? ? PHENIX   ? ? ? 1.20.1_4487 1 
? 'data reduction' ? ? ? ? ? ? ? ? ? ? ? HKL-2000 ? ? ? .           2 
? 'data scaling'   ? ? ? ? ? ? ? ? ? ? ? HKL-2000 ? ? ? .           3 
? phasing          ? ? ? ? ? ? ? ? ? ? ? PHASER   ? ? ? .           4 
# 
_cell.angle_alpha                  90.000 
_cell.angle_alpha_esd              ? 
_cell.angle_beta                   90.000 
_cell.angle_beta_esd               ? 
_cell.angle_gamma                  120.000 
_cell.angle_gamma_esd              ? 
_cell.entry_id                     9DGL 
_cell.details                      ? 
_cell.formula_units_Z              ? 
_cell.length_a                     167.191 
_cell.length_a_esd                 ? 
_cell.length_b                     167.191 
_cell.length_b_esd                 ? 
_cell.length_c                     79.213 
_cell.length_c_esd                 ? 
_cell.volume                       1917577.317 
_cell.volume_esd                   ? 
_cell.Z_PDB                        9 
_cell.reciprocal_angle_alpha       ? 
_cell.reciprocal_angle_beta        ? 
_cell.reciprocal_angle_gamma       ? 
_cell.reciprocal_angle_alpha_esd   ? 
_cell.reciprocal_angle_beta_esd    ? 
_cell.reciprocal_angle_gamma_esd   ? 
_cell.reciprocal_length_a          ? 
_cell.reciprocal_length_b          ? 
_cell.reciprocal_length_c          ? 
_cell.reciprocal_length_a_esd      ? 
_cell.reciprocal_length_b_esd      ? 
_cell.reciprocal_length_c_esd      ? 
_cell.pdbx_unique_axis             ? 
_cell.pdbx_esd_method              ? 
# 
_symmetry.entry_id                         9DGL 
_symmetry.cell_setting                     ? 
_symmetry.Int_Tables_number                146 
_symmetry.space_group_name_Hall            'R 3' 
_symmetry.space_group_name_H-M             'H 3' 
_symmetry.pdbx_full_space_group_name_H-M   ? 
# 
_exptl.absorpt_coefficient_mu     ? 
_exptl.absorpt_correction_T_max   ? 
_exptl.absorpt_correction_T_min   ? 
_exptl.absorpt_correction_type    ? 
_exptl.absorpt_process_details    ? 
_exptl.entry_id                   9DGL 
_exptl.crystals_number            1 
_exptl.details                    ? 
_exptl.method                     'X-RAY DIFFRACTION' 
_exptl.method_details             ? 
# 
_exptl_crystal.colour                       ? 
_exptl_crystal.density_diffrn               ? 
_exptl_crystal.density_Matthews             ? 
_exptl_crystal.density_method               ? 
_exptl_crystal.density_percent_sol          ? 
_exptl_crystal.description                  ? 
_exptl_crystal.F_000                        ? 
_exptl_crystal.id                           1 
_exptl_crystal.preparation                  ? 
_exptl_crystal.size_max                     ? 
_exptl_crystal.size_mid                     ? 
_exptl_crystal.size_min                     ? 
_exptl_crystal.size_rad                     ? 
_exptl_crystal.colour_lustre                ? 
_exptl_crystal.colour_modifier              ? 
_exptl_crystal.colour_primary               ? 
_exptl_crystal.density_meas                 ? 
_exptl_crystal.density_meas_esd             ? 
_exptl_crystal.density_meas_gt              ? 
_exptl_crystal.density_meas_lt              ? 
_exptl_crystal.density_meas_temp            ? 
_exptl_crystal.density_meas_temp_esd        ? 
_exptl_crystal.density_meas_temp_gt         ? 
_exptl_crystal.density_meas_temp_lt         ? 
_exptl_crystal.pdbx_crystal_image_url       ? 
_exptl_crystal.pdbx_crystal_image_format    ? 
_exptl_crystal.pdbx_mosaicity               ? 
_exptl_crystal.pdbx_mosaicity_esd           ? 
_exptl_crystal.pdbx_mosaic_method           ? 
_exptl_crystal.pdbx_mosaic_block_size       ? 
_exptl_crystal.pdbx_mosaic_block_size_esd   ? 
# 
_exptl_crystal_grow.apparatus       ? 
_exptl_crystal_grow.atmosphere      ? 
_exptl_crystal_grow.crystal_id      1 
_exptl_crystal_grow.details         ? 
_exptl_crystal_grow.method          'VAPOR DIFFUSION, HANGING DROP' 
_exptl_crystal_grow.method_ref      ? 
_exptl_crystal_grow.pH              ? 
_exptl_crystal_grow.pressure        ? 
_exptl_crystal_grow.pressure_esd    ? 
_exptl_crystal_grow.seeding         ? 
_exptl_crystal_grow.seeding_ref     ? 
_exptl_crystal_grow.temp_details    ? 
_exptl_crystal_grow.temp_esd        ? 
_exptl_crystal_grow.time            ? 
_exptl_crystal_grow.pdbx_details    
;DNA strands mixed with TAE/Mg2+ and 0.001 M Magnesium chloride hexahydrate, 0.005 M Tris hydrochloride, pH=7.5, 0.16 M Ammonium sulfate, 0.23 M sucrose and crystallized against (NH4)2SO4
;
_exptl_crystal_grow.pdbx_pH_range   ? 
_exptl_crystal_grow.temp            298 
# 
_diffrn.ambient_environment              ? 
_diffrn.ambient_temp                     100 
_diffrn.ambient_temp_details             ? 
_diffrn.ambient_temp_esd                 ? 
_diffrn.crystal_id                       1 
_diffrn.crystal_support                  ? 
_diffrn.crystal_treatment                ? 
_diffrn.details                          ? 
_diffrn.id                               1 
_diffrn.ambient_pressure                 ? 
_diffrn.ambient_pressure_esd             ? 
_diffrn.ambient_pressure_gt              ? 
_diffrn.ambient_pressure_lt              ? 
_diffrn.ambient_temp_gt                  ? 
_diffrn.ambient_temp_lt                  ? 
_diffrn.pdbx_serial_crystal_experiment   N 
# 
_diffrn_detector.details                      ? 
_diffrn_detector.detector                     'IMAGE PLATE' 
_diffrn_detector.diffrn_id                    1 
_diffrn_detector.type                         'RIGAKU RAXIS IV++' 
_diffrn_detector.area_resol_mean              ? 
_diffrn_detector.dtime                        ? 
_diffrn_detector.pdbx_frames_total            ? 
_diffrn_detector.pdbx_collection_time_total   ? 
_diffrn_detector.pdbx_collection_date         2016-08-18 
_diffrn_detector.pdbx_frequency               ? 
_diffrn_detector.id                           ? 
_diffrn_detector.number_of_axes               ? 
# 
_diffrn_radiation.collimation                      ? 
_diffrn_radiation.diffrn_id                        1 
_diffrn_radiation.filter_edge                      ? 
_diffrn_radiation.inhomogeneity                    ? 
_diffrn_radiation.monochromator                    ? 
_diffrn_radiation.polarisn_norm                    ? 
_diffrn_radiation.polarisn_ratio                   ? 
_diffrn_radiation.probe                            ? 
_diffrn_radiation.type                             ? 
_diffrn_radiation.xray_symbol                      ? 
_diffrn_radiation.wavelength_id                    1 
_diffrn_radiation.pdbx_monochromatic_or_laue_m_l   M 
_diffrn_radiation.pdbx_wavelength_list             ? 
_diffrn_radiation.pdbx_wavelength                  ? 
_diffrn_radiation.pdbx_diffrn_protocol             'SINGLE WAVELENGTH' 
_diffrn_radiation.pdbx_analyzer                    ? 
_diffrn_radiation.pdbx_scattering_type             x-ray 
# 
_diffrn_radiation_wavelength.id           1 
_diffrn_radiation_wavelength.wavelength   1.54 
_diffrn_radiation_wavelength.wt           1.0 
# 
_diffrn_source.current                     ? 
_diffrn_source.details                     ? 
_diffrn_source.diffrn_id                   1 
_diffrn_source.power                       ? 
_diffrn_source.size                        ? 
_diffrn_source.source                      'ROTATING ANODE' 
_diffrn_source.target                      ? 
_diffrn_source.type                        'RIGAKU R-AXIS IV' 
_diffrn_source.voltage                     ? 
_diffrn_source.take-off_angle              ? 
_diffrn_source.pdbx_wavelength_list        1.54 
_diffrn_source.pdbx_wavelength             ? 
_diffrn_source.pdbx_synchrotron_beamline   ? 
_diffrn_source.pdbx_synchrotron_site       ? 
# 
_reflns.B_iso_Wilson_estimate                          242.45 
_reflns.entry_id                                       9DGL 
_reflns.data_reduction_details                         ? 
_reflns.data_reduction_method                          ? 
_reflns.d_resolution_high                              6.1 
_reflns.d_resolution_low                               50 
_reflns.details                                        ? 
_reflns.limit_h_max                                    ? 
_reflns.limit_h_min                                    ? 
_reflns.limit_k_max                                    ? 
_reflns.limit_k_min                                    ? 
_reflns.limit_l_max                                    ? 
_reflns.limit_l_min                                    ? 
_reflns.number_all                                     ? 
_reflns.number_obs                                     1953 
_reflns.observed_criterion                             ? 
_reflns.observed_criterion_F_max                       ? 
_reflns.observed_criterion_F_min                       ? 
_reflns.observed_criterion_I_max                       ? 
_reflns.observed_criterion_I_min                       ? 
_reflns.observed_criterion_sigma_F                     ? 
_reflns.observed_criterion_sigma_I                     ? 
_reflns.percent_possible_obs                           99.64 
_reflns.R_free_details                                 ? 
_reflns.Rmerge_F_all                                   ? 
_reflns.Rmerge_F_obs                                   ? 
_reflns.Friedel_coverage                               ? 
_reflns.number_gt                                      ? 
_reflns.threshold_expression                           ? 
_reflns.pdbx_redundancy                                6.7 
_reflns.pdbx_netI_over_av_sigmaI                       ? 
_reflns.pdbx_netI_over_sigmaI                          20 
_reflns.pdbx_res_netI_over_av_sigmaI_2                 ? 
_reflns.pdbx_res_netI_over_sigmaI_2                    ? 
_reflns.pdbx_chi_squared                               ? 
_reflns.pdbx_scaling_rejects                           ? 
_reflns.pdbx_d_res_high_opt                            ? 
_reflns.pdbx_d_res_low_opt                             ? 
_reflns.pdbx_d_res_opt_method                          ? 
_reflns.phase_calculation_details                      ? 
_reflns.pdbx_Rrim_I_all                                ? 
_reflns.pdbx_Rpim_I_all                                0.029 
_reflns.pdbx_d_opt                                     ? 
_reflns.pdbx_number_measured_all                       ? 
_reflns.pdbx_diffrn_id                                 1 
_reflns.pdbx_ordinal                                   1 
_reflns.pdbx_CC_half                                   ? 
_reflns.pdbx_CC_star                                   ? 
_reflns.pdbx_R_split                                   ? 
_reflns.pdbx_Rmerge_I_obs                              ? 
_reflns.pdbx_Rmerge_I_all                              ? 
_reflns.pdbx_Rsym_value                                ? 
_reflns.pdbx_CC_split_method                           ? 
_reflns.pdbx_aniso_diffraction_limit_axis_1_ortho[1]   ? 
_reflns.pdbx_aniso_diffraction_limit_axis_1_ortho[2]   ? 
_reflns.pdbx_aniso_diffraction_limit_axis_1_ortho[3]   ? 
_reflns.pdbx_aniso_diffraction_limit_axis_2_ortho[1]   ? 
_reflns.pdbx_aniso_diffraction_limit_axis_2_ortho[2]   ? 
_reflns.pdbx_aniso_diffraction_limit_axis_2_ortho[3]   ? 
_reflns.pdbx_aniso_diffraction_limit_axis_3_ortho[1]   ? 
_reflns.pdbx_aniso_diffraction_limit_axis_3_ortho[2]   ? 
_reflns.pdbx_aniso_diffraction_limit_axis_3_ortho[3]   ? 
_reflns.pdbx_aniso_diffraction_limit_1                 ? 
_reflns.pdbx_aniso_diffraction_limit_2                 ? 
_reflns.pdbx_aniso_diffraction_limit_3                 ? 
_reflns.pdbx_aniso_B_tensor_eigenvector_1_ortho[1]     ? 
_reflns.pdbx_aniso_B_tensor_eigenvector_1_ortho[2]     ? 
_reflns.pdbx_aniso_B_tensor_eigenvector_1_ortho[3]     ? 
_reflns.pdbx_aniso_B_tensor_eigenvector_2_ortho[1]     ? 
_reflns.pdbx_aniso_B_tensor_eigenvector_2_ortho[2]     ? 
_reflns.pdbx_aniso_B_tensor_eigenvector_2_ortho[3]     ? 
_reflns.pdbx_aniso_B_tensor_eigenvector_3_ortho[1]     ? 
_reflns.pdbx_aniso_B_tensor_eigenvector_3_ortho[2]     ? 
_reflns.pdbx_aniso_B_tensor_eigenvector_3_ortho[3]     ? 
_reflns.pdbx_aniso_B_tensor_eigenvalue_1               ? 
_reflns.pdbx_aniso_B_tensor_eigenvalue_2               ? 
_reflns.pdbx_aniso_B_tensor_eigenvalue_3               ? 
_reflns.pdbx_orthogonalization_convention              ? 
_reflns.pdbx_percent_possible_ellipsoidal              ? 
_reflns.pdbx_percent_possible_spherical                ? 
_reflns.pdbx_percent_possible_ellipsoidal_anomalous    ? 
_reflns.pdbx_percent_possible_spherical_anomalous      ? 
_reflns.pdbx_redundancy_anomalous                      ? 
_reflns.pdbx_CC_half_anomalous                         ? 
_reflns.pdbx_absDiff_over_sigma_anomalous              ? 
_reflns.pdbx_percent_possible_anomalous                ? 
_reflns.pdbx_observed_signal_threshold                 ? 
_reflns.pdbx_signal_type                               ? 
_reflns.pdbx_signal_details                            ? 
_reflns.pdbx_signal_software_id                        ? 
# 
_reflns_shell.d_res_high                                    6.10 
_reflns_shell.d_res_low                                     6.32 
_reflns_shell.meanI_over_sigI_all                           ? 
_reflns_shell.meanI_over_sigI_obs                           ? 
_reflns_shell.number_measured_all                           ? 
_reflns_shell.number_measured_obs                           ? 
_reflns_shell.number_possible                               ? 
_reflns_shell.number_unique_all                             ? 
_reflns_shell.number_unique_obs                             190 
_reflns_shell.percent_possible_obs                          ? 
_reflns_shell.Rmerge_F_all                                  ? 
_reflns_shell.Rmerge_F_obs                                  ? 
_reflns_shell.meanI_over_sigI_gt                            ? 
_reflns_shell.meanI_over_uI_all                             ? 
_reflns_shell.meanI_over_uI_gt                              ? 
_reflns_shell.number_measured_gt                            ? 
_reflns_shell.number_unique_gt                              ? 
_reflns_shell.percent_possible_gt                           ? 
_reflns_shell.Rmerge_F_gt                                   ? 
_reflns_shell.Rmerge_I_gt                                   ? 
_reflns_shell.pdbx_redundancy                               ? 
_reflns_shell.pdbx_chi_squared                              ? 
_reflns_shell.pdbx_netI_over_sigmaI_all                     ? 
_reflns_shell.pdbx_netI_over_sigmaI_obs                     ? 
_reflns_shell.pdbx_Rrim_I_all                               ? 
_reflns_shell.pdbx_Rpim_I_all                               ? 
_reflns_shell.pdbx_rejects                                  ? 
_reflns_shell.pdbx_ordinal                                  1 
_reflns_shell.pdbx_diffrn_id                                1 
_reflns_shell.pdbx_CC_half                                  0.785 
_reflns_shell.pdbx_CC_star                                  ? 
_reflns_shell.pdbx_R_split                                  ? 
_reflns_shell.percent_possible_all                          ? 
_reflns_shell.Rmerge_I_all                                  ? 
_reflns_shell.Rmerge_I_obs                                  ? 
_reflns_shell.pdbx_Rsym_value                               ? 
_reflns_shell.pdbx_percent_possible_ellipsoidal             ? 
_reflns_shell.pdbx_percent_possible_spherical               ? 
_reflns_shell.pdbx_percent_possible_ellipsoidal_anomalous   ? 
_reflns_shell.pdbx_percent_possible_spherical_anomalous     ? 
_reflns_shell.pdbx_redundancy_anomalous                     ? 
_reflns_shell.pdbx_CC_half_anomalous                        ? 
_reflns_shell.pdbx_absDiff_over_sigma_anomalous             ? 
_reflns_shell.pdbx_percent_possible_anomalous               ? 
# 
_refine.aniso_B[1][1]                            ? 
_refine.aniso_B[1][2]                            ? 
_refine.aniso_B[1][3]                            ? 
_refine.aniso_B[2][2]                            ? 
_refine.aniso_B[2][3]                            ? 
_refine.aniso_B[3][3]                            ? 
_refine.B_iso_max                                ? 
_refine.B_iso_mean                               310.90 
_refine.B_iso_min                                ? 
_refine.correlation_coeff_Fo_to_Fc               ? 
_refine.correlation_coeff_Fo_to_Fc_free          ? 
_refine.details                                  ? 
_refine.diff_density_max                         ? 
_refine.diff_density_max_esd                     ? 
_refine.diff_density_min                         ? 
_refine.diff_density_min_esd                     ? 
_refine.diff_density_rms                         ? 
_refine.diff_density_rms_esd                     ? 
_refine.entry_id                                 9DGL 
_refine.pdbx_refine_id                           'X-RAY DIFFRACTION' 
_refine.ls_abs_structure_details                 ? 
_refine.ls_abs_structure_Flack                   ? 
_refine.ls_abs_structure_Flack_esd               ? 
_refine.ls_abs_structure_Rogers                  ? 
_refine.ls_abs_structure_Rogers_esd              ? 
_refine.ls_d_res_high                            6.11 
_refine.ls_d_res_low                             38.20 
_refine.ls_extinction_coef                       ? 
_refine.ls_extinction_coef_esd                   ? 
_refine.ls_extinction_expression                 ? 
_refine.ls_extinction_method                     ? 
_refine.ls_goodness_of_fit_all                   ? 
_refine.ls_goodness_of_fit_all_esd               ? 
_refine.ls_goodness_of_fit_obs                   ? 
_refine.ls_goodness_of_fit_obs_esd               ? 
_refine.ls_hydrogen_treatment                    ? 
_refine.ls_matrix_type                           ? 
_refine.ls_number_constraints                    ? 
_refine.ls_number_parameters                     ? 
_refine.ls_number_reflns_all                     ? 
_refine.ls_number_reflns_obs                     1938 
_refine.ls_number_reflns_R_free                  190 
_refine.ls_number_reflns_R_work                  1748 
_refine.ls_number_restraints                     ? 
_refine.ls_percent_reflns_obs                    99.28 
_refine.ls_percent_reflns_R_free                 9.80 
_refine.ls_R_factor_all                          ? 
_refine.ls_R_factor_obs                          0.2062 
_refine.ls_R_factor_R_free                       0.2710 
_refine.ls_R_factor_R_free_error                 ? 
_refine.ls_R_factor_R_free_error_details         ? 
_refine.ls_R_factor_R_work                       0.1997 
_refine.ls_R_Fsqd_factor_obs                     ? 
_refine.ls_R_I_factor_obs                        ? 
_refine.ls_redundancy_reflns_all                 ? 
_refine.ls_redundancy_reflns_obs                 ? 
_refine.ls_restrained_S_all                      ? 
_refine.ls_restrained_S_obs                      ? 
_refine.ls_shift_over_esd_max                    ? 
_refine.ls_shift_over_esd_mean                   ? 
_refine.ls_structure_factor_coef                 ? 
_refine.ls_weighting_details                     ? 
_refine.ls_weighting_scheme                      ? 
_refine.ls_wR_factor_all                         ? 
_refine.ls_wR_factor_obs                         ? 
_refine.ls_wR_factor_R_free                      ? 
_refine.ls_wR_factor_R_work                      ? 
_refine.occupancy_max                            ? 
_refine.occupancy_min                            ? 
_refine.solvent_model_details                    'FLAT BULK SOLVENT MODEL' 
_refine.solvent_model_param_bsol                 ? 
_refine.solvent_model_param_ksol                 ? 
_refine.pdbx_R_complete                          ? 
_refine.ls_R_factor_gt                           ? 
_refine.ls_goodness_of_fit_gt                    ? 
_refine.ls_goodness_of_fit_ref                   ? 
_refine.ls_shift_over_su_max                     ? 
_refine.ls_shift_over_su_max_lt                  ? 
_refine.ls_shift_over_su_mean                    ? 
_refine.ls_shift_over_su_mean_lt                 ? 
_refine.pdbx_ls_sigma_I                          ? 
_refine.pdbx_ls_sigma_F                          1.98 
_refine.pdbx_ls_sigma_Fsqd                       ? 
_refine.pdbx_data_cutoff_high_absF               ? 
_refine.pdbx_data_cutoff_high_rms_absF           ? 
_refine.pdbx_data_cutoff_low_absF                ? 
_refine.pdbx_isotropic_thermal_model             ? 
_refine.pdbx_ls_cross_valid_method               'FREE R-VALUE' 
_refine.pdbx_method_to_determine_struct          'MOLECULAR REPLACEMENT' 
_refine.pdbx_starting_model                      ? 
_refine.pdbx_stereochemistry_target_values       'GeoStd + Monomer Library + CDL v1.2' 
_refine.pdbx_R_Free_selection_details            ? 
_refine.pdbx_stereochem_target_val_spec_case     ? 
_refine.pdbx_overall_ESU_R                       ? 
_refine.pdbx_overall_ESU_R_Free                  ? 
_refine.pdbx_solvent_vdw_probe_radii             1.1000 
_refine.pdbx_solvent_ion_probe_radii             ? 
_refine.pdbx_solvent_shrinkage_radii             0.9000 
_refine.pdbx_real_space_R                        ? 
_refine.pdbx_density_correlation                 ? 
_refine.pdbx_pd_number_of_powder_patterns        ? 
_refine.pdbx_pd_number_of_points                 ? 
_refine.pdbx_pd_meas_number_of_points            ? 
_refine.pdbx_pd_proc_ls_prof_R_factor            ? 
_refine.pdbx_pd_proc_ls_prof_wR_factor           ? 
_refine.pdbx_pd_Marquardt_correlation_coeff      ? 
_refine.pdbx_pd_Fsqrd_R_factor                   ? 
_refine.pdbx_pd_ls_matrix_band_width             ? 
_refine.pdbx_overall_phase_error                 27.1101 
_refine.pdbx_overall_SU_R_free_Cruickshank_DPI   ? 
_refine.pdbx_overall_SU_R_free_Blow_DPI          ? 
_refine.pdbx_overall_SU_R_Blow_DPI               ? 
_refine.pdbx_TLS_residual_ADP_flag               ? 
_refine.pdbx_diffrn_id                           1 
_refine.overall_SU_B                             ? 
_refine.overall_SU_ML                            0.4231 
_refine.overall_SU_R_Cruickshank_DPI             ? 
_refine.overall_SU_R_free                        ? 
_refine.overall_FOM_free_R_set                   ? 
_refine.overall_FOM_work_R_set                   ? 
_refine.pdbx_average_fsc_overall                 ? 
_refine.pdbx_average_fsc_work                    ? 
_refine.pdbx_average_fsc_free                    ? 
# 
_refine_hist.pdbx_refine_id                   'X-RAY DIFFRACTION' 
_refine_hist.cycle_id                         LAST 
_refine_hist.details                          ? 
_refine_hist.d_res_high                       6.11 
_refine_hist.d_res_low                        38.20 
_refine_hist.number_atoms_solvent             0 
_refine_hist.number_atoms_total               1511 
_refine_hist.number_reflns_all                ? 
_refine_hist.number_reflns_obs                ? 
_refine_hist.number_reflns_R_free             ? 
_refine_hist.number_reflns_R_work             ? 
_refine_hist.R_factor_all                     ? 
_refine_hist.R_factor_obs                     ? 
_refine_hist.R_factor_R_free                  ? 
_refine_hist.R_factor_R_work                  ? 
_refine_hist.pdbx_number_residues_total       ? 
_refine_hist.pdbx_B_iso_mean_ligand           ? 
_refine_hist.pdbx_B_iso_mean_solvent          ? 
_refine_hist.pdbx_number_atoms_protein        0 
_refine_hist.pdbx_number_atoms_nucleic_acid   1511 
_refine_hist.pdbx_number_atoms_ligand         0 
_refine_hist.pdbx_number_atoms_lipid          ? 
_refine_hist.pdbx_number_atoms_carb           ? 
_refine_hist.pdbx_pseudo_atom_details         ? 
# 
loop_
_refine_ls_restr.pdbx_refine_id 
_refine_ls_restr.criterion 
_refine_ls_restr.dev_ideal 
_refine_ls_restr.dev_ideal_target 
_refine_ls_restr.number 
_refine_ls_restr.rejects 
_refine_ls_restr.type 
_refine_ls_restr.weight 
_refine_ls_restr.pdbx_restraint_function 
'X-RAY DIFFRACTION' ? 0.0160  ? 1691 ? f_bond_d           ? ? 
'X-RAY DIFFRACTION' ? 1.4916  ? 2599 ? f_angle_d          ? ? 
'X-RAY DIFFRACTION' ? 0.0996  ? 294  ? f_chiral_restr     ? ? 
'X-RAY DIFFRACTION' ? 0.0083  ? 74   ? f_plane_restr      ? ? 
'X-RAY DIFFRACTION' ? 36.3272 ? 723  ? f_dihedral_angle_d ? ? 
# 
_refine_ls_shell.pdbx_refine_id                   'X-RAY DIFFRACTION' 
_refine_ls_shell.d_res_high                       6.11 
_refine_ls_shell.d_res_low                        38.20 
_refine_ls_shell.number_reflns_all                ? 
_refine_ls_shell.number_reflns_obs                ? 
_refine_ls_shell.number_reflns_R_free             190 
_refine_ls_shell.number_reflns_R_work             1748 
_refine_ls_shell.percent_reflns_obs               99.28 
_refine_ls_shell.percent_reflns_R_free            ? 
_refine_ls_shell.R_factor_all                     ? 
_refine_ls_shell.R_factor_obs                     ? 
_refine_ls_shell.R_factor_R_free_error            ? 
_refine_ls_shell.R_factor_R_work                  0.1997 
_refine_ls_shell.redundancy_reflns_all            ? 
_refine_ls_shell.redundancy_reflns_obs            ? 
_refine_ls_shell.wR_factor_all                    ? 
_refine_ls_shell.wR_factor_obs                    ? 
_refine_ls_shell.wR_factor_R_free                 ? 
_refine_ls_shell.wR_factor_R_work                 ? 
_refine_ls_shell.pdbx_R_complete                  ? 
_refine_ls_shell.pdbx_total_number_of_bins_used   ? 
_refine_ls_shell.pdbx_phase_error                 ? 
_refine_ls_shell.pdbx_fsc_work                    ? 
_refine_ls_shell.pdbx_fsc_free                    ? 
_refine_ls_shell.R_factor_R_free                  0.2710 
# 
_struct.entry_id                     9DGL 
_struct.title                        'T-junction triangle 8-6' 
_struct.pdbx_model_details           ? 
_struct.pdbx_formula_weight          ? 
_struct.pdbx_formula_weight_method   ? 
_struct.pdbx_model_type_details      ? 
_struct.pdbx_CASP_flag               N 
# 
_struct_keywords.entry_id        9DGL 
_struct_keywords.text            'Structure of DNA tensegrity triangle with T junctions, Design T-8-6, DNA' 
_struct_keywords.pdbx_keywords   DNA 
# 
loop_
_struct_asym.id 
_struct_asym.pdbx_blank_PDB_chainid_flag 
_struct_asym.pdbx_modified 
_struct_asym.entity_id 
_struct_asym.details 
A N N 1 ? 
B N N 2 ? 
C N N 3 ? 
D N N 4 ? 
# 
loop_
_struct_ref.id 
_struct_ref.db_name 
_struct_ref.db_code 
_struct_ref.pdbx_db_accession 
_struct_ref.pdbx_db_isoform 
_struct_ref.entity_id 
_struct_ref.pdbx_seq_one_letter_code 
_struct_ref.pdbx_align_begin 
1 PDB 9DGL 9DGL ? 1 ? 1 
2 PDB 9DGL 9DGL ? 2 ? 1 
3 PDB 9DGL 9DGL ? 3 ? 1 
4 PDB 9DGL 9DGL ? 4 ? 1 
# 
loop_
_struct_ref_seq.align_id 
_struct_ref_seq.ref_id 
_struct_ref_seq.pdbx_PDB_id_code 
_struct_ref_seq.pdbx_strand_id 
_struct_ref_seq.seq_align_beg 
_struct_ref_seq.pdbx_seq_align_beg_ins_code 
_struct_ref_seq.seq_align_end 
_struct_ref_seq.pdbx_seq_align_end_ins_code 
_struct_ref_seq.pdbx_db_accession 
_struct_ref_seq.db_align_beg 
_struct_ref_seq.pdbx_db_align_beg_ins_code 
_struct_ref_seq.db_align_end 
_struct_ref_seq.pdbx_db_align_end_ins_code 
_struct_ref_seq.pdbx_auth_seq_align_beg 
_struct_ref_seq.pdbx_auth_seq_align_end 
1 1 9DGL A 1 ? 16 ? 9DGL 1 ? 16 ? 1 16 
2 2 9DGL B 1 ? 6  ? 9DGL 9 ? 14 ? 9 14 
3 3 9DGL C 1 ? 48 ? 9DGL 1 ? 48 ? 1 48 
4 4 9DGL E 1 ? 8  ? 9DGL 1 ? 8  ? 1 8  
# 
_pdbx_struct_assembly.id                   1 
_pdbx_struct_assembly.details              author_defined_assembly 
_pdbx_struct_assembly.method_details       ? 
_pdbx_struct_assembly.oligomeric_details   dodecameric 
_pdbx_struct_assembly.oligomeric_count     12 
# 
loop_
_pdbx_struct_assembly_gen.assembly_id 
_pdbx_struct_assembly_gen.oper_expression 
_pdbx_struct_assembly_gen.asym_id_list 
1 1 A,B,C,D 
1 2 A,B,C,D 
1 3 A,B,C,D 
# 
_pdbx_struct_assembly_auth_evidence.id                     1 
_pdbx_struct_assembly_auth_evidence.assembly_id            1 
_pdbx_struct_assembly_auth_evidence.experimental_support   'native gel electrophoresis' 
_pdbx_struct_assembly_auth_evidence.details                ? 
# 
loop_
_pdbx_struct_oper_list.id 
_pdbx_struct_oper_list.type 
_pdbx_struct_oper_list.name 
_pdbx_struct_oper_list.symmetry_operation 
_pdbx_struct_oper_list.matrix[1][1] 
_pdbx_struct_oper_list.matrix[1][2] 
_pdbx_struct_oper_list.matrix[1][3] 
_pdbx_struct_oper_list.vector[1] 
_pdbx_struct_oper_list.matrix[2][1] 
_pdbx_struct_oper_list.matrix[2][2] 
_pdbx_struct_oper_list.matrix[2][3] 
_pdbx_struct_oper_list.vector[2] 
_pdbx_struct_oper_list.matrix[3][1] 
_pdbx_struct_oper_list.matrix[3][2] 
_pdbx_struct_oper_list.matrix[3][3] 
_pdbx_struct_oper_list.vector[3] 
1 'identity operation'         1_555 x,y,z        1.0000000000 0.0000000000  0.0000000000  0.0000000000   0.0000000000  1.0000000000  0.0000000000  0.0000000000   0.0000000000  0.0000000000  1.0000000000  0.0000000000  
2 'crystal symmetry operation' 2_885 -y+3,x-y+3,z 0.6584940523 -0.6113847543 -0.4388556315 -1.4476924751  -0.6455278915 -0.1590769292 -0.7469861256 -4.1265061347  0.3868841227  0.7751794713  -0.4994171231 35.2572311607 
3 'crystal symmetry operation' 3_585 -x+y,-x+3,z  0.6584940523 -0.6455278915 0.3868841227  -15.3509408651 -0.6113847543 -0.1590769292 0.7751794713  -28.8722108416 -0.4388556315 -0.7469861256 -0.4994171231 13.8902941213 
# 
loop_
_struct_conn.id 
_struct_conn.conn_type_id 
_struct_conn.pdbx_leaving_atom_flag 
_struct_conn.pdbx_PDB_id 
_struct_conn.ptnr1_label_asym_id 
_struct_conn.ptnr1_label_comp_id 
_struct_conn.ptnr1_label_seq_id 
_struct_conn.ptnr1_label_atom_id 
_struct_conn.pdbx_ptnr1_label_alt_id 
_struct_conn.pdbx_ptnr1_PDB_ins_code 
_struct_conn.pdbx_ptnr1_standard_comp_id 
_struct_conn.ptnr1_symmetry 
_struct_conn.ptnr2_label_asym_id 
_struct_conn.ptnr2_label_comp_id 
_struct_conn.ptnr2_label_seq_id 
_struct_conn.ptnr2_label_atom_id 
_struct_conn.pdbx_ptnr2_label_alt_id 
_struct_conn.pdbx_ptnr2_PDB_ins_code 
_struct_conn.ptnr1_auth_asym_id 
_struct_conn.ptnr1_auth_comp_id 
_struct_conn.ptnr1_auth_seq_id 
_struct_conn.ptnr2_auth_asym_id 
_struct_conn.ptnr2_auth_comp_id 
_struct_conn.ptnr2_auth_seq_id 
_struct_conn.ptnr2_symmetry 
_struct_conn.pdbx_ptnr3_label_atom_id 
_struct_conn.pdbx_ptnr3_label_seq_id 
_struct_conn.pdbx_ptnr3_label_comp_id 
_struct_conn.pdbx_ptnr3_label_asym_id 
_struct_conn.pdbx_ptnr3_label_alt_id 
_struct_conn.pdbx_ptnr3_PDB_ins_code 
_struct_conn.details 
_struct_conn.pdbx_dist_value 
_struct_conn.pdbx_value_order 
_struct_conn.pdbx_role 
hydrog1  hydrog ? ? A DG 3  N1 ? ? ? 1_555 B DC 6  N3 ? ? A DG 3  B DC 14 1_555 ? ? ? ? ? ? WATSON-CRICK            ? ? ? 
hydrog2  hydrog ? ? A DG 3  N2 ? ? ? 1_555 B DC 6  O2 ? ? A DG 3  B DC 14 1_555 ? ? ? ? ? ? WATSON-CRICK            ? ? ? 
hydrog3  hydrog ? ? A DG 3  O6 ? ? ? 1_555 B DC 6  N4 ? ? A DG 3  B DC 14 1_555 ? ? ? ? ? ? WATSON-CRICK            ? ? ? 
hydrog4  hydrog ? ? A DC 4  N3 ? ? ? 1_555 B DG 5  N1 ? ? A DC 4  B DG 13 1_555 ? ? ? ? ? ? WATSON-CRICK            ? ? ? 
hydrog5  hydrog ? ? A DC 4  N4 ? ? ? 1_555 B DG 5  O6 ? ? A DC 4  B DG 13 1_555 ? ? ? ? ? ? WATSON-CRICK            ? ? ? 
hydrog6  hydrog ? ? A DC 4  O2 ? ? ? 1_555 B DG 5  N2 ? ? A DC 4  B DG 13 1_555 ? ? ? ? ? ? WATSON-CRICK            ? ? ? 
hydrog7  hydrog ? ? A DA 5  N1 ? ? ? 1_555 B DT 4  N3 ? ? A DA 5  B DT 12 1_555 ? ? ? ? ? ? 'DA-DT PAIR'            ? ? ? 
hydrog8  hydrog ? ? A DG 6  N1 ? ? ? 1_555 B DC 3  O2 ? ? A DG 6  B DC 11 1_555 ? ? ? ? ? ? 'REVERSED WATSON-CRICK' ? ? ? 
hydrog9  hydrog ? ? A DG 6  N2 ? ? ? 1_555 B DC 3  N3 ? ? A DG 6  B DC 11 1_555 ? ? ? ? ? ? 'REVERSED WATSON-CRICK' ? ? ? 
hydrog10 hydrog ? ? A DC 7  N3 ? ? ? 1_555 B DG 2  N1 ? ? A DC 7  B DG 10 1_555 ? ? ? ? ? ? WATSON-CRICK            ? ? ? 
hydrog11 hydrog ? ? A DC 7  N4 ? ? ? 1_555 B DG 2  O6 ? ? A DC 7  B DG 10 1_555 ? ? ? ? ? ? WATSON-CRICK            ? ? ? 
hydrog12 hydrog ? ? A DC 7  O2 ? ? ? 1_555 B DG 2  N2 ? ? A DC 7  B DG 10 1_555 ? ? ? ? ? ? WATSON-CRICK            ? ? ? 
hydrog13 hydrog ? ? A DC 8  N3 ? ? ? 1_555 B DG 1  N1 ? ? A DC 8  B DG 9  1_555 ? ? ? ? ? ? WATSON-CRICK            ? ? ? 
hydrog14 hydrog ? ? A DC 8  N4 ? ? ? 1_555 B DG 1  O6 ? ? A DC 8  B DG 9  1_555 ? ? ? ? ? ? WATSON-CRICK            ? ? ? 
hydrog15 hydrog ? ? A DC 8  O2 ? ? ? 1_555 B DG 1  N2 ? ? A DC 8  B DG 9  1_555 ? ? ? ? ? ? WATSON-CRICK            ? ? ? 
hydrog16 hydrog ? ? C DC 14 N3 ? ? ? 1_555 C DG 42 N1 ? ? C DC 14 C DG 42 1_555 ? ? ? ? ? ? WATSON-CRICK            ? ? ? 
hydrog17 hydrog ? ? C DC 14 N4 ? ? ? 1_555 C DG 42 O6 ? ? C DC 14 C DG 42 1_555 ? ? ? ? ? ? WATSON-CRICK            ? ? ? 
hydrog18 hydrog ? ? C DC 14 O2 ? ? ? 1_555 C DG 42 N2 ? ? C DC 14 C DG 42 1_555 ? ? ? ? ? ? WATSON-CRICK            ? ? ? 
hydrog19 hydrog ? ? C DC 15 N3 ? ? ? 1_555 C DG 41 N1 ? ? C DC 15 C DG 41 1_555 ? ? ? ? ? ? WATSON-CRICK            ? ? ? 
hydrog20 hydrog ? ? C DC 15 N4 ? ? ? 1_555 C DG 41 O6 ? ? C DC 15 C DG 41 1_555 ? ? ? ? ? ? WATSON-CRICK            ? ? ? 
hydrog21 hydrog ? ? C DC 15 O2 ? ? ? 1_555 C DG 41 N2 ? ? C DC 15 C DG 41 1_555 ? ? ? ? ? ? WATSON-CRICK            ? ? ? 
hydrog22 hydrog ? ? C DG 16 N1 ? ? ? 1_555 C DC 40 N3 ? ? C DG 16 C DC 40 1_555 ? ? ? ? ? ? WATSON-CRICK            ? ? ? 
hydrog23 hydrog ? ? C DG 16 N2 ? ? ? 1_555 C DC 40 O2 ? ? C DG 16 C DC 40 1_555 ? ? ? ? ? ? WATSON-CRICK            ? ? ? 
hydrog24 hydrog ? ? C DG 16 O6 ? ? ? 1_555 C DC 40 N4 ? ? C DG 16 C DC 40 1_555 ? ? ? ? ? ? WATSON-CRICK            ? ? ? 
hydrog25 hydrog ? ? C DG 17 N1 ? ? ? 1_555 C DC 39 N3 ? ? C DG 17 C DC 39 1_555 ? ? ? ? ? ? WATSON-CRICK            ? ? ? 
hydrog26 hydrog ? ? C DG 17 N2 ? ? ? 1_555 C DC 39 O2 ? ? C DG 17 C DC 39 1_555 ? ? ? ? ? ? WATSON-CRICK            ? ? ? 
hydrog27 hydrog ? ? C DG 17 O6 ? ? ? 1_555 C DC 39 N4 ? ? C DG 17 C DC 39 1_555 ? ? ? ? ? ? WATSON-CRICK            ? ? ? 
hydrog28 hydrog ? ? C DC 18 N3 ? ? ? 1_555 C DG 33 N1 ? ? C DC 18 C DG 33 1_555 ? ? ? ? ? ? WATSON-CRICK            ? ? ? 
hydrog29 hydrog ? ? C DC 18 N4 ? ? ? 1_555 C DG 33 O6 ? ? C DC 18 C DG 33 1_555 ? ? ? ? ? ? WATSON-CRICK            ? ? ? 
hydrog30 hydrog ? ? C DC 18 O2 ? ? ? 1_555 C DG 33 N2 ? ? C DC 18 C DG 33 1_555 ? ? ? ? ? ? WATSON-CRICK            ? ? ? 
hydrog31 hydrog ? ? C DC 19 N3 ? ? ? 1_555 C DG 32 N1 ? ? C DC 19 C DG 32 1_555 ? ? ? ? ? ? WATSON-CRICK            ? ? ? 
hydrog32 hydrog ? ? C DC 19 N4 ? ? ? 1_555 C DG 32 O6 ? ? C DC 19 C DG 32 1_555 ? ? ? ? ? ? WATSON-CRICK            ? ? ? 
hydrog33 hydrog ? ? C DC 19 O2 ? ? ? 1_555 C DG 32 N2 ? ? C DC 19 C DG 32 1_555 ? ? ? ? ? ? WATSON-CRICK            ? ? ? 
hydrog34 hydrog ? ? C DG 20 N1 ? ? ? 1_555 C DC 31 N3 ? ? C DG 20 C DC 31 1_555 ? ? ? ? ? ? WATSON-CRICK            ? ? ? 
hydrog35 hydrog ? ? C DG 20 N2 ? ? ? 1_555 C DC 31 O2 ? ? C DG 20 C DC 31 1_555 ? ? ? ? ? ? WATSON-CRICK            ? ? ? 
hydrog36 hydrog ? ? C DG 20 O6 ? ? ? 1_555 C DC 31 N4 ? ? C DG 20 C DC 31 1_555 ? ? ? ? ? ? WATSON-CRICK            ? ? ? 
hydrog37 hydrog ? ? C DC 21 N3 ? ? ? 1_555 C DG 30 N1 ? ? C DC 21 C DG 30 1_555 ? ? ? ? ? ? WATSON-CRICK            ? ? ? 
hydrog38 hydrog ? ? C DC 21 N4 ? ? ? 1_555 C DG 30 O6 ? ? C DC 21 C DG 30 1_555 ? ? ? ? ? ? WATSON-CRICK            ? ? ? 
hydrog39 hydrog ? ? C DC 21 O2 ? ? ? 1_555 C DG 30 N2 ? ? C DC 21 C DG 30 1_555 ? ? ? ? ? ? WATSON-CRICK            ? ? ? 
hydrog40 hydrog ? ? C DG 22 N1 ? ? ? 1_555 C DC 29 N3 ? ? C DG 22 C DC 29 1_555 ? ? ? ? ? ? WATSON-CRICK            ? ? ? 
hydrog41 hydrog ? ? C DG 22 N2 ? ? ? 1_555 C DC 29 O2 ? ? C DG 22 C DC 29 1_555 ? ? ? ? ? ? WATSON-CRICK            ? ? ? 
hydrog42 hydrog ? ? C DG 22 O6 ? ? ? 1_555 C DC 29 N4 ? ? C DG 22 C DC 29 1_555 ? ? ? ? ? ? WATSON-CRICK            ? ? ? 
hydrog43 hydrog ? ? C DG 23 N1 ? ? ? 1_555 C DC 28 N3 ? ? C DG 23 C DC 28 1_555 ? ? ? ? ? ? WATSON-CRICK            ? ? ? 
hydrog44 hydrog ? ? C DG 23 N2 ? ? ? 1_555 C DC 28 O2 ? ? C DG 23 C DC 28 1_555 ? ? ? ? ? ? WATSON-CRICK            ? ? ? 
hydrog45 hydrog ? ? C DG 23 O6 ? ? ? 1_555 C DC 28 N4 ? ? C DG 23 C DC 28 1_555 ? ? ? ? ? ? WATSON-CRICK            ? ? ? 
hydrog46 hydrog ? ? C DA 43 N1 ? ? ? 1_555 D DT 8  N3 ? ? C DA 43 E DT 8  1_555 ? ? ? ? ? ? WATSON-CRICK            ? ? ? 
hydrog47 hydrog ? ? C DA 43 N6 ? ? ? 1_555 D DT 8  O4 ? ? C DA 43 E DT 8  1_555 ? ? ? ? ? ? WATSON-CRICK            ? ? ? 
hydrog48 hydrog ? ? C DC 44 O2 ? ? ? 1_555 D DG 7  N1 ? ? C DC 44 E DG 7  1_555 ? ? ? ? ? ? 'DC-DG PAIR'            ? ? ? 
hydrog49 hydrog ? ? C DC 44 O2 ? ? ? 1_555 D DT 8  N3 ? ? C DC 44 E DT 8  1_555 ? ? ? ? ? ? 'DC-DT MISPAIR'         ? ? ? 
hydrog50 hydrog ? ? C DG 46 N1 ? ? ? 1_555 D DG 4  O6 ? ? C DG 46 E DG 4  1_555 ? ? ? ? ? ? TYPE_3_PAIR             ? ? ? 
hydrog51 hydrog ? ? C DG 46 O6 ? ? ? 1_555 D DG 4  N1 ? ? C DG 46 E DG 4  1_555 ? ? ? ? ? ? TYPE_3_PAIR             ? ? ? 
hydrog52 hydrog ? ? C DG 46 N1 ? ? ? 1_555 D DC 5  N3 ? ? C DG 46 E DC 5  1_555 ? ? ? ? ? ? WATSON-CRICK            ? ? ? 
hydrog53 hydrog ? ? C DG 46 N2 ? ? ? 1_555 D DC 5  O2 ? ? C DG 46 E DC 5  1_555 ? ? ? ? ? ? WATSON-CRICK            ? ? ? 
hydrog54 hydrog ? ? C DG 46 O6 ? ? ? 1_555 D DC 5  N4 ? ? C DG 46 E DC 5  1_555 ? ? ? ? ? ? WATSON-CRICK            ? ? ? 
hydrog55 hydrog ? ? C DC 47 N3 ? ? ? 1_555 D DG 4  N2 ? ? C DC 47 E DG 4  1_555 ? ? ? ? ? ? 'REVERSED WATSON-CRICK' ? ? ? 
hydrog56 hydrog ? ? C DC 47 O2 ? ? ? 1_555 D DG 4  N1 ? ? C DC 47 E DG 4  1_555 ? ? ? ? ? ? 'REVERSED WATSON-CRICK' ? ? ? 
hydrog57 hydrog ? ? C DG 48 N1 ? ? ? 1_555 D DC 3  N3 ? ? C DG 48 E DC 3  1_555 ? ? ? ? ? ? WATSON-CRICK            ? ? ? 
hydrog58 hydrog ? ? C DG 48 N2 ? ? ? 1_555 D DC 3  O2 ? ? C DG 48 E DC 3  1_555 ? ? ? ? ? ? WATSON-CRICK            ? ? ? 
hydrog59 hydrog ? ? C DG 48 O6 ? ? ? 1_555 D DC 3  N4 ? ? C DG 48 E DC 3  1_555 ? ? ? ? ? ? WATSON-CRICK            ? ? ? 
# 
_struct_conn_type.id          hydrog 
_struct_conn_type.criteria    ? 
_struct_conn_type.reference   ? 
# 
_pdbx_entry_details.entry_id                   9DGL 
_pdbx_entry_details.compound_details           ? 
_pdbx_entry_details.source_details             ? 
_pdbx_entry_details.nonpolymer_details         ? 
_pdbx_entry_details.sequence_details           ? 
_pdbx_entry_details.has_ligand_of_interest     ? 
_pdbx_entry_details.has_protein_modification   N 
# 
loop_
_pdbx_validate_close_contact.id 
_pdbx_validate_close_contact.PDB_model_num 
_pdbx_validate_close_contact.auth_atom_id_1 
_pdbx_validate_close_contact.auth_asym_id_1 
_pdbx_validate_close_contact.auth_comp_id_1 
_pdbx_validate_close_contact.auth_seq_id_1 
_pdbx_validate_close_contact.PDB_ins_code_1 
_pdbx_validate_close_contact.label_alt_id_1 
_pdbx_validate_close_contact.auth_atom_id_2 
_pdbx_validate_close_contact.auth_asym_id_2 
_pdbx_validate_close_contact.auth_comp_id_2 
_pdbx_validate_close_contact.auth_seq_id_2 
_pdbx_validate_close_contact.PDB_ins_code_2 
_pdbx_validate_close_contact.label_alt_id_2 
_pdbx_validate_close_contact.dist 
1  1 N6    A DA 5  ? ? O4 B DT 12 ? ? 1.87 
2  1 "O4'" A DC 8  ? ? N2 B DG 10 ? ? 1.98 
3  1 O2    A DC 7  ? ? N1 B DG 10 ? ? 2.03 
4  1 O6    A DG 6  ? ? N4 B DC 11 ? ? 2.06 
5  1 N3    A DC 8  ? ? O6 B DG 9  ? ? 2.11 
6  1 "C1'" A DC 8  ? ? N2 B DG 10 ? ? 2.14 
7  1 N3    A DA 5  ? ? N2 B DG 13 ? ? 2.14 
8  1 O6    C DG 48 ? ? N3 E DC 3  ? ? 2.15 
9  1 O2    A DT 9  ? ? N2 B DG 9  ? ? 2.15 
10 1 N2    A DG 6  ? ? C2 B DT 12 ? ? 2.16 
11 1 O2    C DC 44 ? ? N2 E DG 7  ? ? 2.19 
# 
_pdbx_validate_symm_contact.id                1 
_pdbx_validate_symm_contact.PDB_model_num     1 
_pdbx_validate_symm_contact.auth_atom_id_1    N3 
_pdbx_validate_symm_contact.auth_asym_id_1    A 
_pdbx_validate_symm_contact.auth_comp_id_1    DT 
_pdbx_validate_symm_contact.auth_seq_id_1     13 
_pdbx_validate_symm_contact.PDB_ins_code_1    ? 
_pdbx_validate_symm_contact.label_alt_id_1    ? 
_pdbx_validate_symm_contact.site_symmetry_1   1_555 
_pdbx_validate_symm_contact.auth_atom_id_2    N1 
_pdbx_validate_symm_contact.auth_asym_id_2    C 
_pdbx_validate_symm_contact.auth_comp_id_2    DA 
_pdbx_validate_symm_contact.auth_seq_id_2     9 
_pdbx_validate_symm_contact.PDB_ins_code_2    ? 
_pdbx_validate_symm_contact.label_alt_id_2    ? 
_pdbx_validate_symm_contact.site_symmetry_2   2_885 
_pdbx_validate_symm_contact.dist              2.19 
# 
loop_
_pdbx_validate_rmsd_bond.id 
_pdbx_validate_rmsd_bond.PDB_model_num 
_pdbx_validate_rmsd_bond.auth_atom_id_1 
_pdbx_validate_rmsd_bond.auth_asym_id_1 
_pdbx_validate_rmsd_bond.auth_comp_id_1 
_pdbx_validate_rmsd_bond.auth_seq_id_1 
_pdbx_validate_rmsd_bond.PDB_ins_code_1 
_pdbx_validate_rmsd_bond.label_alt_id_1 
_pdbx_validate_rmsd_bond.auth_atom_id_2 
_pdbx_validate_rmsd_bond.auth_asym_id_2 
_pdbx_validate_rmsd_bond.auth_comp_id_2 
_pdbx_validate_rmsd_bond.auth_seq_id_2 
_pdbx_validate_rmsd_bond.PDB_ins_code_2 
_pdbx_validate_rmsd_bond.label_alt_id_2 
_pdbx_validate_rmsd_bond.bond_value 
_pdbx_validate_rmsd_bond.bond_target_value 
_pdbx_validate_rmsd_bond.bond_deviation 
_pdbx_validate_rmsd_bond.bond_standard_deviation 
_pdbx_validate_rmsd_bond.linker_flag 
1  1 "C1'" A DC 1  ? ? N1    A DC 1  ? ? 1.590 1.488 0.102  0.013 N 
2  1 "C5'" A DA 5  ? ? "C4'" A DA 5  ? ? 1.556 1.512 0.044  0.007 N 
3  1 "C1'" A DT 9  ? ? N1    A DT 9  ? ? 1.587 1.488 0.099  0.013 N 
4  1 N9    A DA 12 ? ? C4    A DA 12 ? ? 1.336 1.374 -0.038 0.006 N 
5  1 "C5'" B DG 10 ? ? "C4'" B DG 10 ? ? 1.561 1.512 0.049  0.007 N 
6  1 "O3'" C DA 6  ? ? "C3'" C DA 6  ? ? 1.548 1.435 0.113  0.013 N 
7  1 "O3'" C DC 12 ? ? "C3'" C DC 12 ? ? 1.330 1.419 -0.089 0.006 N 
8  1 "O3'" C DG 32 ? ? "C3'" C DG 32 ? ? 1.371 1.419 -0.048 0.006 N 
9  1 "O3'" C DG 41 ? ? "C3'" C DG 41 ? ? 1.374 1.419 -0.045 0.006 N 
10 1 "O3'" C DC 44 ? ? "C3'" C DC 44 ? ? 1.363 1.419 -0.056 0.006 N 
11 1 "C5'" C DG 48 ? ? "C4'" C DG 48 ? ? 1.560 1.512 0.048  0.007 N 
12 1 "C1'" E DG 7  ? ? N9    E DG 7  ? ? 1.377 1.468 -0.091 0.014 N 
13 1 N9    E DG 7  ? ? C4    E DG 7  ? ? 1.298 1.375 -0.077 0.008 N 
# 
loop_
_pdbx_validate_rmsd_angle.id 
_pdbx_validate_rmsd_angle.PDB_model_num 
_pdbx_validate_rmsd_angle.auth_atom_id_1 
_pdbx_validate_rmsd_angle.auth_asym_id_1 
_pdbx_validate_rmsd_angle.auth_comp_id_1 
_pdbx_validate_rmsd_angle.auth_seq_id_1 
_pdbx_validate_rmsd_angle.PDB_ins_code_1 
_pdbx_validate_rmsd_angle.label_alt_id_1 
_pdbx_validate_rmsd_angle.auth_atom_id_2 
_pdbx_validate_rmsd_angle.auth_asym_id_2 
_pdbx_validate_rmsd_angle.auth_comp_id_2 
_pdbx_validate_rmsd_angle.auth_seq_id_2 
_pdbx_validate_rmsd_angle.PDB_ins_code_2 
_pdbx_validate_rmsd_angle.label_alt_id_2 
_pdbx_validate_rmsd_angle.auth_atom_id_3 
_pdbx_validate_rmsd_angle.auth_asym_id_3 
_pdbx_validate_rmsd_angle.auth_comp_id_3 
_pdbx_validate_rmsd_angle.auth_seq_id_3 
_pdbx_validate_rmsd_angle.PDB_ins_code_3 
_pdbx_validate_rmsd_angle.label_alt_id_3 
_pdbx_validate_rmsd_angle.angle_value 
_pdbx_validate_rmsd_angle.angle_target_value 
_pdbx_validate_rmsd_angle.angle_deviation 
_pdbx_validate_rmsd_angle.angle_standard_deviation 
_pdbx_validate_rmsd_angle.linker_flag 
1  1 "O4'" A DC 1  ? ? "C1'" A DC 1  ? ? N1    A DC 1  ? ? 112.21 108.30 3.91  0.30 N 
2  1 "O4'" A DA 2  ? ? "C1'" A DA 2  ? ? N9    A DA 2  ? ? 110.39 108.30 2.09  0.30 N 
3  1 "O4'" A DT 9  ? ? "C1'" A DT 9  ? ? N1    A DT 9  ? ? 111.10 108.30 2.80  0.30 N 
4  1 "O4'" A DT 13 ? ? "C1'" A DT 13 ? ? N1    A DT 13 ? ? 110.98 108.30 2.68  0.30 N 
5  1 C4    B DG 10 ? ? C5    B DG 10 ? ? N7    B DG 10 ? ? 113.56 110.80 2.76  0.40 N 
6  1 N9    B DG 10 ? ? C4    B DG 10 ? ? C5    B DG 10 ? ? 102.54 105.40 -2.86 0.40 N 
7  1 "O4'" B DT 12 ? ? "C1'" B DT 12 ? ? N1    B DT 12 ? ? 110.21 108.30 1.91  0.30 N 
8  1 "O5'" C DG 5  ? ? P     C DG 5  ? ? OP1   C DG 5  ? ? 99.25  105.70 -6.45 0.90 N 
9  1 "O4'" C DG 7  ? ? "C1'" C DG 7  ? ? N9    C DG 7  ? ? 110.68 108.30 2.38  0.30 N 
10 1 "C3'" C DT 8  ? ? "C2'" C DT 8  ? ? "C1'" C DT 8  ? ? 96.17  102.40 -6.23 0.80 N 
11 1 "O4'" C DT 8  ? ? "C1'" C DT 8  ? ? "C2'" C DT 8  ? ? 100.94 105.90 -4.96 0.80 N 
12 1 "O4'" C DT 8  ? ? "C1'" C DT 8  ? ? N1    C DT 8  ? ? 112.22 108.30 3.92  0.30 N 
13 1 "O4'" C DT 10 ? ? "C1'" C DT 10 ? ? N1    C DT 10 ? ? 111.43 108.30 3.13  0.30 N 
14 1 "O5'" C DA 13 ? ? P     C DA 13 ? ? OP2   C DA 13 ? ? 118.84 110.70 8.14  1.20 N 
15 1 "C3'" C DA 13 ? ? "O3'" C DA 13 ? ? P     C DC 14 ? ? 127.62 119.70 7.92  1.20 Y 
16 1 "O4'" C DC 39 ? ? "C1'" C DC 39 ? ? N1    C DC 39 ? ? 110.19 108.30 1.89  0.30 N 
17 1 "O4'" C DG 41 ? ? "C4'" C DG 41 ? ? "C3'" C DG 41 ? ? 100.21 104.50 -4.29 0.40 N 
18 1 "O4'" C DG 41 ? ? "C1'" C DG 41 ? ? N9    C DG 41 ? ? 111.50 108.30 3.20  0.30 N 
19 1 "O4'" C DG 42 ? ? "C1'" C DG 42 ? ? N9    C DG 42 ? ? 110.98 108.30 2.68  0.30 N 
20 1 "O4'" C DA 43 ? ? "C1'" C DA 43 ? ? N9    C DA 43 ? ? 114.71 108.30 6.41  0.30 N 
21 1 "C3'" C DG 46 ? ? "C2'" C DG 46 ? ? "C1'" C DG 46 ? ? 95.75  102.40 -6.65 0.80 N 
22 1 "O4'" C DG 46 ? ? "C1'" C DG 46 ? ? N9    C DG 46 ? ? 111.31 108.30 3.01  0.30 N 
23 1 "O4'" C DC 47 ? ? "C1'" C DC 47 ? ? N1    C DC 47 ? ? 111.38 108.30 3.08  0.30 N 
24 1 "O4'" E DG 4  ? ? "C1'" E DG 4  ? ? N9    E DG 4  ? ? 110.41 108.30 2.11  0.30 N 
25 1 "O4'" E DT 8  ? ? "C1'" E DT 8  ? ? N1    E DT 8  ? ? 110.27 108.30 1.97  0.30 N 
# 
loop_
_space_group_symop.id 
_space_group_symop.operation_xyz 
1 x,y,z                 
2 -y,x-y,z              
3 -x+y,-x,z             
4 x+1/3,y+2/3,z+2/3     
5 -y+1/3,x-y+2/3,z+2/3  
6 -x+y+1/3,-x+2/3,z+2/3 
7 x+2/3,y+1/3,z+1/3     
8 -y+2/3,x-y+1/3,z+1/3  
9 -x+y+2/3,-x+1/3,z+1/3 
# 
loop_
_pdbx_unobs_or_zero_occ_residues.id 
_pdbx_unobs_or_zero_occ_residues.PDB_model_num 
_pdbx_unobs_or_zero_occ_residues.polymer_flag 
_pdbx_unobs_or_zero_occ_residues.occupancy_flag 
_pdbx_unobs_or_zero_occ_residues.auth_asym_id 
_pdbx_unobs_or_zero_occ_residues.auth_comp_id 
_pdbx_unobs_or_zero_occ_residues.auth_seq_id 
_pdbx_unobs_or_zero_occ_residues.PDB_ins_code 
_pdbx_unobs_or_zero_occ_residues.label_asym_id 
_pdbx_unobs_or_zero_occ_residues.label_comp_id 
_pdbx_unobs_or_zero_occ_residues.label_seq_id 
1 1 Y 1 C DT 24 ? C DT 24 
2 1 Y 1 C DT 25 ? C DT 25 
3 1 Y 1 C DT 26 ? C DT 26 
4 1 Y 1 C DT 27 ? C DT 27 
# 
loop_
_chem_comp_atom.comp_id 
_chem_comp_atom.atom_id 
_chem_comp_atom.type_symbol 
_chem_comp_atom.pdbx_aromatic_flag 
_chem_comp_atom.pdbx_stereo_config 
_chem_comp_atom.pdbx_ordinal 
DA OP3    O N N 1   
DA P      P N N 2   
DA OP1    O N N 3   
DA OP2    O N N 4   
DA "O5'"  O N N 5   
DA "C5'"  C N N 6   
DA "C4'"  C N R 7   
DA "O4'"  O N N 8   
DA "C3'"  C N S 9   
DA "O3'"  O N N 10  
DA "C2'"  C N N 11  
DA "C1'"  C N R 12  
DA N9     N Y N 13  
DA C8     C Y N 14  
DA N7     N Y N 15  
DA C5     C Y N 16  
DA C6     C Y N 17  
DA N6     N N N 18  
DA N1     N Y N 19  
DA C2     C Y N 20  
DA N3     N Y N 21  
DA C4     C Y N 22  
DA HOP3   H N N 23  
DA HOP2   H N N 24  
DA "H5'"  H N N 25  
DA "H5''" H N N 26  
DA "H4'"  H N N 27  
DA "H3'"  H N N 28  
DA "HO3'" H N N 29  
DA "H2'"  H N N 30  
DA "H2''" H N N 31  
DA "H1'"  H N N 32  
DA H8     H N N 33  
DA H61    H N N 34  
DA H62    H N N 35  
DA H2     H N N 36  
DC OP3    O N N 37  
DC P      P N N 38  
DC OP1    O N N 39  
DC OP2    O N N 40  
DC "O5'"  O N N 41  
DC "C5'"  C N N 42  
DC "C4'"  C N R 43  
DC "O4'"  O N N 44  
DC "C3'"  C N S 45  
DC "O3'"  O N N 46  
DC "C2'"  C N N 47  
DC "C1'"  C N R 48  
DC N1     N N N 49  
DC C2     C N N 50  
DC O2     O N N 51  
DC N3     N N N 52  
DC C4     C N N 53  
DC N4     N N N 54  
DC C5     C N N 55  
DC C6     C N N 56  
DC HOP3   H N N 57  
DC HOP2   H N N 58  
DC "H5'"  H N N 59  
DC "H5''" H N N 60  
DC "H4'"  H N N 61  
DC "H3'"  H N N 62  
DC "HO3'" H N N 63  
DC "H2'"  H N N 64  
DC "H2''" H N N 65  
DC "H1'"  H N N 66  
DC H41    H N N 67  
DC H42    H N N 68  
DC H5     H N N 69  
DC H6     H N N 70  
DG OP3    O N N 71  
DG P      P N N 72  
DG OP1    O N N 73  
DG OP2    O N N 74  
DG "O5'"  O N N 75  
DG "C5'"  C N N 76  
DG "C4'"  C N R 77  
DG "O4'"  O N N 78  
DG "C3'"  C N S 79  
DG "O3'"  O N N 80  
DG "C2'"  C N N 81  
DG "C1'"  C N R 82  
DG N9     N Y N 83  
DG C8     C Y N 84  
DG N7     N Y N 85  
DG C5     C Y N 86  
DG C6     C N N 87  
DG O6     O N N 88  
DG N1     N N N 89  
DG C2     C N N 90  
DG N2     N N N 91  
DG N3     N N N 92  
DG C4     C Y N 93  
DG HOP3   H N N 94  
DG HOP2   H N N 95  
DG "H5'"  H N N 96  
DG "H5''" H N N 97  
DG "H4'"  H N N 98  
DG "H3'"  H N N 99  
DG "HO3'" H N N 100 
DG "H2'"  H N N 101 
DG "H2''" H N N 102 
DG "H1'"  H N N 103 
DG H8     H N N 104 
DG H1     H N N 105 
DG H21    H N N 106 
DG H22    H N N 107 
DT OP3    O N N 108 
DT P      P N N 109 
DT OP1    O N N 110 
DT OP2    O N N 111 
DT "O5'"  O N N 112 
DT "C5'"  C N N 113 
DT "C4'"  C N R 114 
DT "O4'"  O N N 115 
DT "C3'"  C N S 116 
DT "O3'"  O N N 117 
DT "C2'"  C N N 118 
DT "C1'"  C N R 119 
DT N1     N N N 120 
DT C2     C N N 121 
DT O2     O N N 122 
DT N3     N N N 123 
DT C4     C N N 124 
DT O4     O N N 125 
DT C5     C N N 126 
DT C7     C N N 127 
DT C6     C N N 128 
DT HOP3   H N N 129 
DT HOP2   H N N 130 
DT "H5'"  H N N 131 
DT "H5''" H N N 132 
DT "H4'"  H N N 133 
DT "H3'"  H N N 134 
DT "HO3'" H N N 135 
DT "H2'"  H N N 136 
DT "H2''" H N N 137 
DT "H1'"  H N N 138 
DT H3     H N N 139 
DT H71    H N N 140 
DT H72    H N N 141 
DT H73    H N N 142 
DT H6     H N N 143 
# 
loop_
_chem_comp_bond.comp_id 
_chem_comp_bond.atom_id_1 
_chem_comp_bond.atom_id_2 
_chem_comp_bond.value_order 
_chem_comp_bond.pdbx_aromatic_flag 
_chem_comp_bond.pdbx_stereo_config 
_chem_comp_bond.pdbx_ordinal 
DA OP3   P      sing N N 1   
DA OP3   HOP3   sing N N 2   
DA P     OP1    doub N N 3   
DA P     OP2    sing N N 4   
DA P     "O5'"  sing N N 5   
DA OP2   HOP2   sing N N 6   
DA "O5'" "C5'"  sing N N 7   
DA "C5'" "C4'"  sing N N 8   
DA "C5'" "H5'"  sing N N 9   
DA "C5'" "H5''" sing N N 10  
DA "C4'" "O4'"  sing N N 11  
DA "C4'" "C3'"  sing N N 12  
DA "C4'" "H4'"  sing N N 13  
DA "O4'" "C1'"  sing N N 14  
DA "C3'" "O3'"  sing N N 15  
DA "C3'" "C2'"  sing N N 16  
DA "C3'" "H3'"  sing N N 17  
DA "O3'" "HO3'" sing N N 18  
DA "C2'" "C1'"  sing N N 19  
DA "C2'" "H2'"  sing N N 20  
DA "C2'" "H2''" sing N N 21  
DA "C1'" N9     sing N N 22  
DA "C1'" "H1'"  sing N N 23  
DA N9    C8     sing Y N 24  
DA N9    C4     sing Y N 25  
DA C8    N7     doub Y N 26  
DA C8    H8     sing N N 27  
DA N7    C5     sing Y N 28  
DA C5    C6     sing Y N 29  
DA C5    C4     doub Y N 30  
DA C6    N6     sing N N 31  
DA C6    N1     doub Y N 32  
DA N6    H61    sing N N 33  
DA N6    H62    sing N N 34  
DA N1    C2     sing Y N 35  
DA C2    N3     doub Y N 36  
DA C2    H2     sing N N 37  
DA N3    C4     sing Y N 38  
DC OP3   P      sing N N 39  
DC OP3   HOP3   sing N N 40  
DC P     OP1    doub N N 41  
DC P     OP2    sing N N 42  
DC P     "O5'"  sing N N 43  
DC OP2   HOP2   sing N N 44  
DC "O5'" "C5'"  sing N N 45  
DC "C5'" "C4'"  sing N N 46  
DC "C5'" "H5'"  sing N N 47  
DC "C5'" "H5''" sing N N 48  
DC "C4'" "O4'"  sing N N 49  
DC "C4'" "C3'"  sing N N 50  
DC "C4'" "H4'"  sing N N 51  
DC "O4'" "C1'"  sing N N 52  
DC "C3'" "O3'"  sing N N 53  
DC "C3'" "C2'"  sing N N 54  
DC "C3'" "H3'"  sing N N 55  
DC "O3'" "HO3'" sing N N 56  
DC "C2'" "C1'"  sing N N 57  
DC "C2'" "H2'"  sing N N 58  
DC "C2'" "H2''" sing N N 59  
DC "C1'" N1     sing N N 60  
DC "C1'" "H1'"  sing N N 61  
DC N1    C2     sing N N 62  
DC N1    C6     sing N N 63  
DC C2    O2     doub N N 64  
DC C2    N3     sing N N 65  
DC N3    C4     doub N N 66  
DC C4    N4     sing N N 67  
DC C4    C5     sing N N 68  
DC N4    H41    sing N N 69  
DC N4    H42    sing N N 70  
DC C5    C6     doub N N 71  
DC C5    H5     sing N N 72  
DC C6    H6     sing N N 73  
DG OP3   P      sing N N 74  
DG OP3   HOP3   sing N N 75  
DG P     OP1    doub N N 76  
DG P     OP2    sing N N 77  
DG P     "O5'"  sing N N 78  
DG OP2   HOP2   sing N N 79  
DG "O5'" "C5'"  sing N N 80  
DG "C5'" "C4'"  sing N N 81  
DG "C5'" "H5'"  sing N N 82  
DG "C5'" "H5''" sing N N 83  
DG "C4'" "O4'"  sing N N 84  
DG "C4'" "C3'"  sing N N 85  
DG "C4'" "H4'"  sing N N 86  
DG "O4'" "C1'"  sing N N 87  
DG "C3'" "O3'"  sing N N 88  
DG "C3'" "C2'"  sing N N 89  
DG "C3'" "H3'"  sing N N 90  
DG "O3'" "HO3'" sing N N 91  
DG "C2'" "C1'"  sing N N 92  
DG "C2'" "H2'"  sing N N 93  
DG "C2'" "H2''" sing N N 94  
DG "C1'" N9     sing N N 95  
DG "C1'" "H1'"  sing N N 96  
DG N9    C8     sing Y N 97  
DG N9    C4     sing Y N 98  
DG C8    N7     doub Y N 99  
DG C8    H8     sing N N 100 
DG N7    C5     sing Y N 101 
DG C5    C6     sing N N 102 
DG C5    C4     doub Y N 103 
DG C6    O6     doub N N 104 
DG C6    N1     sing N N 105 
DG N1    C2     sing N N 106 
DG N1    H1     sing N N 107 
DG C2    N2     sing N N 108 
DG C2    N3     doub N N 109 
DG N2    H21    sing N N 110 
DG N2    H22    sing N N 111 
DG N3    C4     sing N N 112 
DT OP3   P      sing N N 113 
DT OP3   HOP3   sing N N 114 
DT P     OP1    doub N N 115 
DT P     OP2    sing N N 116 
DT P     "O5'"  sing N N 117 
DT OP2   HOP2   sing N N 118 
DT "O5'" "C5'"  sing N N 119 
DT "C5'" "C4'"  sing N N 120 
DT "C5'" "H5'"  sing N N 121 
DT "C5'" "H5''" sing N N 122 
DT "C4'" "O4'"  sing N N 123 
DT "C4'" "C3'"  sing N N 124 
DT "C4'" "H4'"  sing N N 125 
DT "O4'" "C1'"  sing N N 126 
DT "C3'" "O3'"  sing N N 127 
DT "C3'" "C2'"  sing N N 128 
DT "C3'" "H3'"  sing N N 129 
DT "O3'" "HO3'" sing N N 130 
DT "C2'" "C1'"  sing N N 131 
DT "C2'" "H2'"  sing N N 132 
DT "C2'" "H2''" sing N N 133 
DT "C1'" N1     sing N N 134 
DT "C1'" "H1'"  sing N N 135 
DT N1    C2     sing N N 136 
DT N1    C6     sing N N 137 
DT C2    O2     doub N N 138 
DT C2    N3     sing N N 139 
DT N3    C4     sing N N 140 
DT N3    H3     sing N N 141 
DT C4    O4     doub N N 142 
DT C4    C5     sing N N 143 
DT C5    C7     sing N N 144 
DT C5    C6     doub N N 145 
DT C7    H71    sing N N 146 
DT C7    H72    sing N N 147 
DT C7    H73    sing N N 148 
DT C6    H6     sing N N 149 
# 
loop_
_ndb_struct_conf_na.entry_id 
_ndb_struct_conf_na.feature 
9DGL 'double helix'        
9DGL 'b-form double helix' 
# 
loop_
_ndb_struct_na_base_pair.model_number 
_ndb_struct_na_base_pair.i_label_asym_id 
_ndb_struct_na_base_pair.i_label_comp_id 
_ndb_struct_na_base_pair.i_label_seq_id 
_ndb_struct_na_base_pair.i_symmetry 
_ndb_struct_na_base_pair.j_label_asym_id 
_ndb_struct_na_base_pair.j_label_comp_id 
_ndb_struct_na_base_pair.j_label_seq_id 
_ndb_struct_na_base_pair.j_symmetry 
_ndb_struct_na_base_pair.shear 
_ndb_struct_na_base_pair.stretch 
_ndb_struct_na_base_pair.stagger 
_ndb_struct_na_base_pair.buckle 
_ndb_struct_na_base_pair.propeller 
_ndb_struct_na_base_pair.opening 
_ndb_struct_na_base_pair.pair_number 
_ndb_struct_na_base_pair.pair_name 
_ndb_struct_na_base_pair.i_auth_asym_id 
_ndb_struct_na_base_pair.i_auth_seq_id 
_ndb_struct_na_base_pair.i_PDB_ins_code 
_ndb_struct_na_base_pair.j_auth_asym_id 
_ndb_struct_na_base_pair.j_auth_seq_id 
_ndb_struct_na_base_pair.j_PDB_ins_code 
_ndb_struct_na_base_pair.hbond_type_28 
_ndb_struct_na_base_pair.hbond_type_12 
1 A DG 3  1_555 B DC 6  1_555 -1.575 -0.083 -1.249 -9.505  -10.107 1.601   1  A_DG3:DC14_B  A 3  ? B 14 ? 19 1 
1 A DC 4  1_555 B DG 5  1_555 1.759  -0.434 -0.884 -14.543 -7.327  5.710   2  A_DC4:DG13_B  A 4  ? B 13 ? 19 1 
1 A DA 5  1_555 B DT 4  1_555 0.486  -0.945 -1.220 -15.690 -17.382 -12.272 3  A_DA5:DT12_B  A 5  ? B 12 ? ?  1 
1 A DG 6  1_555 B DC 3  1_555 0.505  -0.759 -0.645 -5.724  -8.074  -7.671  4  A_DG6:DC11_B  A 6  ? B 11 ? 22 1 
1 A DC 7  1_555 B DG 2  1_555 2.947  -1.307 -0.120 1.289   -8.831  9.154   5  A_DC7:DG10_B  A 7  ? B 10 ? 19 1 
1 A DC 8  1_555 B DG 1  1_555 1.922  -1.488 2.292  -46.352 20.000  -14.332 6  A_DC8:DG9_B   A 8  ? B 9  ? 19 1 
1 C DC 39 1_555 C DG 17 1_555 -0.176 0.230  -0.185 6.670   -22.003 -7.274  7  C_DC39:DG17_C C 39 ? C 17 ? 19 1 
1 C DC 40 1_555 C DG 16 1_555 0.289  -0.376 -0.424 13.112  -23.068 -7.936  8  C_DC40:DG16_C C 40 ? C 16 ? 19 1 
1 C DG 41 1_555 C DC 15 1_555 -0.242 -0.195 -1.175 -51.517 -34.564 -9.350  9  C_DG41:DC15_C C 41 ? C 15 ? 19 1 
1 C DG 42 1_555 C DC 14 1_555 0.527  -0.156 -0.546 -17.901 -4.791  -7.855  10 C_DG42:DC14_C C 42 ? C 14 ? 19 1 
1 C DA 43 1_555 D DT 8  1_555 0.903  -0.109 -0.879 -4.951  -12.465 -0.710  11 C_DA43:DT8_E  C 43 ? E 8  ? 20 1 
1 C DC 44 1_555 D DG 7  1_555 1.410  0.122  -0.451 9.192   -8.521  25.177  12 C_DC44:DG7_E  C 44 ? E 7  ? ?  1 
1 C DG 46 1_555 D DC 5  1_555 -0.623 -0.075 0.578  -0.108  -22.286 9.952   13 C_DG46:DC5_E  C 46 ? E 5  ? 19 1 
1 C DC 47 1_555 D DG 4  1_555 1.184  0.092  0.530  7.778   -23.259 20.108  14 C_DC47:DG4_E  C 47 ? E 4  ? 22 1 
1 C DG 48 1_555 D DC 3  1_555 -1.975 -1.482 -1.420 -23.354 -33.677 4.029   15 C_DG48:DC3_E  C 48 ? E 3  ? 19 1 
1 C DC 18 1_555 C DG 33 1_555 -1.483 -2.206 -2.492 -6.434  6.393   -8.832  16 C_DC18:DG33_C C 18 ? C 33 ? 19 1 
1 C DC 19 1_555 C DG 32 1_555 -1.184 -0.272 -0.873 -3.187  -3.630  -9.715  17 C_DC19:DG32_C C 19 ? C 32 ? 19 1 
1 C DG 20 1_555 C DC 31 1_555 -1.803 -0.345 -0.811 -0.705  5.841   -6.221  18 C_DG20:DC31_C C 20 ? C 31 ? 19 1 
1 C DC 21 1_555 C DG 30 1_555 -0.945 0.222  -0.357 40.779  -10.694 6.394   19 C_DC21:DG30_C C 21 ? C 30 ? 19 1 
1 C DG 22 1_555 C DC 29 1_555 -1.065 -0.258 1.315  2.797   -9.816  8.370   20 C_DG22:DC29_C C 22 ? C 29 ? 19 1 
1 C DG 23 1_555 C DC 28 1_555 -1.384 0.091  -0.233 -30.238 -0.238  -2.536  21 C_DG23:DC28_C C 23 ? C 28 ? 19 1 
# 
loop_
_ndb_struct_na_base_pair_step.model_number 
_ndb_struct_na_base_pair_step.i_label_asym_id_1 
_ndb_struct_na_base_pair_step.i_label_comp_id_1 
_ndb_struct_na_base_pair_step.i_label_seq_id_1 
_ndb_struct_na_base_pair_step.i_symmetry_1 
_ndb_struct_na_base_pair_step.j_label_asym_id_1 
_ndb_struct_na_base_pair_step.j_label_comp_id_1 
_ndb_struct_na_base_pair_step.j_label_seq_id_1 
_ndb_struct_na_base_pair_step.j_symmetry_1 
_ndb_struct_na_base_pair_step.i_label_asym_id_2 
_ndb_struct_na_base_pair_step.i_label_comp_id_2 
_ndb_struct_na_base_pair_step.i_label_seq_id_2 
_ndb_struct_na_base_pair_step.i_symmetry_2 
_ndb_struct_na_base_pair_step.j_label_asym_id_2 
_ndb_struct_na_base_pair_step.j_label_comp_id_2 
_ndb_struct_na_base_pair_step.j_label_seq_id_2 
_ndb_struct_na_base_pair_step.j_symmetry_2 
_ndb_struct_na_base_pair_step.shift 
_ndb_struct_na_base_pair_step.slide 
_ndb_struct_na_base_pair_step.rise 
_ndb_struct_na_base_pair_step.tilt 
_ndb_struct_na_base_pair_step.roll 
_ndb_struct_na_base_pair_step.twist 
_ndb_struct_na_base_pair_step.x_displacement 
_ndb_struct_na_base_pair_step.y_displacement 
_ndb_struct_na_base_pair_step.helical_rise 
_ndb_struct_na_base_pair_step.inclination 
_ndb_struct_na_base_pair_step.tip 
_ndb_struct_na_base_pair_step.helical_twist 
_ndb_struct_na_base_pair_step.step_number 
_ndb_struct_na_base_pair_step.step_name 
_ndb_struct_na_base_pair_step.i_auth_asym_id_1 
_ndb_struct_na_base_pair_step.i_auth_seq_id_1 
_ndb_struct_na_base_pair_step.i_PDB_ins_code_1 
_ndb_struct_na_base_pair_step.j_auth_asym_id_1 
_ndb_struct_na_base_pair_step.j_auth_seq_id_1 
_ndb_struct_na_base_pair_step.j_PDB_ins_code_1 
_ndb_struct_na_base_pair_step.i_auth_asym_id_2 
_ndb_struct_na_base_pair_step.i_auth_seq_id_2 
_ndb_struct_na_base_pair_step.i_PDB_ins_code_2 
_ndb_struct_na_base_pair_step.j_auth_asym_id_2 
_ndb_struct_na_base_pair_step.j_auth_seq_id_2 
_ndb_struct_na_base_pair_step.j_PDB_ins_code_2 
1 A DG 3  1_555 B DC 6  1_555 A DC 4  1_555 B DG 5  1_555 0.577  0.279  3.149 -1.820  -2.935  52.065 0.503   -0.772 3.110 -3.339  
2.071   52.172 1  AA_DG3DC4:DG13DC14_BB   A 3  ? B 14 ? A 4  ? B 13 ? 
1 A DC 4  1_555 B DG 5  1_555 A DA 5  1_555 B DT 4  1_555 -1.810 0.236  3.271 -4.075  13.972  29.301 -2.141  2.472  3.264 25.718  
7.500   32.645 2  AA_DC4DA5:DT12DG13_BB   A 4  ? B 13 ? A 5  ? B 12 ? 
1 A DA 5  1_555 B DT 4  1_555 A DG 6  1_555 B DC 3  1_555 0.765  -0.929 3.218 -4.820  -10.653 43.648 -0.250  -1.432 3.250 -14.030 
6.348   45.113 3  AA_DA5DG6:DC11DT12_BB   A 5  ? B 12 ? A 6  ? B 11 ? 
1 A DG 6  1_555 B DC 3  1_555 A DC 7  1_555 B DG 2  1_555 0.218  0.452  3.085 2.640   -4.560  51.840 0.800   -0.083 3.045 -5.200  
-3.011  52.089 4  AA_DG6DC7:DG10DC11_BB   A 6  ? B 11 ? A 7  ? B 10 ? 
1 A DC 7  1_555 B DG 2  1_555 A DC 8  1_555 B DG 1  1_555 -1.560 -0.489 4.850 -29.454 -6.643  48.504 0.098   -1.077 5.014 -7.325  
32.479  56.648 5  AA_DC7DC8:DG9DG10_BB    A 7  ? B 10 ? A 8  ? B 9  ? 
1 C DC 39 1_555 C DG 17 1_555 C DC 40 1_555 C DG 16 1_555 0.141  -0.650 3.340 8.537   7.780   42.757 -1.598  0.619  3.152 10.445  
-11.462 44.219 6  CC_DC39DC40:DG16DG17_CC C 39 ? C 17 ? C 40 ? C 16 ? 
1 C DC 40 1_555 C DG 16 1_555 C DG 41 1_555 C DC 15 1_555 0.025  -0.160 5.365 6.378   3.204   38.770 -0.859  1.201  5.274 4.778   
-9.509  39.396 7  CC_DC40DG41:DC15DG16_CC C 40 ? C 16 ? C 41 ? C 15 ? 
1 C DG 41 1_555 C DC 15 1_555 C DG 42 1_555 C DC 14 1_555 -0.080 0.339  2.176 -8.115  -4.584  37.716 0.882   -0.536 2.094 -6.962  
12.323  38.810 8  CC_DG41DG42:DC14DC15_CC C 41 ? C 15 ? C 42 ? C 14 ? 
1 C DG 42 1_555 C DC 14 1_555 C DA 43 1_555 D DT 8  1_555 -1.727 -1.825 2.880 1.480   6.630   12.502 -11.751 7.953  1.507 27.906  
-6.231  14.222 9  CC_DG42DA43:DT8DC14_EC  C 42 ? C 14 ? C 43 ? E 8  ? 
1 C DA 43 1_555 D DT 8  1_555 C DC 44 1_555 D DG 7  1_555 1.635  -0.722 2.638 4.647   12.059  35.653 -2.359  -2.039 2.462 18.944  
-7.301  37.851 10 CC_DA43DC44:DG7DT8_EE   C 43 ? E 8  ? C 44 ? E 7  ? 
1 C DC 44 1_555 D DG 7  1_555 C DG 46 1_555 D DC 5  1_555 0.841  1.729  7.029 -3.364  -10.960 69.769 2.305   -0.976 6.689 -9.517  
2.921   70.587 11 CC_DC44DG46:DC5DG7_EE   C 44 ? E 7  ? C 46 ? E 5  ? 
1 C DG 46 1_555 D DC 5  1_555 C DC 47 1_555 D DG 4  1_555 0.343  0.828  3.098 2.869   -12.054 55.963 1.476   -0.212 2.892 -12.673 
-3.017  57.210 12 CC_DG46DC47:DG4DC5_EE   C 46 ? E 5  ? C 47 ? E 4  ? 
1 C DC 47 1_555 D DG 4  1_555 C DG 48 1_555 D DC 3  1_555 -0.995 -1.153 3.624 -3.932  33.644  22.261 -5.343  1.013  1.175 57.239  
6.689   40.353 13 CC_DC47DG48:DC3DG4_EE   C 47 ? E 4  ? C 48 ? E 3  ? 
1 C DC 18 1_555 C DG 33 1_555 C DC 19 1_555 C DG 32 1_555 0.764  1.171  3.576 -3.981  -1.241  42.297 1.752   -1.488 3.460 -1.715  
5.501   42.493 14 CC_DC18DC19:DG32DG33_CC C 18 ? C 33 ? C 19 ? C 32 ? 
1 C DC 19 1_555 C DG 32 1_555 C DG 20 1_555 C DC 31 1_555 1.170  0.300  3.055 -0.093  15.003  21.088 -3.372  -2.642 2.670 35.739  
0.222   25.831 15 CC_DC19DG20:DC31DG32_CC C 19 ? C 32 ? C 20 ? C 31 ? 
1 C DG 20 1_555 C DC 31 1_555 C DC 21 1_555 C DG 30 1_555 0.496  0.705  1.946 -2.614  0.549   37.513 1.051   -0.971 1.918 0.852   
4.059   37.605 16 CC_DG20DC21:DG30DC31_CC C 20 ? C 31 ? C 21 ? C 30 ? 
1 C DC 21 1_555 C DG 30 1_555 C DG 22 1_555 C DC 29 1_555 -0.757 -0.324 4.340 -18.427 1.354   41.733 -0.585  -1.268 4.283 1.799   
24.477  45.473 17 CC_DC21DG22:DC29DG30_CC C 21 ? C 30 ? C 22 ? C 29 ? 
1 C DG 22 1_555 C DC 29 1_555 C DG 23 1_555 C DC 28 1_555 -0.818 -0.987 5.160 -1.189  -1.835  36.731 -1.167  1.040  5.224 -2.909  
1.885   36.794 18 CC_DG22DG23:DC28DC29_CC C 22 ? C 29 ? C 23 ? C 28 ? 
# 
_pdbx_audit_support.funding_organization   'National Science Foundation (NSF, United States)' 
_pdbx_audit_support.country                'United States' 
_pdbx_audit_support.grant_number           'CCF 2107393' 
_pdbx_audit_support.ordinal                1 
# 
_pdbx_initial_refinement_model.id               1 
_pdbx_initial_refinement_model.entity_id_list   ? 
_pdbx_initial_refinement_model.type             'in silico model' 
_pdbx_initial_refinement_model.source_name      Other 
_pdbx_initial_refinement_model.accession_code   ? 
_pdbx_initial_refinement_model.details          'B DNA duplex with 31 base pairs' 
# 
_space_group.name_H-M_alt     'R 3 :H' 
_space_group.name_Hall        'R 3' 
_space_group.IT_number        146 
_space_group.crystal_system   trigonal 
_space_group.id               1 
# 
_atom_sites.entry_id                    9DGL 
_atom_sites.Cartn_transf_matrix[1][1]   ? 
_atom_sites.Cartn_transf_matrix[1][2]   ? 
_atom_sites.Cartn_transf_matrix[1][3]   ? 
_atom_sites.Cartn_transf_matrix[2][1]   ? 
_atom_sites.Cartn_transf_matrix[2][2]   ? 
_atom_sites.Cartn_transf_matrix[2][3]   ? 
_atom_sites.Cartn_transf_matrix[3][1]   ? 
_atom_sites.Cartn_transf_matrix[3][2]   ? 
_atom_sites.Cartn_transf_matrix[3][3]   ? 
_atom_sites.Cartn_transf_vector[1]      ? 
_atom_sites.Cartn_transf_vector[2]      ? 
_atom_sites.Cartn_transf_vector[3]      ? 
_atom_sites.Cartn_transform_axes        ? 
_atom_sites.fract_transf_matrix[1][1]   0.00111022 
_atom_sites.fract_transf_matrix[1][2]   0.00231172 
_atom_sites.fract_transf_matrix[1][3]   -0.00641240 
_atom_sites.fract_transf_matrix[2][1]   0.00324198 
_atom_sites.fract_transf_matrix[2][2]   0.00601712 
_atom_sites.fract_transf_matrix[2][3]   -0.00098827 
_atom_sites.fract_transf_matrix[3][1]   0.01109426 
_atom_sites.fract_transf_matrix[3][2]   -0.00601838 
_atom_sites.fract_transf_matrix[3][3]   -0.00024885 
_atom_sites.fract_transf_vector[1]      1.136627 
_atom_sites.fract_transf_vector[2]      2.100392 
_atom_sites.fract_transf_vector[3]      -0.451284 
_atom_sites.solution_primary            ? 
_atom_sites.solution_secondary          ? 
_atom_sites.solution_hydrogens          ? 
_atom_sites.special_details             ? 
# 
loop_
_atom_type.symbol 
_atom_type.scat_dispersion_real 
_atom_type.scat_dispersion_imag 
_atom_type.scat_Cromer_Mann_a1 
_atom_type.scat_Cromer_Mann_a2 
_atom_type.scat_Cromer_Mann_a3 
_atom_type.scat_Cromer_Mann_a4 
_atom_type.scat_Cromer_Mann_b1 
_atom_type.scat_Cromer_Mann_b2 
_atom_type.scat_Cromer_Mann_b3 
_atom_type.scat_Cromer_Mann_b4 
_atom_type.scat_Cromer_Mann_c 
_atom_type.scat_source 
_atom_type.scat_dispersion_source 
C ? ? 5.96793  ? ? ? 14.89577 ? ? ? 0.0 
;1-Gaussian fit: Grosse-Kunstleve RW, Sauter NK, Adams PD: Newsletter of the IUCr Commission on Crystallographic Computing 2004, 3, 22-31.
;
? 
N ? ? 6.96715  ? ? ? 11.43723 ? ? ? 0.0 
;1-Gaussian fit: Grosse-Kunstleve RW, Sauter NK, Adams PD: Newsletter of the IUCr Commission on Crystallographic Computing 2004, 3, 22-31.
;
? 
O ? ? 7.96527  ? ? ? 9.05267  ? ? ? 0.0 
;1-Gaussian fit: Grosse-Kunstleve RW, Sauter NK, Adams PD: Newsletter of the IUCr Commission on Crystallographic Computing 2004, 3, 22-31.
;
? 
P ? ? 14.90797 ? ? ? 11.91318 ? ? ? 0.0 
;1-Gaussian fit: Grosse-Kunstleve RW, Sauter NK, Adams PD: Newsletter of the IUCr Commission on Crystallographic Computing 2004, 3, 22-31.
;
? 
# 
loop_
_atom_site.group_PDB 
_atom_site.id 
_atom_site.type_symbol 
_atom_site.label_atom_id 
_atom_site.label_alt_id 
_atom_site.label_comp_id 
_atom_site.label_asym_id 
_atom_site.label_entity_id 
_atom_site.label_seq_id 
_atom_site.pdbx_PDB_ins_code 
_atom_site.Cartn_x 
_atom_site.Cartn_y 
_atom_site.Cartn_z 
_atom_site.occupancy 
_atom_site.B_iso_or_equiv 
_atom_site.pdbx_formal_charge 
_atom_site.auth_seq_id 
_atom_site.auth_comp_id 
_atom_site.auth_asym_id 
_atom_site.auth_atom_id 
_atom_site.pdbx_PDB_model_num 
ATOM 1    O "O5'" . DC A 1 1  ? 26.07975  17.16107  47.78507  1.000 214.88000 ?  1  DC A "O5'" 1 
ATOM 2    C "C5'" . DC A 1 1  ? 26.46455  17.80364  46.54868  1.000 223.06000 ?  1  DC A "C5'" 1 
ATOM 3    C "C4'" . DC A 1 1  ? 26.86268  19.26573  46.77486  1.000 226.28000 ?  1  DC A "C4'" 1 
ATOM 4    O "O4'" . DC A 1 1  ? 28.23360  19.51063  46.33833  1.000 226.94000 ?  1  DC A "O4'" 1 
ATOM 5    C "C3'" . DC A 1 1  ? 26.00738  20.35092  46.04994  1.000 226.41000 ?  1  DC A "C3'" 1 
ATOM 6    O "O3'" . DC A 1 1  ? 25.09846  21.03534  47.00746  1.000 220.59000 ?  1  DC A "O3'" 1 
ATOM 7    C "C2'" . DC A 1 1  ? 27.08043  21.31670  45.45120  1.000 235.66000 ?  1  DC A "C2'" 1 
ATOM 8    C "C1'" . DC A 1 1  ? 28.33481  20.90729  46.23553  1.000 233.77000 ?  1  DC A "C1'" 1 
ATOM 9    N N1    . DC A 1 1  ? 29.76229  21.36930  45.71070  1.000 238.05000 ?  1  DC A N1    1 
ATOM 10   C C2    . DC A 1 1  ? 29.95440  22.70156  45.23623  1.000 241.03000 ?  1  DC A C2    1 
ATOM 11   O O2    . DC A 1 1  ? 28.99957  23.48320  45.17433  1.000 247.48000 ?  1  DC A O2    1 
ATOM 12   N N3    . DC A 1 1  ? 31.20668  23.07410  44.83571  1.000 241.77000 ?  1  DC A N3    1 
ATOM 13   C C4    . DC A 1 1  ? 32.23257  22.23054  44.91620  1.000 235.97000 ?  1  DC A C4    1 
ATOM 14   N N4    . DC A 1 1  ? 33.43779  22.66234  44.51543  1.000 225.23000 ?  1  DC A N4    1 
ATOM 15   C C5    . DC A 1 1  ? 32.06803  20.89566  45.41376  1.000 225.60000 ?  1  DC A C5    1 
ATOM 16   C C6    . DC A 1 1  ? 30.83462  20.51881  45.80498  1.000 230.24000 ?  1  DC A C6    1 
ATOM 17   P P     . DA A 1 2  ? 23.54130  21.37127  46.67313  1.000 215.51000 ?  2  DA A P     1 
ATOM 18   O OP1   . DA A 1 2  ? 22.86861  21.75981  47.93073  1.000 212.20000 ?  2  DA A OP1   1 
ATOM 19   O OP2   . DA A 1 2  ? 22.92351  20.32887  45.82894  1.000 217.87000 -1 2  DA A OP2   1 
ATOM 20   O "O5'" . DA A 1 2  ? 23.60338  22.70315  45.80936  1.000 219.11000 ?  2  DA A "O5'" 1 
ATOM 21   C "C5'" . DA A 1 2  ? 22.41648  23.43046  45.57309  1.000 213.37000 ?  2  DA A "C5'" 1 
ATOM 22   C "C4'" . DA A 1 2  ? 22.40899  23.96151  44.16363  1.000 220.77000 ?  2  DA A "C4'" 1 
ATOM 23   O "O4'" . DA A 1 2  ? 23.76956  23.95374  43.62126  1.000 232.51000 ?  2  DA A "O4'" 1 
ATOM 24   C "C3'" . DA A 1 2  ? 21.58579  23.12930  43.18349  1.000 221.25000 ?  2  DA A "C3'" 1 
ATOM 25   O "O3'" . DA A 1 2  ? 21.10677  23.94634  42.15542  1.000 220.05000 ?  2  DA A "O3'" 1 
ATOM 26   C "C2'" . DA A 1 2  ? 22.63766  22.19754  42.62600  1.000 232.05000 ?  2  DA A "C2'" 1 
ATOM 27   C "C1'" . DA A 1 2  ? 23.75842  23.19542  42.42951  1.000 238.08000 ?  2  DA A "C1'" 1 
ATOM 28   N N9    . DA A 1 2  ? 25.04669  22.57023  42.21744  1.000 251.70000 ?  2  DA A N9    1 
ATOM 29   C C8    . DA A 1 2  ? 25.40089  21.30869  42.56893  1.000 253.02000 ?  2  DA A C8    1 
ATOM 30   N N7    . DA A 1 2  ? 26.62024  20.98835  42.24390  1.000 255.53000 ?  2  DA A N7    1 
ATOM 31   C C5    . DA A 1 2  ? 27.10082  22.11179  41.63222  1.000 269.73000 ?  2  DA A C5    1 
ATOM 32   C C6    . DA A 1 2  ? 28.33308  22.40839  41.06303  1.000 293.39000 ?  2  DA A C6    1 
ATOM 33   N N6    . DA A 1 2  ? 29.35422  21.54155  41.02126  1.000 303.10000 ?  2  DA A N6    1 
ATOM 34   N N1    . DA A 1 2  ? 28.48954  23.62721  40.53643  1.000 311.38000 ?  2  DA A N1    1 
ATOM 35   C C2    . DA A 1 2  ? 27.46168  24.48561  40.57467  1.000 295.60000 ?  2  DA A C2    1 
ATOM 36   N N3    . DA A 1 2  ? 26.25755  24.32287  41.09040  1.000 266.76000 ?  2  DA A N3    1 
ATOM 37   C C4    . DA A 1 2  ? 26.14324  23.10534  41.61108  1.000 262.36000 ?  2  DA A C4    1 
ATOM 38   P P     . DG A 1 3  ? 19.85520  24.92636  42.38510  1.000 218.37000 ?  3  DG A P     1 
ATOM 39   O OP1   . DG A 1 3  ? 19.35716  24.82708  43.78842  1.000 209.71000 ?  3  DG A OP1   1 
ATOM 40   O OP2   . DG A 1 3  ? 18.92835  24.69301  41.25899  1.000 226.91000 -1 3  DG A OP2   1 
ATOM 41   O "O5'" . DG A 1 3  ? 20.50367  26.34263  42.06686  1.000 222.80000 ?  3  DG A "O5'" 1 
ATOM 42   C "C5'" . DG A 1 3  ? 21.92361  26.42807  41.93520  1.000 229.07000 ?  3  DG A "C5'" 1 
ATOM 43   C "C4'" . DG A 1 3  ? 22.32689  26.54515  40.48687  1.000 229.82000 ?  3  DG A "C4'" 1 
ATOM 44   O "O4'" . DG A 1 3  ? 23.42619  25.67316  40.19432  1.000 236.89000 ?  3  DG A "O4'" 1 
ATOM 45   C "C3'" . DG A 1 3  ? 21.23870  26.19254  39.48507  1.000 224.84000 ?  3  DG A "C3'" 1 
ATOM 46   O "O3'" . DG A 1 3  ? 20.91687  27.35810  38.78166  1.000 222.59000 ?  3  DG A "O3'" 1 
ATOM 47   C "C2'" . DG A 1 3  ? 21.89163  25.11807  38.59692  1.000 231.24000 ?  3  DG A "C2'" 1 
ATOM 48   C "C1'" . DG A 1 3  ? 23.35589  25.40252  38.84255  1.000 240.95000 ?  3  DG A "C1'" 1 
ATOM 49   N N9    . DG A 1 3  ? 24.26605  24.32222  38.57846  1.000 259.01000 ?  3  DG A N9    1 
ATOM 50   C C8    . DG A 1 3  ? 24.32995  23.11304  39.21567  1.000 263.03000 ?  3  DG A C8    1 
ATOM 51   N N7    . DG A 1 3  ? 25.30752  22.36645  38.79504  1.000 280.55000 ?  3  DG A N7    1 
ATOM 52   C C5    . DG A 1 3  ? 25.93141  23.14522  37.82345  1.000 291.32000 ?  3  DG A C5    1 
ATOM 53   C C6    . DG A 1 3  ? 27.03763  22.86640  36.99600  1.000 318.97000 ?  3  DG A C6    1 
ATOM 54   O O6    . DG A 1 3  ? 27.73595  21.84545  36.96342  1.000 331.56000 ?  3  DG A O6    1 
ATOM 55   N N1    . DG A 1 3  ? 27.33462  23.93700  36.15295  1.000 341.22000 ?  3  DG A N1    1 
ATOM 56   C C2    . DG A 1 3  ? 26.64122  25.11966  36.11797  1.000 332.47000 ?  3  DG A C2    1 
ATOM 57   N N2    . DG A 1 3  ? 27.05910  26.02802  35.23539  1.000 367.26000 ?  3  DG A N2    1 
ATOM 58   N N3    . DG A 1 3  ? 25.60852  25.38544  36.88476  1.000 289.16000 ?  3  DG A N3    1 
ATOM 59   C C4    . DG A 1 3  ? 25.30571  24.35732  37.70451  1.000 277.74000 ?  3  DG A C4    1 
ATOM 60   P P     . DC A 1 4  ? 19.80889  27.34400  37.63665  1.000 216.70000 ?  4  DC A P     1 
ATOM 61   O OP1   . DC A 1 4  ? 19.02484  28.59550  37.70221  1.000 206.28000 ?  4  DC A OP1   1 
ATOM 62   O OP2   . DC A 1 4  ? 19.06455  26.08975  37.79730  1.000 228.61000 -1 4  DC A OP2   1 
ATOM 63   O "O5'" . DC A 1 4  ? 20.69737  27.29383  36.31183  1.000 226.42000 ?  4  DC A "O5'" 1 
ATOM 64   C "C5'" . DC A 1 4  ? 21.91559  28.03767  36.26265  1.000 235.99000 ?  4  DC A "C5'" 1 
ATOM 65   C "C4'" . DC A 1 4  ? 22.75846  27.57539  35.10702  1.000 235.54000 ?  4  DC A "C4'" 1 
ATOM 66   O "O4'" . DC A 1 4  ? 23.55606  26.46042  35.53635  1.000 239.75000 ?  4  DC A "O4'" 1 
ATOM 67   C "C3'" . DC A 1 4  ? 21.93239  27.07123  33.94291  1.000 229.79000 ?  4  DC A "C3'" 1 
ATOM 68   O "O3'" . DC A 1 4  ? 21.79894  28.09163  32.92551  1.000 224.89000 ?  4  DC A "O3'" 1 
ATOM 69   C "C2'" . DC A 1 4  ? 22.70198  25.85904  33.43102  1.000 243.47000 ?  4  DC A "C2'" 1 
ATOM 70   C "C1'" . DC A 1 4  ? 23.79932  25.61004  34.45319  1.000 249.09000 ?  4  DC A "C1'" 1 
ATOM 71   N N1    . DC A 1 4  ? 23.80736  24.21820  34.96382  1.000 260.70000 ?  4  DC A N1    1 
ATOM 72   C C2    . DC A 1 4  ? 24.76580  23.30740  34.52546  1.000 276.64000 ?  4  DC A C2    1 
ATOM 73   O O2    . DC A 1 4  ? 25.62134  23.68990  33.71785  1.000 284.99000 ?  4  DC A O2    1 
ATOM 74   N N3    . DC A 1 4  ? 24.74463  22.03501  35.00748  1.000 281.12000 ?  4  DC A N3    1 
ATOM 75   C C4    . DC A 1 4  ? 23.80276  21.67052  35.88744  1.000 278.26000 ?  4  DC A C4    1 
ATOM 76   N N4    . DC A 1 4  ? 23.80662  20.40476  36.34127  1.000 283.44000 ?  4  DC A N4    1 
ATOM 77   C C5    . DC A 1 4  ? 22.81630  22.58957  36.33750  1.000 272.01000 ?  4  DC A C5    1 
ATOM 78   C C6    . DC A 1 4  ? 22.85161  23.83128  35.84343  1.000 258.39000 ?  4  DC A C6    1 
ATOM 79   P P     . DA A 1 5  ? 20.82988  27.86390  31.65915  1.000 214.42000 ?  5  DA A P     1 
ATOM 80   O OP1   . DA A 1 5  ? 20.04895  29.09689  31.38813  1.000 201.17000 ?  5  DA A OP1   1 
ATOM 81   O OP2   . DA A 1 5  ? 20.04074  26.67530  32.02970  1.000 212.11000 -1 5  DA A OP2   1 
ATOM 82   O "O5'" . DA A 1 5  ? 21.83775  27.46184  30.42772  1.000 227.52000 ?  5  DA A "O5'" 1 
ATOM 83   C "C5'" . DA A 1 5  ? 22.77350  28.44488  29.80094  1.000 225.06000 ?  5  DA A "C5'" 1 
ATOM 84   C "C4'" . DA A 1 5  ? 23.93913  27.77304  29.02017  1.000 235.20000 ?  5  DA A "C4'" 1 
ATOM 85   O "O4'" . DA A 1 5  ? 24.57202  26.72892  29.83817  1.000 244.17000 ?  5  DA A "O4'" 1 
ATOM 86   C "C3'" . DA A 1 5  ? 23.54501  27.09877  27.70389  1.000 240.73000 ?  5  DA A "C3'" 1 
ATOM 87   O "O3'" . DA A 1 5  ? 24.48799  27.32418  26.64711  1.000 237.03000 ?  5  DA A "O3'" 1 
ATOM 88   C "C2'" . DA A 1 5  ? 23.52283  25.62945  28.06811  1.000 248.85000 ?  5  DA A "C2'" 1 
ATOM 89   C "C1'" . DA A 1 5  ? 24.62130  25.50952  29.11448  1.000 249.31000 ?  5  DA A "C1'" 1 
ATOM 90   N N9    . DA A 1 5  ? 24.31097  24.39439  30.01407  1.000 255.07000 ?  5  DA A N9    1 
ATOM 91   C C8    . DA A 1 5  ? 23.31218  24.36608  30.92808  1.000 253.42000 ?  5  DA A C8    1 
ATOM 92   N N7    . DA A 1 5  ? 23.18142  23.23145  31.56336  1.000 260.24000 ?  5  DA A N7    1 
ATOM 93   C C5    . DA A 1 5  ? 24.13575  22.43473  30.98366  1.000 259.53000 ?  5  DA A C5    1 
ATOM 94   C C6    . DA A 1 5  ? 24.47354  21.10730  31.22160  1.000 258.35000 ?  5  DA A C6    1 
ATOM 95   N N6    . DA A 1 5  ? 23.85180  20.37759  32.13615  1.000 258.82000 ?  5  DA A N6    1 
ATOM 96   N N1    . DA A 1 5  ? 25.47099  20.57359  30.48314  1.000 255.46000 ?  5  DA A N1    1 
ATOM 97   C C2    . DA A 1 5  ? 26.08376  21.33168  29.56831  1.000 252.75000 ?  5  DA A C2    1 
ATOM 98   N N3    . DA A 1 5  ? 25.84634  22.61184  29.25489  1.000 253.89000 ?  5  DA A N3    1 
ATOM 99   C C4    . DA A 1 5  ? 24.84190  23.10310  30.00366  1.000 257.66000 ?  5  DA A C4    1 
ATOM 100  P P     . DG A 1 6  ? 24.28465  26.52477  25.25680  1.000 241.54000 ?  6  DG A P     1 
ATOM 101  O OP1   . DG A 1 6  ? 25.12970  27.11709  24.21619  1.000 253.46000 ?  6  DG A OP1   1 
ATOM 102  O OP2   . DG A 1 6  ? 22.82594  26.38689  25.03105  1.000 236.84000 -1 6  DG A OP2   1 
ATOM 103  O "O5'" . DG A 1 6  ? 24.88827  25.05758  25.50148  1.000 247.57000 ?  6  DG A "O5'" 1 
ATOM 104  C "C5'" . DG A 1 6  ? 26.27581  24.78401  25.27353  1.000 242.61000 ?  6  DG A "C5'" 1 
ATOM 105  C "C4'" . DG A 1 6  ? 26.53369  23.27899  25.25721  1.000 249.96000 ?  6  DG A "C4'" 1 
ATOM 106  O "O4'" . DG A 1 6  ? 25.86476  22.64840  26.39944  1.000 252.79000 ?  6  DG A "O4'" 1 
ATOM 107  C "C3'" . DG A 1 6  ? 26.02293  22.53158  24.01281  1.000 243.98000 ?  6  DG A "C3'" 1 
ATOM 108  O "O3'" . DG A 1 6  ? 27.01608  21.53094  23.57813  1.000 255.57000 ?  6  DG A "O3'" 1 
ATOM 109  C "C2'" . DG A 1 6  ? 24.72071  21.89232  24.52563  1.000 241.64000 ?  6  DG A "C2'" 1 
ATOM 110  C "C1'" . DG A 1 6  ? 25.12406  21.52923  25.94214  1.000 249.28000 ?  6  DG A "C1'" 1 
ATOM 111  N N9    . DG A 1 6  ? 23.98506  21.27417  26.84691  1.000 242.37000 ?  6  DG A N9    1 
ATOM 112  C C8    . DG A 1 6  ? 22.93318  22.12172  27.11669  1.000 237.30000 ?  6  DG A C8    1 
ATOM 113  N N7    . DG A 1 6  ? 22.06112  21.62721  27.95212  1.000 236.18000 ?  6  DG A N7    1 
ATOM 114  C C5    . DG A 1 6  ? 22.56042  20.37661  28.26123  1.000 233.28000 ?  6  DG A C5    1 
ATOM 115  C C6    . DG A 1 6  ? 22.04373  19.39662  29.11597  1.000 231.06000 ?  6  DG A C6    1 
ATOM 116  O O6    . DG A 1 6  ? 20.99606  19.44099  29.79514  1.000 222.45000 ?  6  DG A O6    1 
ATOM 117  N N1    . DG A 1 6  ? 22.86354  18.26049  29.14473  1.000 234.13000 ?  6  DG A N1    1 
ATOM 118  C C2    . DG A 1 6  ? 24.04145  18.10651  28.43058  1.000 237.29000 ?  6  DG A C2    1 
ATOM 119  N N2    . DG A 1 6  ? 24.68464  16.93262  28.58319  1.000 237.30000 ?  6  DG A N2    1 
ATOM 120  N N3    . DG A 1 6  ? 24.53939  19.02983  27.62408  1.000 241.36000 ?  6  DG A N3    1 
ATOM 121  C C4    . DG A 1 6  ? 23.74952  20.13748  27.58365  1.000 239.20000 ?  6  DG A C4    1 
ATOM 122  P P     . DC A 1 7  ? 26.58408  20.23716  22.71452  1.000 248.22000 ?  7  DC A P     1 
ATOM 123  O OP1   . DC A 1 7  ? 27.72282  19.77041  21.89457  1.000 244.20000 ?  7  DC A OP1   1 
ATOM 124  O OP2   . DC A 1 7  ? 25.34484  20.62918  22.01455  1.000 242.37000 -1 7  DC A OP2   1 
ATOM 125  O "O5'" . DC A 1 7  ? 26.29726  19.09373  23.81707  1.000 240.19000 ?  7  DC A "O5'" 1 
ATOM 126  C "C5'" . DC A 1 7  ? 27.37432  18.25387  24.30363  1.000 236.03000 ?  7  DC A "C5'" 1 
ATOM 127  C "C4'" . DC A 1 7  ? 26.90296  16.83296  24.59954  1.000 225.34000 ?  7  DC A "C4'" 1 
ATOM 128  O "O4'" . DC A 1 7  ? 25.59585  16.84937  25.22811  1.000 223.67000 ?  7  DC A "O4'" 1 
ATOM 129  C "C3'" . DC A 1 7  ? 26.70331  15.94430  23.39235  1.000 212.47000 ?  7  DC A "C3'" 1 
ATOM 130  O "O3'" . DC A 1 7  ? 26.62178  14.62738  23.87046  1.000 207.33000 ?  7  DC A "O3'" 1 
ATOM 131  C "C2'" . DC A 1 7  ? 25.34014  16.41938  22.92864  1.000 214.29000 ?  7  DC A "C2'" 1 
ATOM 132  C "C1'" . DC A 1 7  ? 24.62657  16.45354  24.27499  1.000 215.64000 ?  7  DC A "C1'" 1 
ATOM 133  N N1    . DC A 1 7  ? 23.50623  17.39658  24.34857  1.000 220.15000 ?  7  DC A N1    1 
ATOM 134  C C2    . DC A 1 7  ? 22.52775  17.18380  25.32533  1.000 221.01000 ?  7  DC A C2    1 
ATOM 135  O O2    . DC A 1 7  ? 22.63342  16.19877  26.06867  1.000 217.38000 ?  7  DC A O2    1 
ATOM 136  N N3    . DC A 1 7  ? 21.50359  18.05964  25.40778  1.000 222.72000 ?  7  DC A N3    1 
ATOM 137  C C4    . DC A 1 7  ? 21.43288  19.10599  24.59000  1.000 223.70000 ?  7  DC A C4    1 
ATOM 138  N N4    . DC A 1 7  ? 20.40403  19.93680  24.72525  1.000 222.05000 ?  7  DC A N4    1 
ATOM 139  C C5    . DC A 1 7  ? 22.42928  19.34007  23.58307  1.000 224.88000 ?  7  DC A C5    1 
ATOM 140  C C6    . DC A 1 7  ? 23.43402  18.46379  23.49936  1.000 222.55000 ?  7  DC A C6    1 
ATOM 141  P P     . DC A 1 8  ? 26.66023  13.37149  22.87500  1.000 202.34000 ?  8  DC A P     1 
ATOM 142  O OP1   . DC A 1 8  ? 28.06853  12.94770  22.69795  1.000 205.54000 ?  8  DC A OP1   1 
ATOM 143  O OP2   . DC A 1 8  ? 25.83114  13.71029  21.70910  1.000 206.70000 -1 8  DC A OP2   1 
ATOM 144  O "O5'" . DC A 1 8  ? 25.90938  12.25618  23.70678  1.000 194.49000 ?  8  DC A "O5'" 1 
ATOM 145  C "C5'" . DC A 1 8  ? 26.09545  12.20231  25.08970  1.000 197.24000 ?  8  DC A "C5'" 1 
ATOM 146  C "C4'" . DC A 1 8  ? 25.05706  11.30642  25.67572  1.000 196.78000 ?  8  DC A "C4'" 1 
ATOM 147  O "O4'" . DC A 1 8  ? 24.03857  12.10106  26.35931  1.000 188.10000 ?  8  DC A "O4'" 1 
ATOM 148  C "C3'" . DC A 1 8  ? 24.27282  10.52322  24.62820  1.000 194.08000 ?  8  DC A "C3'" 1 
ATOM 149  O "O3'" . DC A 1 8  ? 24.96255  9.31942   24.22855  1.000 196.17000 ?  8  DC A "O3'" 1 
ATOM 150  C "C2'" . DC A 1 8  ? 23.01620  10.22291  25.40800  1.000 195.01000 ?  8  DC A "C2'" 1 
ATOM 151  C "C1'" . DC A 1 8  ? 22.75678  11.58109  26.01710  1.000 192.30000 ?  8  DC A "C1'" 1 
ATOM 152  N N1    . DC A 1 8  ? 22.16152  12.48552  25.08073  1.000 190.11000 ?  8  DC A N1    1 
ATOM 153  C C2    . DC A 1 8  ? 20.88293  12.24193  24.62931  1.000 190.31000 ?  8  DC A C2    1 
ATOM 154  O O2    . DC A 1 8  ? 20.27498  11.28316  25.07683  1.000 184.08000 ?  8  DC A O2    1 
ATOM 155  N N3    . DC A 1 8  ? 20.34385  13.05946  23.72064  1.000 187.27000 ?  8  DC A N3    1 
ATOM 156  C C4    . DC A 1 8  ? 21.03472  14.10615  23.28038  1.000 198.52000 ?  8  DC A C4    1 
ATOM 157  N N4    . DC A 1 8  ? 20.45071  14.91573  22.39880  1.000 205.19000 ?  8  DC A N4    1 
ATOM 158  C C5    . DC A 1 8  ? 22.34843  14.36582  23.72490  1.000 199.05000 ?  8  DC A C5    1 
ATOM 159  C C6    . DC A 1 8  ? 22.86916  13.54195  24.61974  1.000 197.43000 ?  8  DC A C6    1 
ATOM 160  P P     . DT A 1 9  ? 24.17453  8.10603   23.50400  1.000 200.97000 ?  9  DT A P     1 
ATOM 161  O OP1   . DT A 1 9  ? 25.28094  7.33507   22.86148  1.000 200.35000 ?  9  DT A OP1   1 
ATOM 162  O OP2   . DT A 1 9  ? 23.06970  8.70809   22.69341  1.000 194.67000 -1 9  DT A OP2   1 
ATOM 163  O "O5'" . DT A 1 9  ? 23.49214  7.24229   24.72233  1.000 201.25000 ?  9  DT A "O5'" 1 
ATOM 164  C "C5'" . DT A 1 9  ? 22.65994  6.06166   24.47378  1.000 196.49000 ?  9  DT A "C5'" 1 
ATOM 165  C "C4'" . DT A 1 9  ? 21.55291  5.91738   25.53327  1.000 199.80000 ?  9  DT A "C4'" 1 
ATOM 166  O "O4'" . DT A 1 9  ? 21.25264  7.22815   26.12593  1.000 198.97000 ?  9  DT A "O4'" 1 
ATOM 167  C "C3'" . DT A 1 9  ? 20.19460  5.45291   25.00297  1.000 206.07000 ?  9  DT A "C3'" 1 
ATOM 168  O "O3'" . DT A 1 9  ? 20.10290  4.02642   24.83450  1.000 212.72000 ?  9  DT A "O3'" 1 
ATOM 169  C "C2'" . DT A 1 9  ? 19.25066  5.99027   26.08165  1.000 205.45000 ?  9  DT A "C2'" 1 
ATOM 170  C "C1'" . DT A 1 9  ? 19.83183  7.38630   26.26744  1.000 198.99000 ?  9  DT A "C1'" 1 
ATOM 171  N N1    . DT A 1 9  ? 19.27076  8.45621   25.23827  1.000 193.52000 ?  9  DT A N1    1 
ATOM 172  C C2    . DT A 1 9  ? 18.40444  9.42330   25.70773  1.000 187.66000 ?  9  DT A C2    1 
ATOM 173  O O2    . DT A 1 9  ? 18.08231  9.52223   26.87080  1.000 181.92000 ?  9  DT A O2    1 
ATOM 174  N N3    . DT A 1 9  ? 17.96844  10.30452  24.73850  1.000 184.18000 ?  9  DT A N3    1 
ATOM 175  C C4    . DT A 1 9  ? 18.26636  10.28611  23.38502  1.000 184.53000 ?  9  DT A C4    1 
ATOM 176  O O4    . DT A 1 9  ? 17.81961  11.10430  22.60338  1.000 181.50000 ?  9  DT A O4    1 
ATOM 177  C C5    . DT A 1 9  ? 19.15803  9.24442   22.94265  1.000 185.28000 ?  9  DT A C5    1 
ATOM 178  C C7    . DT A 1 9  ? 19.55270  9.12739   21.49234  1.000 172.99000 ?  9  DT A C7    1 
ATOM 179  C C6    . DT A 1 9  ? 19.60780  8.38934   23.88457  1.000 192.75000 ?  9  DT A C6    1 
ATOM 180  P P     . DG A 1 10 ? 19.34899  3.42437   23.53327  1.000 219.52000 ?  10 DG A P     1 
ATOM 181  O OP1   . DG A 1 10 ? 20.00826  2.12918   23.27050  1.000 225.71000 ?  10 DG A OP1   1 
ATOM 182  O OP2   . DG A 1 10 ? 19.39987  4.46940   22.45739  1.000 204.85000 -1 10 DG A OP2   1 
ATOM 183  O "O5'" . DG A 1 10 ? 17.77652  3.25099   23.97691  1.000 207.07000 ?  10 DG A "O5'" 1 
ATOM 184  C "C5'" . DG A 1 10 ? 17.23662  2.09583   24.75890  1.000 195.34000 ?  10 DG A "C5'" 1 
ATOM 185  C "C4'" . DG A 1 10 ? 15.92182  2.49495   25.46758  1.000 183.62000 ?  10 DG A "C4'" 1 
ATOM 186  O "O4'" . DG A 1 10 ? 15.75773  3.95106   25.40515  1.000 190.87000 ?  10 DG A "O4'" 1 
ATOM 187  C "C3'" . DG A 1 10 ? 14.63662  1.99974   24.83416  1.000 172.66000 ?  10 DG A "C3'" 1 
ATOM 188  O "O3'" . DG A 1 10 ? 13.53711  2.23636   25.77771  1.000 168.18000 ?  10 DG A "O3'" 1 
ATOM 189  C "C2'" . DG A 1 10 ? 14.56893  2.95894   23.66105  1.000 172.33000 ?  10 DG A "C2'" 1 
ATOM 190  C "C1'" . DG A 1 10 ? 14.77135  4.26235   24.41276  1.000 182.94000 ?  10 DG A "C1'" 1 
ATOM 191  N N9    . DG A 1 10 ? 15.22271  5.41009   23.58997  1.000 187.39000 ?  10 DG A N9    1 
ATOM 192  C C8    . DG A 1 10 ? 16.37126  5.50061   22.82651  1.000 191.00000 ?  10 DG A C8    1 
ATOM 193  N N7    . DG A 1 10 ? 16.52649  6.65234   22.22151  1.000 197.93000 ?  10 DG A N7    1 
ATOM 194  C C5    . DG A 1 10 ? 15.40925  7.37925   22.60925  1.000 192.05000 ?  10 DG A C5    1 
ATOM 195  C C6    . DG A 1 10 ? 15.02677  8.70059   22.27193  1.000 194.74000 ?  10 DG A C6    1 
ATOM 196  O O6    . DG A 1 10 ? 15.62315  9.51601   21.53408  1.000 199.08000 ?  10 DG A O6    1 
ATOM 197  N N1    . DG A 1 10 ? 13.80539  9.04506   22.87827  1.000 186.03000 ?  10 DG A N1    1 
ATOM 198  C C2    . DG A 1 10 ? 13.05550  8.22567   23.70495  1.000 179.78000 ?  10 DG A C2    1 
ATOM 199  N N2    . DG A 1 10 ? 11.90559  8.75316   24.18399  1.000 173.05000 ?  10 DG A N2    1 
ATOM 200  N N3    . DG A 1 10 ? 13.40302  6.98162   24.02281  1.000 183.27000 ?  10 DG A N3    1 
ATOM 201  C C4    . DG A 1 10 ? 14.58882  6.62959   23.44772  1.000 187.16000 ?  10 DG A C4    1 
ATOM 202  P P     . DA A 1 11 ? 12.00375  2.39932   25.29150  1.000 156.79000 ?  11 DA A P     1 
ATOM 203  O OP1   . DA A 1 11 ? 11.08605  1.86127   26.31752  1.000 155.75000 ?  11 DA A OP1   1 
ATOM 204  O OP2   . DA A 1 11 ? 11.95029  1.88406   23.91744  1.000 163.82000 -1 11 DA A OP2   1 
ATOM 205  O "O5'" . DA A 1 11 ? 11.73127  3.97011   25.26659  1.000 162.02000 ?  11 DA A "O5'" 1 
ATOM 206  C "C5'" . DA A 1 11 ? 10.48016  4.47233   25.73820  1.000 156.17000 ?  11 DA A "C5'" 1 
ATOM 207  C "C4'" . DA A 1 11 ? 9.66781   5.06983   24.60620  1.000 154.97000 ?  11 DA A "C4'" 1 
ATOM 208  O "O4'" . DA A 1 11 ? 10.54264  5.86225   23.75519  1.000 159.52000 ?  11 DA A "O4'" 1 
ATOM 209  C "C3'" . DA A 1 11 ? 9.00110   4.04616   23.69160  1.000 152.13000 ?  11 DA A "C3'" 1 
ATOM 210  O "O3'" . DA A 1 11 ? 7.69066   4.48926   23.21053  1.000 145.58000 ?  11 DA A "O3'" 1 
ATOM 211  C "C2'" . DA A 1 11 ? 9.98857   3.95390   22.54737  1.000 161.14000 ?  11 DA A "C2'" 1 
ATOM 212  C "C1'" . DA A 1 11 ? 10.45328  5.38895   22.44541  1.000 165.13000 ?  11 DA A "C1'" 1 
ATOM 213  N N9    . DA A 1 11 ? 11.73481  5.51603   21.79438  1.000 172.03000 ?  11 DA A N9    1 
ATOM 214  C C8    . DA A 1 11 ? 12.73369  4.59385   21.77578  1.000 173.08000 ?  11 DA A C8    1 
ATOM 215  N N7    . DA A 1 11 ? 13.78232  4.95745   21.07524  1.000 177.87000 ?  11 DA A N7    1 
ATOM 216  C C5    . DA A 1 11 ? 13.41804  6.18976   20.56727  1.000 180.70000 ?  11 DA A C5    1 
ATOM 217  C C6    . DA A 1 11 ? 14.08724  7.11209   19.74262  1.000 186.21000 ?  11 DA A C6    1 
ATOM 218  N N6    . DA A 1 11 ? 15.33433  6.92067   19.25765  1.000 190.60000 ?  11 DA A N6    1 
ATOM 219  N N1    . DA A 1 11 ? 13.41968  8.25674   19.44490  1.000 187.85000 ?  11 DA A N1    1 
ATOM 220  C C2    . DA A 1 11 ? 12.17406  8.44590   19.94209  1.000 186.02000 ?  11 DA A C2    1 
ATOM 221  N N3    . DA A 1 11 ? 11.45342  7.64475   20.71974  1.000 178.43000 ?  11 DA A N3    1 
ATOM 222  C C4    . DA A 1 11 ? 12.13788  6.53139   21.00446  1.000 179.45000 ?  11 DA A C4    1 
ATOM 223  P P     . DA A 1 12 ? 6.84286   5.67062   23.88725  1.000 136.36000 ?  12 DA A P     1 
ATOM 224  O OP1   . DA A 1 12 ? 7.62729   6.90441   23.58791  1.000 149.96000 ?  12 DA A OP1   1 
ATOM 225  O OP2   . DA A 1 12 ? 6.53608   5.23873   25.27751  1.000 138.96000 -1 12 DA A OP2   1 
ATOM 226  O "O5'" . DA A 1 12 ? 5.42492   5.67589   23.08682  1.000 147.78000 ?  12 DA A "O5'" 1 
ATOM 227  C "C5'" . DA A 1 12 ? 4.41173   6.68429   23.33663  1.000 149.53000 ?  12 DA A "C5'" 1 
ATOM 228  C "C4'" . DA A 1 12 ? 4.60481   7.86294   22.39308  1.000 155.79000 ?  12 DA A "C4'" 1 
ATOM 229  O "O4'" . DA A 1 12 ? 5.99980   7.91484   22.02796  1.000 156.61000 ?  12 DA A "O4'" 1 
ATOM 230  C "C3'" . DA A 1 12 ? 3.82071   7.80940   21.06196  1.000 160.41000 ?  12 DA A "C3'" 1 
ATOM 231  O "O3'" . DA A 1 12 ? 3.02476   9.02278   20.84896  1.000 163.33000 ?  12 DA A "O3'" 1 
ATOM 232  C "C2'" . DA A 1 12 ? 4.89708   7.65761   19.99609  1.000 171.78000 ?  12 DA A "C2'" 1 
ATOM 233  C "C1'" . DA A 1 12 ? 6.14119   8.17136   20.66448  1.000 168.89000 ?  12 DA A "C1'" 1 
ATOM 234  N N9    . DA A 1 12 ? 7.26329   7.43593   20.21565  1.000 175.20000 ?  12 DA A N9    1 
ATOM 235  C C8    . DA A 1 12 ? 7.74154   6.29833   20.74556  1.000 166.29000 ?  12 DA A C8    1 
ATOM 236  N N7    . DA A 1 12 ? 8.74617   5.80770   20.09668  1.000 172.92000 ?  12 DA A N7    1 
ATOM 237  C C5    . DA A 1 12 ? 8.91616   6.67517   19.06694  1.000 184.14000 ?  12 DA A C5    1 
ATOM 238  C C6    . DA A 1 12 ? 9.83055   6.70489   18.02901  1.000 200.16000 ?  12 DA A C6    1 
ATOM 239  N N6    . DA A 1 12 ? 10.78276  5.78686   17.86061  1.000 198.46000 ?  12 DA A N6    1 
ATOM 240  N N1    . DA A 1 12 ? 9.71679   7.71094   17.15280  1.000 207.53000 ?  12 DA A N1    1 
ATOM 241  C C2    . DA A 1 12 ? 8.76618   8.63280   17.34387  1.000 199.92000 ?  12 DA A C2    1 
ATOM 242  N N3    . DA A 1 12 ? 7.84064   8.68812   18.27859  1.000 188.35000 ?  12 DA A N3    1 
ATOM 243  C C4    . DA A 1 12 ? 7.98658   7.67691   19.11816  1.000 185.94000 ?  12 DA A C4    1 
ATOM 244  P P     . DT A 1 13 ? 2.65375   9.55525   19.35859  1.000 154.14000 ?  13 DT A P     1 
ATOM 245  O OP1   . DT A 1 13 ? 1.58656   10.58625  19.45824  1.000 161.89000 ?  13 DT A OP1   1 
ATOM 246  O OP2   . DT A 1 13 ? 2.44924   8.40330   18.48653  1.000 172.63000 -1 13 DT A OP2   1 
ATOM 247  O "O5'" . DT A 1 13 ? 3.98174   10.22690  18.81065  1.000 177.37000 ?  13 DT A "O5'" 1 
ATOM 248  C "C5'" . DT A 1 13 ? 3.86850   11.32758  17.96851  1.000 185.53000 ?  13 DT A "C5'" 1 
ATOM 249  C "C4'" . DT A 1 13 ? 4.28861   10.95730  16.58598  1.000 206.90000 ?  13 DT A "C4'" 1 
ATOM 250  O "O4'" . DT A 1 13 ? 5.39349   10.02404  16.67832  1.000 202.73000 ?  13 DT A "O4'" 1 
ATOM 251  C "C3'" . DT A 1 13 ? 3.20017   10.24725  15.75852  1.000 222.73000 ?  13 DT A "C3'" 1 
ATOM 252  O "O3'" . DT A 1 13 ? 3.15725   10.76618  14.38786  1.000 235.01000 ?  13 DT A "O3'" 1 
ATOM 253  C "C2'" . DT A 1 13 ? 3.69394   8.80864   15.77254  1.000 218.10000 ?  13 DT A "C2'" 1 
ATOM 254  C "C1'" . DT A 1 13 ? 5.16743   9.07433   15.70028  1.000 212.65000 ?  13 DT A "C1'" 1 
ATOM 255  N N1    . DT A 1 13 ? 6.00704   7.92013   15.89789  1.000 213.59000 ?  13 DT A N1    1 
ATOM 256  C C2    . DT A 1 13 ? 7.07124   7.79869   15.08327  1.000 229.15000 ?  13 DT A C2    1 
ATOM 257  O O2    . DT A 1 13 ? 7.36634   8.64448   14.26188  1.000 233.93000 ?  13 DT A O2    1 
ATOM 258  N N3    . DT A 1 13 ? 7.83002   6.68307   15.29901  1.000 225.42000 ?  13 DT A N3    1 
ATOM 259  C C4    . DT A 1 13 ? 7.59493   5.67954   16.21609  1.000 218.57000 ?  13 DT A C4    1 
ATOM 260  O O4    . DT A 1 13 ? 8.33638   4.71073   16.33354  1.000 207.94000 ?  13 DT A O4    1 
ATOM 261  C C5    . DT A 1 13 ? 6.43282   5.86221   17.02871  1.000 198.50000 ?  13 DT A C5    1 
ATOM 262  C C7    . DT A 1 13 ? 6.07902   4.82940   18.05245  1.000 194.86000 ?  13 DT A C7    1 
ATOM 263  C C6    . DT A 1 13 ? 5.68377   6.96075   16.83012  1.000 198.87000 ?  13 DT A C6    1 
ATOM 264  P P     . DA A 1 14 ? 2.20872   12.00362  13.94951  1.000 227.76000 ?  14 DA A P     1 
ATOM 265  O OP1   . DA A 1 14 ? 1.53845   12.56836  15.14424  1.000 218.39000 ?  14 DA A OP1   1 
ATOM 266  O OP2   . DA A 1 14 ? 1.41491   11.65733  12.75421  1.000 236.26000 -1 14 DA A OP2   1 
ATOM 267  O "O5'" . DA A 1 14 ? 3.25669   13.03446  13.38024  1.000 246.11000 ?  14 DA A "O5'" 1 
ATOM 268  C "C5'" . DA A 1 14 ? 4.61386   12.84818  13.70392  1.000 254.29000 ?  14 DA A "C5'" 1 
ATOM 269  C "C4'" . DA A 1 14 ? 5.41391   12.53655  12.47103  1.000 276.99000 ?  14 DA A "C4'" 1 
ATOM 270  O "O4'" . DA A 1 14 ? 6.08175   11.25801  12.62277  1.000 273.08000 ?  14 DA A "O4'" 1 
ATOM 271  C "C3'" . DA A 1 14 ? 4.60001   12.43767  11.18791  1.000 292.13000 ?  14 DA A "C3'" 1 
ATOM 272  O "O3'" . DA A 1 14 ? 5.36715   12.97627  10.16514  1.000 330.46000 ?  14 DA A "O3'" 1 
ATOM 273  C "C2'" . DA A 1 14 ? 4.46294   10.94294  11.02183  1.000 292.90000 ?  14 DA A "C2'" 1 
ATOM 274  C "C1'" . DA A 1 14 ? 5.83485   10.50495  11.47567  1.000 293.32000 ?  14 DA A "C1'" 1 
ATOM 275  N N9    . DA A 1 14 ? 5.86927   9.11327   11.82538  1.000 287.91000 ?  14 DA A N9    1 
ATOM 276  C C8    . DA A 1 14 ? 4.95971   8.45116   12.58246  1.000 274.24000 ?  14 DA A C8    1 
ATOM 277  N N7    . DA A 1 14 ? 5.22432   7.18345   12.73658  1.000 273.35000 ?  14 DA A N7    1 
ATOM 278  C C5    . DA A 1 14 ? 6.37628   6.99572   12.00418  1.000 288.07000 ?  14 DA A C5    1 
ATOM 279  C C6    . DA A 1 14 ? 7.16476   5.85968   11.76103  1.000 290.53000 ?  14 DA A C6    1 
ATOM 280  N N6    . DA A 1 14 ? 6.87970   4.65331   12.25731  1.000 286.02000 ?  14 DA A N6    1 
ATOM 281  N N1    . DA A 1 14 ? 8.25458   6.00711   10.98752  1.000 298.84000 ?  14 DA A N1    1 
ATOM 282  C C2    . DA A 1 14 ? 8.52969   7.21985   10.49950  1.000 310.93000 ?  14 DA A C2    1 
ATOM 283  N N3    . DA A 1 14 ? 7.87014   8.36584   10.66950  1.000 319.47000 ?  14 DA A N3    1 
ATOM 284  C C4    . DA A 1 14 ? 6.79128   8.17899   11.43725  1.000 301.76000 ?  14 DA A C4    1 
ATOM 285  P P     . DC A 1 15 ? 4.80868   13.12932  8.67325   1.000 366.29000 ?  15 DC A P     1 
ATOM 286  O OP1   . DC A 1 15 ? 4.73838   14.58184  8.39988   1.000 372.14000 ?  15 DC A OP1   1 
ATOM 287  O OP2   . DC A 1 15 ? 3.56879   12.34375  8.51282   1.000 356.16000 -1 15 DC A OP2   1 
ATOM 288  O "O5'" . DC A 1 15 ? 5.98417   12.47859  7.79033   1.000 408.06000 ?  15 DC A "O5'" 1 
ATOM 289  C "C5'" . DC A 1 15 ? 7.35238   12.88172  8.00834   1.000 414.32000 ?  15 DC A "C5'" 1 
ATOM 290  C "C4'" . DC A 1 15 ? 8.32853   12.07942  7.14958   1.000 448.26000 ?  15 DC A "C4'" 1 
ATOM 291  O "O4'" . DC A 1 15 ? 8.85380   10.96086  7.92165   1.000 417.63000 ?  15 DC A "O4'" 1 
ATOM 292  C "C3'" . DC A 1 15 ? 7.73672   11.44586  5.89594   1.000 484.02000 ?  15 DC A "C3'" 1 
ATOM 293  O "O3'" . DC A 1 15 ? 7.77085   12.34630  4.80500   1.000 531.64000 ?  15 DC A "O3'" 1 
ATOM 294  C "C2'" . DC A 1 15 ? 8.66463   10.25493  5.68675   1.000 478.42000 ?  15 DC A "C2'" 1 
ATOM 295  C "C1'" . DC A 1 15 ? 8.84678   9.78743   7.12525   1.000 428.71000 ?  15 DC A "C1'" 1 
ATOM 296  N N1    . DC A 1 15 ? 7.74343   8.89027   7.60509   1.000 423.42000 ?  15 DC A N1    1 
ATOM 297  C C2    . DC A 1 15 ? 7.85579   7.50731   7.44097   1.000 419.95000 ?  15 DC A C2    1 
ATOM 298  O O2    . DC A 1 15 ? 8.87489   7.03924   6.91256   1.000 398.58000 ?  15 DC A O2    1 
ATOM 299  N N3    . DC A 1 15 ? 6.84767   6.71359   7.88590   1.000 409.48000 ?  15 DC A N3    1 
ATOM 300  C C4    . DC A 1 15 ? 5.76731   7.25887   8.45376   1.000 411.18000 ?  15 DC A C4    1 
ATOM 301  N N4    . DC A 1 15 ? 4.79906   6.44164   8.87144   1.000 405.48000 ?  15 DC A N4    1 
ATOM 302  C C5    . DC A 1 15 ? 5.62803   8.66442   8.60871   1.000 405.52000 ?  15 DC A C5    1 
ATOM 303  C C6    . DC A 1 15 ? 6.62952   9.43275   8.19037   1.000 410.66000 ?  15 DC A C6    1 
ATOM 304  P P     . DT A 1 16 ? 6.51206   12.43432  3.80567   1.000 602.54000 ?  16 DT A P     1 
ATOM 305  O OP1   . DT A 1 16 ? 6.81505   13.43556  2.76163   1.000 602.54000 ?  16 DT A OP1   1 
ATOM 306  O OP2   . DT A 1 16 ? 5.29833   12.60350  4.63143   1.000 602.54000 -1 16 DT A OP2   1 
ATOM 307  O "O5'" . DT A 1 16 ? 6.44718   10.98263  3.13062   1.000 602.54000 ?  16 DT A "O5'" 1 
ATOM 308  C "C5'" . DT A 1 16 ? 7.47685   10.55987  2.24085   1.000 602.54000 ?  16 DT A "C5'" 1 
ATOM 309  C "C4'" . DT A 1 16 ? 7.43902   9.05662   2.04061   1.000 602.54000 ?  16 DT A "C4'" 1 
ATOM 310  O "O4'" . DT A 1 16 ? 7.01334   8.41597   3.27134   1.000 602.54000 ?  16 DT A "O4'" 1 
ATOM 311  C "C3'" . DT A 1 16 ? 6.47156   8.57064   0.95072   1.000 602.54000 ?  16 DT A "C3'" 1 
ATOM 312  O "O3'" . DT A 1 16 ? 7.10323   7.60897   0.14204   1.000 602.54000 ?  16 DT A "O3'" 1 
ATOM 313  C "C2'" . DT A 1 16 ? 5.33351   7.94370   1.74248   1.000 602.54000 ?  16 DT A "C2'" 1 
ATOM 314  C "C1'" . DT A 1 16 ? 6.07951   7.41976   2.95416   1.000 602.54000 ?  16 DT A "C1'" 1 
ATOM 315  N N1    . DT A 1 16 ? 5.20652   7.17556   4.10672   1.000 602.54000 ?  16 DT A N1    1 
ATOM 316  C C2    . DT A 1 16 ? 5.37354   6.03844   4.86222   1.000 602.54000 ?  16 DT A C2    1 
ATOM 317  O O2    . DT A 1 16 ? 6.23943   5.20919   4.64435   1.000 602.54000 ?  16 DT A O2    1 
ATOM 318  N N3    . DT A 1 16 ? 4.49242   5.91203   5.89864   1.000 602.54000 ?  16 DT A N3    1 
ATOM 319  C C4    . DT A 1 16 ? 3.47384   6.78480   6.23643   1.000 602.54000 ?  16 DT A C4    1 
ATOM 320  O O4    . DT A 1 16 ? 2.73020   6.58974   7.18935   1.000 602.54000 ?  16 DT A O4    1 
ATOM 321  C C5    . DT A 1 16 ? 3.35518   7.94880   5.39696   1.000 602.54000 ?  16 DT A C5    1 
ATOM 322  C C7    . DT A 1 16 ? 2.29135   8.96913   5.66612   1.000 602.98000 ?  16 DT A C7    1 
ATOM 323  C C6    . DT A 1 16 ? 4.21144   8.08015   4.38341   1.000 602.54000 ?  16 DT A C6    1 
ATOM 324  P P     . DG B 2 1  ? 14.41964  14.70556  33.77477  1.000 163.95000 ?  9  DG B P     1 
ATOM 325  O OP1   . DG B 2 1  ? 14.70135  13.49201  34.57274  1.000 171.11000 ?  9  DG B OP1   1 
ATOM 326  O OP2   . DG B 2 1  ? 14.82207  16.01859  34.30380  1.000 169.95000 -1 9  DG B OP2   1 
ATOM 327  O "O5'" . DG B 2 1  ? 14.98212  14.58664  32.27476  1.000 179.79000 ?  9  DG B "O5'" 1 
ATOM 328  C "C5'" . DG B 2 1  ? 14.66543  15.62279  31.31043  1.000 182.20000 ?  9  DG B "C5'" 1 
ATOM 329  C "C4'" . DG B 2 1  ? 13.78327  15.14648  30.13018  1.000 182.85000 ?  9  DG B "C4'" 1 
ATOM 330  O "O4'" . DG B 2 1  ? 14.27084  15.75631  28.92019  1.000 185.60000 ?  9  DG B "O4'" 1 
ATOM 331  C "C3'" . DG B 2 1  ? 13.76710  13.64813  29.82419  1.000 183.52000 ?  9  DG B "C3'" 1 
ATOM 332  O "O3'" . DG B 2 1  ? 12.69955  12.99570  30.52099  1.000 183.55000 ?  9  DG B "O3'" 1 
ATOM 333  C "C2'" . DG B 2 1  ? 13.56711  13.56022  28.29748  1.000 179.50000 ?  9  DG B "C2'" 1 
ATOM 334  C "C1'" . DG B 2 1  ? 13.94167  14.95164  27.79508  1.000 181.01000 ?  9  DG B "C1'" 1 
ATOM 335  N N9    . DG B 2 1  ? 15.07884  14.98593  26.87541  1.000 185.32000 ?  9  DG B N9    1 
ATOM 336  C C8    . DG B 2 1  ? 15.28256  15.92383  25.90375  1.000 182.31000 ?  9  DG B C8    1 
ATOM 337  N N7    . DG B 2 1  ? 16.38080  15.75721  25.24188  1.000 183.41000 ?  9  DG B N7    1 
ATOM 338  C C5    . DG B 2 1  ? 16.96600  14.64581  25.82244  1.000 190.93000 ?  9  DG B C5    1 
ATOM 339  C C6    . DG B 2 1  ? 18.16608  14.01178  25.49210  1.000 191.66000 ?  9  DG B C6    1 
ATOM 340  O O6    . DG B 2 1  ? 18.95328  14.34398  24.64262  1.000 192.40000 ?  9  DG B O6    1 
ATOM 341  N N1    . DG B 2 1  ? 18.42532  12.90868  26.28843  1.000 192.61000 ?  9  DG B N1    1 
ATOM 342  C C2    . DG B 2 1  ? 17.60534  12.46585  27.28867  1.000 193.41000 ?  9  DG B C2    1 
ATOM 343  N N2    . DG B 2 1  ? 18.02227  11.37668  27.95788  1.000 195.89000 ?  9  DG B N2    1 
ATOM 344  N N3    . DG B 2 1  ? 16.45159  13.05405  27.61380  1.000 190.56000 ?  9  DG B N3    1 
ATOM 345  C C4    . DG B 2 1  ? 16.19676  14.14959  26.83968  1.000 188.30000 ?  9  DG B C4    1 
ATOM 346  P P     . DG B 2 2  ? 13.02806  11.95602  31.70832  1.000 193.37000 ?  10 DG B P     1 
ATOM 347  O OP1   . DG B 2 2  ? 12.55761  10.58995  31.29706  1.000 182.80000 ?  10 DG B OP1   1 
ATOM 348  O OP2   . DG B 2 2  ? 12.41585  12.62480  32.90065  1.000 186.44000 -1 10 DG B OP2   1 
ATOM 349  O "O5'" . DG B 2 2  ? 14.67164  11.97699  31.83049  1.000 196.91000 ?  10 DG B "O5'" 1 
ATOM 350  C "C5'" . DG B 2 2  ? 15.50292  11.00675  31.09038  1.000 203.05000 ?  10 DG B "C5'" 1 
ATOM 351  C "C4'" . DG B 2 2  ? 17.04083  11.19257  31.28028  1.000 196.65000 ?  10 DG B "C4'" 1 
ATOM 352  O "O4'" . DG B 2 2  ? 17.66021  12.00952  30.25144  1.000 195.36000 ?  10 DG B "O4'" 1 
ATOM 353  C "C3'" . DG B 2 2  ? 17.55870  11.71263  32.61759  1.000 186.02000 ?  10 DG B "C3'" 1 
ATOM 354  O "O3'" . DG B 2 2  ? 18.40841  10.70227  33.15522  1.000 189.47000 ?  10 DG B "O3'" 1 
ATOM 355  C "C2'" . DG B 2 2  ? 18.34494  12.97860  32.23561  1.000 184.00000 ?  10 DG B "C2'" 1 
ATOM 356  C "C1'" . DG B 2 2  ? 18.76153  12.67114  30.80624  1.000 192.50000 ?  10 DG B "C1'" 1 
ATOM 357  N N9    . DG B 2 2  ? 18.91871  13.86811  30.02936  1.000 201.32000 ?  10 DG B N9    1 
ATOM 358  C C8    . DG B 2 2  ? 18.10130  14.93738  30.03426  1.000 209.01000 ?  10 DG B C8    1 
ATOM 359  N N7    . DG B 2 2  ? 18.45702  15.87737  29.21281  1.000 212.31000 ?  10 DG B N7    1 
ATOM 360  C C5    . DG B 2 2  ? 19.57647  15.33967  28.61013  1.000 252.39000 ?  10 DG B C5    1 
ATOM 361  C C6    . DG B 2 2  ? 20.40777  15.93723  27.61102  1.000 224.30000 ?  10 DG B C6    1 
ATOM 362  O O6    . DG B 2 2  ? 20.27589  17.02825  27.08664  1.000 227.24000 ?  10 DG B O6    1 
ATOM 363  N N1    . DG B 2 2  ? 21.45255  15.08600  27.28040  1.000 232.91000 ?  10 DG B N1    1 
ATOM 364  C C2    . DG B 2 2  ? 21.67707  13.84477  27.77220  1.000 218.36000 ?  10 DG B C2    1 
ATOM 365  N N2    . DG B 2 2  ? 22.76584  13.24323  27.36042  1.000 202.93000 ?  10 DG B N2    1 
ATOM 366  N N3    . DG B 2 2  ? 20.91863  13.29761  28.73684  1.000 219.44000 ?  10 DG B N3    1 
ATOM 367  C C4    . DG B 2 2  ? 19.90130  14.10074  29.07208  1.000 230.09000 ?  10 DG B C4    1 
ATOM 368  P P     . DC B 2 3  ? 19.45704  11.02452  34.31751  1.000 166.15000 ?  11 DC B P     1 
ATOM 369  O OP1   . DC B 2 3  ? 19.60318  9.77288   35.11594  1.000 167.41000 ?  11 DC B OP1   1 
ATOM 370  O OP2   . DC B 2 3  ? 18.94114  12.22506  35.01600  1.000 179.89000 -1 11 DC B OP2   1 
ATOM 371  O "O5'" . DC B 2 3  ? 20.82422  11.33484  33.51137  1.000 185.04000 ?  11 DC B "O5'" 1 
ATOM 372  C "C5'" . DC B 2 3  ? 21.59199  10.24125  32.98608  1.000 191.45000 ?  11 DC B "C5'" 1 
ATOM 373  C "C4'" . DC B 2 3  ? 22.61616  10.68793  31.95649  1.000 195.80000 ?  11 DC B "C4'" 1 
ATOM 374  O "O4'" . DC B 2 3  ? 22.09894  11.79509  31.15964  1.000 203.64000 ?  11 DC B "O4'" 1 
ATOM 375  C "C3'" . DC B 2 3  ? 23.93399  11.20497  32.52279  1.000 208.82000 ?  11 DC B "C3'" 1 
ATOM 376  O "O3'" . DC B 2 3  ? 24.96648  10.96013  31.55319  1.000 206.82000 ?  11 DC B "O3'" 1 
ATOM 377  C "C2'" . DC B 2 3  ? 23.62437  12.67468  32.61293  1.000 210.00000 ?  11 DC B "C2'" 1 
ATOM 378  C "C1'" . DC B 2 3  ? 23.02228  12.84412  31.24773  1.000 212.66000 ?  11 DC B "C1'" 1 
ATOM 379  N N1    . DC B 2 3  ? 22.34260  14.07915  31.10294  1.000 218.36000 ?  11 DC B N1    1 
ATOM 380  C C2    . DC B 2 3  ? 22.79220  14.97698  30.15157  1.000 219.01000 ?  11 DC B C2    1 
ATOM 381  O O2    . DC B 2 3  ? 23.72868  14.63294  29.41052  1.000 222.72000 ?  11 DC B O2    1 
ATOM 382  N N3    . DC B 2 3  ? 22.15057  16.15669  30.02399  1.000 225.42000 ?  11 DC B N3    1 
ATOM 383  C C4    . DC B 2 3  ? 21.13662  16.46375  30.84134  1.000 223.06000 ?  11 DC B C4    1 
ATOM 384  N N4    . DC B 2 3  ? 20.53205  17.64455  30.68659  1.000 232.40000 ?  11 DC B N4    1 
ATOM 385  C C5    . DC B 2 3  ? 20.68997  15.55694  31.84468  1.000 215.11000 ?  11 DC B C5    1 
ATOM 386  C C6    . DC B 2 3  ? 21.33238  14.39754  31.94667  1.000 206.11000 ?  11 DC B C6    1 
ATOM 387  P P     . DT B 2 4  ? 26.34305  11.80078  31.50392  1.000 202.51000 ?  12 DT B P     1 
ATOM 388  O OP1   . DT B 2 4  ? 27.42236  10.80051  31.35273  1.000 205.05000 ?  12 DT B OP1   1 
ATOM 389  O OP2   . DT B 2 4  ? 26.45306  12.71370  32.67522  1.000 211.31000 -1 12 DT B OP2   1 
ATOM 390  O "O5'" . DT B 2 4  ? 26.27296  12.62078  30.10455  1.000 215.71000 ?  12 DT B "O5'" 1 
ATOM 391  C "C5'" . DT B 2 4  ? 27.20297  12.30110  29.01911  1.000 224.78000 ?  12 DT B "C5'" 1 
ATOM 392  C "C4'" . DT B 2 4  ? 28.21287  13.43814  28.74204  1.000 245.48000 ?  12 DT B "C4'" 1 
ATOM 393  O "O4'" . DT B 2 4  ? 27.48856  14.70839  28.61314  1.000 247.56000 ?  12 DT B "O4'" 1 
ATOM 394  C "C3'" . DT B 2 4  ? 29.31070  13.67303  29.82330  1.000 256.23000 ?  12 DT B "C3'" 1 
ATOM 395  O "O3'" . DT B 2 4  ? 30.68863  13.94902  29.26539  1.000 267.67000 ?  12 DT B "O3'" 1 
ATOM 396  C "C2'" . DT B 2 4  ? 28.79220  14.88636  30.56055  1.000 260.88000 ?  12 DT B "C2'" 1 
ATOM 397  C "C1'" . DT B 2 4  ? 28.07080  15.67812  29.47593  1.000 257.62000 ?  12 DT B "C1'" 1 
ATOM 398  N N1    . DT B 2 4  ? 27.02169  16.48894  30.10959  1.000 255.50000 ?  12 DT B N1    1 
ATOM 399  C C2    . DT B 2 4  ? 26.51110  17.61441  29.50626  1.000 254.54000 ?  12 DT B C2    1 
ATOM 400  O O2    . DT B 2 4  ? 26.82735  17.99446  28.38031  1.000 242.90000 ?  12 DT B O2    1 
ATOM 401  N N3    . DT B 2 4  ? 25.56265  18.25465  30.26425  1.000 255.54000 ?  12 DT B N3    1 
ATOM 402  C C4    . DT B 2 4  ? 25.12539  17.91273  31.54401  1.000 257.49000 ?  12 DT B C4    1 
ATOM 403  O O4    . DT B 2 4  ? 24.27483  18.55475  32.15064  1.000 258.60000 ?  12 DT B O4    1 
ATOM 404  C C5    . DT B 2 4  ? 25.73331  16.75457  32.11614  1.000 249.68000 ?  12 DT B C5    1 
ATOM 405  C C7    . DT B 2 4  ? 25.35197  16.28729  33.48582  1.000 242.84000 ?  12 DT B C7    1 
ATOM 406  C C6    . DT B 2 4  ? 26.63732  16.12249  31.38641  1.000 251.92000 ?  12 DT B C6    1 
ATOM 407  P P     . DG B 2 5  ? 31.75723  14.89741  30.07051  1.000 273.28000 ?  13 DG B P     1 
ATOM 408  O OP1   . DG B 2 5  ? 33.12394  14.76807  29.50542  1.000 269.74000 ?  13 DG B OP1   1 
ATOM 409  O OP2   . DG B 2 5  ? 31.64765  14.66386  31.53511  1.000 281.79000 -1 13 DG B OP2   1 
ATOM 410  O "O5'" . DG B 2 5  ? 31.27299  16.39250  29.75195  1.000 273.10000 ?  13 DG B "O5'" 1 
ATOM 411  C "C5'" . DG B 2 5  ? 31.65515  17.01802  28.54089  1.000 275.09000 ?  13 DG B "C5'" 1 
ATOM 412  C "C4'" . DG B 2 5  ? 31.94937  18.47657  28.77450  1.000 289.60000 ?  13 DG B "C4'" 1 
ATOM 413  O "O4'" . DG B 2 5  ? 30.80726  19.08045  29.42416  1.000 286.61000 ?  13 DG B "O4'" 1 
ATOM 414  C "C3'" . DG B 2 5  ? 33.13669  18.77021  29.70003  1.000 298.35000 ?  13 DG B "C3'" 1 
ATOM 415  O "O3'" . DG B 2 5  ? 33.64532  20.08653  29.38570  1.000 312.84000 ?  13 DG B "O3'" 1 
ATOM 416  C "C2'" . DG B 2 5  ? 32.46173  18.75429  31.05481  1.000 304.24000 ?  13 DG B "C2'" 1 
ATOM 417  C "C1'" . DG B 2 5  ? 31.20064  19.51590  30.70861  1.000 298.36000 ?  13 DG B "C1'" 1 
ATOM 418  N N9    . DG B 2 5  ? 30.11750  19.26975  31.61531  1.000 297.09000 ?  13 DG B N9    1 
ATOM 419  C C8    . DG B 2 5  ? 29.98990  18.21020  32.47798  1.000 297.07000 ?  13 DG B C8    1 
ATOM 420  N N7    . DG B 2 5  ? 28.89243  18.24983  33.16595  1.000 295.14000 ?  13 DG B N7    1 
ATOM 421  C C5    . DG B 2 5  ? 28.25535  19.40646  32.73011  1.000 290.17000 ?  13 DG B C5    1 
ATOM 422  C C6    . DG B 2 5  ? 27.03876  19.97248  33.11905  1.000 287.85000 ?  13 DG B C6    1 
ATOM 423  O O6    . DG B 2 5  ? 26.23220  19.54307  33.96092  1.000 286.70000 ?  13 DG B O6    1 
ATOM 424  N N1    . DG B 2 5  ? 26.76257  21.15767  32.43073  1.000 286.13000 ?  13 DG B N1    1 
ATOM 425  C C2    . DG B 2 5  ? 27.58808  21.71515  31.47897  1.000 290.76000 ?  13 DG B C2    1 
ATOM 426  N N2    . DG B 2 5  ? 27.16285  22.86372  30.92375  1.000 288.66000 ?  13 DG B N2    1 
ATOM 427  N N3    . DG B 2 5  ? 28.74024  21.19014  31.10638  1.000 293.72000 ?  13 DG B N3    1 
ATOM 428  C C4    . DG B 2 5  ? 29.01121  20.03486  31.77006  1.000 295.45000 ?  13 DG B C4    1 
ATOM 429  P P     . DC B 2 6  ? 34.92409  20.73968  30.13016  1.000 316.53000 ?  14 DC B P     1 
ATOM 430  O OP1   . DC B 2 6  ? 36.06434  20.78205  29.17751  1.000 313.65000 ?  14 DC B OP1   1 
ATOM 431  O OP2   . DC B 2 6  ? 35.10202  20.08407  31.44410  1.000 316.52000 -1 14 DC B OP2   1 
ATOM 432  O "O5'" . DC B 2 6  ? 34.46698  22.25642  30.39388  1.000 314.55000 ?  14 DC B "O5'" 1 
ATOM 433  C "C5'" . DC B 2 6  ? 33.88406  23.03475  29.34210  1.000 318.28000 ?  14 DC B "C5'" 1 
ATOM 434  C "C4'" . DC B 2 6  ? 33.03927  24.14143  29.93068  1.000 324.31000 ?  14 DC B "C4'" 1 
ATOM 435  O "O4'" . DC B 2 6  ? 31.75564  23.60852  30.33878  1.000 327.57000 ?  14 DC B "O4'" 1 
ATOM 436  C "C3'" . DC B 2 6  ? 33.64759  24.74973  31.16843  1.000 324.21000 ?  14 DC B "C3'" 1 
ATOM 437  O "O3'" . DC B 2 6  ? 34.42371  25.85936  30.79260  1.000 315.54000 ?  14 DC B "O3'" 1 
ATOM 438  C "C2'" . DC B 2 6  ? 32.43966  25.15787  32.01103  1.000 354.56000 ?  14 DC B "C2'" 1 
ATOM 439  C "C1'" . DC B 2 6  ? 31.35473  24.17077  31.57654  1.000 344.92000 ?  14 DC B "C1'" 1 
ATOM 440  N N1    . DC B 2 6  ? 31.07640  23.04525  32.55578  1.000 349.70000 ?  14 DC B N1    1 
ATOM 441  C C2    . DC B 2 6  ? 29.86161  23.01684  33.25373  1.000 359.42000 ?  14 DC B C2    1 
ATOM 442  O O2    . DC B 2 6  ? 29.03717  23.92217  33.07091  1.000 370.11000 ?  14 DC B O2    1 
ATOM 443  N N3    . DC B 2 6  ? 29.61926  21.98868  34.11352  1.000 349.30000 ?  14 DC B N3    1 
ATOM 444  C C4    . DC B 2 6  ? 30.53197  21.02558  34.27788  1.000 348.92000 ?  14 DC B C4    1 
ATOM 445  N N4    . DC B 2 6  ? 30.25207  20.02795  35.12740  1.000 352.48000 ?  14 DC B N4    1 
ATOM 446  C C5    . DC B 2 6  ? 31.77007  21.04443  33.58282  1.000 345.69000 ?  14 DC B C5    1 
ATOM 447  C C6    . DC B 2 6  ? 31.99734  22.05711  32.73670  1.000 334.11000 ?  14 DC B C6    1 
ATOM 448  P P     . DC C 3 1  ? -25.45526 -30.88898 15.47113  1.000 436.16000 ?  1  DC C P     1 
ATOM 449  O OP1   . DC C 3 1  ? -26.24474 -32.04717 14.99253  1.000 461.16000 ?  1  DC C OP1   1 
ATOM 450  O OP2   . DC C 3 1  ? -23.99702 -30.86141 15.20766  1.000 418.74000 -1 1  DC C OP2   1 
ATOM 451  O "O5'" . DC C 3 1  ? -26.09985 -29.49216 15.00539  1.000 414.82000 ?  1  DC C "O5'" 1 
ATOM 452  C "C5'" . DC C 3 1  ? -27.05574 -28.81231 15.84037  1.000 403.58000 ?  1  DC C "C5'" 1 
ATOM 453  C "C4'" . DC C 3 1  ? -26.48257 -27.50889 16.39566  1.000 370.23000 ?  1  DC C "C4'" 1 
ATOM 454  O "O4'" . DC C 3 1  ? -25.74238 -27.78851 17.61296  1.000 361.73000 ?  1  DC C "O4'" 1 
ATOM 455  C "C3'" . DC C 3 1  ? -25.54263 -26.74545 15.44924  1.000 353.60000 ?  1  DC C "C3'" 1 
ATOM 456  O "O3'" . DC C 3 1  ? -26.24249 -25.58893 14.86905  1.000 344.05000 ?  1  DC C "O3'" 1 
ATOM 457  C "C2'" . DC C 3 1  ? -24.35901 -26.30883 16.33404  1.000 336.02000 ?  1  DC C "C2'" 1 
ATOM 458  C "C1'" . DC C 3 1  ? -24.52582 -27.06901 17.65831  1.000 338.79000 ?  1  DC C "C1'" 1 
ATOM 459  N N1    . DC C 3 1  ? -23.41687 -28.04324 17.93666  1.000 335.02000 ?  1  DC C N1    1 
ATOM 460  C C2    . DC C 3 1  ? -22.18902 -27.58097 18.41786  1.000 313.82000 ?  1  DC C C2    1 
ATOM 461  O O2    . DC C 3 1  ? -22.03408 -26.37055 18.61667  1.000 306.48000 ?  1  DC C O2    1 
ATOM 462  N N3    . DC C 3 1  ? -21.20008 -28.48717 18.65324  1.000 313.11000 ?  1  DC C N3    1 
ATOM 463  C C4    . DC C 3 1  ? -21.40777 -29.78693 18.43063  1.000 327.91000 ?  1  DC C C4    1 
ATOM 464  N N4    . DC C 3 1  ? -20.40668 -30.64032 18.68377  1.000 318.11000 ?  1  DC C N4    1 
ATOM 465  C C5    . DC C 3 1  ? -22.65490 -30.26965 17.94353  1.000 348.21000 ?  1  DC C C5    1 
ATOM 466  C C6    . DC C 3 1  ? -23.61819 -29.36901 17.71662  1.000 349.32000 ?  1  DC C C6    1 
ATOM 467  P P     . DT C 3 2  ? -25.65158 -24.79688 13.58856  1.000 348.21000 ?  2  DT C P     1 
ATOM 468  O OP1   . DT C 3 2  ? -26.60631 -23.72166 13.21221  1.000 331.86000 ?  2  DT C OP1   1 
ATOM 469  O OP2   . DT C 3 2  ? -25.30495 -25.83668 12.59854  1.000 337.00000 -1 2  DT C OP2   1 
ATOM 470  O "O5'" . DT C 3 2  ? -24.28642 -24.10401 14.11832  1.000 324.50000 ?  2  DT C "O5'" 1 
ATOM 471  C "C5'" . DT C 3 2  ? -24.33539 -22.90411 14.94266  1.000 315.62000 ?  2  DT C "C5'" 1 
ATOM 472  C "C4'" . DT C 3 2  ? -22.94078 -22.31955 15.22098  1.000 290.24000 ?  2  DT C "C4'" 1 
ATOM 473  O "O4'" . DT C 3 2  ? -22.07382 -23.29800 15.86556  1.000 296.56000 ?  2  DT C "O4'" 1 
ATOM 474  C "C3'" . DT C 3 2  ? -22.18256 -21.80197 14.00228  1.000 268.49000 ?  2  DT C "C3'" 1 
ATOM 475  O "O3'" . DT C 3 2  ? -21.73351 -20.47520 14.26658  1.000 260.81000 ?  2  DT C "O3'" 1 
ATOM 476  C "C2'" . DT C 3 2  ? -21.01613 -22.78962 13.84518  1.000 270.35000 ?  2  DT C "C2'" 1 
ATOM 477  C "C1'" . DT C 3 2  ? -20.79392 -23.27777 15.26914  1.000 287.62000 ?  2  DT C "C1'" 1 
ATOM 478  N N1    . DT C 3 2  ? -20.25184 -24.66326 15.33415  1.000 285.77000 ?  2  DT C N1    1 
ATOM 479  C C2    . DT C 3 2  ? -18.96062 -24.88888 15.77297  1.000 292.99000 ?  2  DT C C2    1 
ATOM 480  O O2    . DT C 3 2  ? -18.20129 -23.98887 16.11882  1.000 278.15000 ?  2  DT C O2    1 
ATOM 481  N N3    . DT C 3 2  ? -18.59234 -26.21488 15.78979  1.000 295.84000 ?  2  DT C N3    1 
ATOM 482  C C4    . DT C 3 2  ? -19.36630 -27.31619 15.42425  1.000 298.54000 ?  2  DT C C4    1 
ATOM 483  O O4    . DT C 3 2  ? -18.94742 -28.47141 15.47034  1.000 302.17000 ?  2  DT C O4    1 
ATOM 484  C C5    . DT C 3 2  ? -20.70347 -27.00308 14.97487  1.000 301.59000 ?  2  DT C C5    1 
ATOM 485  C C7    . DT C 3 2  ? -21.63473 -28.10185 14.54939  1.000 321.34000 ?  2  DT C C7    1 
ATOM 486  C C6    . DT C 3 2  ? -21.07076 -25.71485 14.95548  1.000 292.95000 ?  2  DT C C6    1 
ATOM 487  P P     . DG C 3 3  ? -20.82228 -19.69852 13.19875  1.000 245.42000 ?  3  DG C P     1 
ATOM 488  O OP1   . DG C 3 3  ? -20.94946 -18.22858 13.40258  1.000 244.86000 ?  3  DG C OP1   1 
ATOM 489  O OP2   . DG C 3 3  ? -21.10986 -20.34202 11.90422  1.000 261.62000 -1 3  DG C OP2   1 
ATOM 490  O "O5'" . DG C 3 3  ? -19.34279 -20.09519 13.59688  1.000 252.09000 ?  3  DG C "O5'" 1 
ATOM 491  C "C5'" . DG C 3 3  ? -18.79367 -19.57028 14.76389  1.000 257.57000 ?  3  DG C "C5'" 1 
ATOM 492  C "C4'" . DG C 3 3  ? -17.31000 -19.81015 14.80677  1.000 255.34000 ?  3  DG C "C4'" 1 
ATOM 493  O "O4'" . DG C 3 3  ? -17.05253 -21.23216 14.85944  1.000 255.38000 ?  3  DG C "O4'" 1 
ATOM 494  C "C3'" . DG C 3 3  ? -16.55336 -19.32263 13.58884  1.000 251.47000 ?  3  DG C "C3'" 1 
ATOM 495  O "O3'" . DG C 3 3  ? -15.22095 -19.08610 13.96872  1.000 255.24000 ?  3  DG C "O3'" 1 
ATOM 496  C "C2'" . DG C 3 3  ? -16.64142 -20.53398 12.68016  1.000 251.12000 ?  3  DG C "C2'" 1 
ATOM 497  C "C1'" . DG C 3 3  ? -16.35344 -21.60628 13.69996  1.000 256.86000 ?  3  DG C "C1'" 1 
ATOM 498  N N9    . DG C 3 3  ? -16.79838 -22.90578 13.31870  1.000 262.61000 ?  3  DG C N9    1 
ATOM 499  C C8    . DG C 3 3  ? -17.98129 -23.24329 12.72722  1.000 264.26000 ?  3  DG C C8    1 
ATOM 500  N N7    . DG C 3 3  ? -18.09764 -24.52030 12.51686  1.000 273.86000 ?  3  DG C N7    1 
ATOM 501  C C5    . DG C 3 3  ? -16.90941 -25.04787 13.01587  1.000 279.13000 ?  3  DG C C5    1 
ATOM 502  C C6    . DG C 3 3  ? -16.45319 -26.38576 13.07374  1.000 292.09000 ?  3  DG C C6    1 
ATOM 503  O O6    . DG C 3 3  ? -17.01956 -27.41854 12.67706  1.000 298.83000 ?  3  DG C O6    1 
ATOM 504  N N1    . DG C 3 3  ? -15.18721 -26.46145 13.65741  1.000 292.13000 ?  3  DG C N1    1 
ATOM 505  C C2    . DG C 3 3  ? -14.47600 -25.39039 14.13850  1.000 285.36000 ?  3  DG C C2    1 
ATOM 506  N N2    . DG C 3 3  ? -13.27262 -25.65914 14.65221  1.000 282.27000 ?  3  DG C N2    1 
ATOM 507  N N3    . DG C 3 3  ? -14.89230 -24.14407 14.07503  1.000 275.10000 ?  3  DG C N3    1 
ATOM 508  C C4    . DG C 3 3  ? -16.11308 -24.05313 13.50868  1.000 272.13000 ?  3  DG C C4    1 
ATOM 509  P P     . DC C 3 4  ? -14.44741 -17.77824 13.46061  1.000 257.73000 ?  4  DC C P     1 
ATOM 510  O OP1   . DC C 3 4  ? -13.80437 -17.12551 14.63696  1.000 252.81000 ?  4  DC C OP1   1 
ATOM 511  O OP2   . DC C 3 4  ? -15.45734 -16.97833 12.72423  1.000 252.27000 -1 4  DC C OP2   1 
ATOM 512  O "O5'" . DC C 3 4  ? -13.32007 -18.38510 12.45867  1.000 266.72000 ?  4  DC C "O5'" 1 
ATOM 513  C "C5'" . DC C 3 4  ? -13.66247 -19.40478 11.45456  1.000 266.25000 ?  4  DC C "C5'" 1 
ATOM 514  C "C4'" . DC C 3 4  ? -12.93299 -20.71701 11.72839  1.000 268.95000 ?  4  DC C "C4'" 1 
ATOM 515  O "O4'" . DC C 3 4  ? -13.84209 -21.83344 11.77537  1.000 267.70000 ?  4  DC C "O4'" 1 
ATOM 516  C "C3'" . DC C 3 4  ? -11.87502 -21.12862 10.70692  1.000 277.12000 ?  4  DC C "C3'" 1 
ATOM 517  O "O3'" . DC C 3 4  ? -10.59987 -20.58418 11.05149  1.000 273.09000 ?  4  DC C "O3'" 1 
ATOM 518  C "C2'" . DC C 3 4  ? -11.87163 -22.66623 10.77840  1.000 285.24000 ?  4  DC C "C2'" 1 
ATOM 519  C "C1'" . DC C 3 4  ? -13.06525 -23.00333 11.68574  1.000 278.75000 ?  4  DC C "C1'" 1 
ATOM 520  N N1    . DC C 3 4  ? -13.92090 -24.10101 11.15620  1.000 285.52000 ?  4  DC C N1    1 
ATOM 521  C C2    . DC C 3 4  ? -13.55566 -25.43504 11.37251  1.000 292.73000 ?  4  DC C C2    1 
ATOM 522  O O2    . DC C 3 4  ? -12.55265 -25.68536 12.04567  1.000 288.55000 ?  4  DC C O2    1 
ATOM 523  N N3    . DC C 3 4  ? -14.35308 -26.42367 10.88512  1.000 299.76000 ?  4  DC C N3    1 
ATOM 524  C C4    . DC C 3 4  ? -15.44588 -26.11944 10.18215  1.000 302.39000 ?  4  DC C C4    1 
ATOM 525  N N4    . DC C 3 4  ? -16.19826 -27.13283 9.71292   1.000 312.60000 ?  4  DC C N4    1 
ATOM 526  C C5    . DC C 3 4  ? -15.82218 -24.76073 9.94057   1.000 287.60000 ?  4  DC C C5    1 
ATOM 527  C C6    . DC C 3 4  ? -15.03511 -23.79569 10.43884  1.000 284.08000 ?  4  DC C C6    1 
ATOM 528  P P     . DG C 3 5  ? -10.00288 -20.70388 12.54241  1.000 269.23000 ?  5  DG C P     1 
ATOM 529  O OP1   . DG C 3 5  ? -10.92428 -21.23825 13.56246  1.000 277.99000 -1 5  DG C OP1   1 
ATOM 530  O OP2   . DG C 3 5  ? -9.30017  -19.43237 12.80974  1.000 276.40000 ?  5  DG C OP2   1 
ATOM 531  O "O5'" . DG C 3 5  ? -8.98644  -21.91926 12.45489  1.000 281.90000 ?  5  DG C "O5'" 1 
ATOM 532  C "C5'" . DG C 3 5  ? -8.92040  -22.82384 13.56433  1.000 291.16000 ?  5  DG C "C5'" 1 
ATOM 533  C "C4'" . DG C 3 5  ? -7.76041  -23.79574 13.44535  1.000 300.49000 ?  5  DG C "C4'" 1 
ATOM 534  O "O4'" . DG C 3 5  ? -8.29618  -25.14914 13.40351  1.000 307.75000 ?  5  DG C "O4'" 1 
ATOM 535  C "C3'" . DG C 3 5  ? -6.90192  -23.64815 12.18979  1.000 306.27000 ?  5  DG C "C3'" 1 
ATOM 536  O "O3'" . DG C 3 5  ? -5.70326  -22.81313 12.42397  1.000 293.42000 ?  5  DG C "O3'" 1 
ATOM 537  C "C2'" . DG C 3 5  ? -6.51201  -25.09986 11.88214  1.000 297.00000 ?  5  DG C "C2'" 1 
ATOM 538  C "C1'" . DG C 3 5  ? -7.74283  -25.86014 12.31435  1.000 299.01000 ?  5  DG C "C1'" 1 
ATOM 539  N N9    . DG C 3 5  ? -8.77165  -25.99915 11.29946  1.000 307.19000 ?  5  DG C N9    1 
ATOM 540  C C8    . DG C 3 5  ? -9.90894  -25.25641 11.16513  1.000 300.52000 ?  5  DG C C8    1 
ATOM 541  N N7    . DG C 3 5  ? -10.67530 -25.64036 10.18163  1.000 308.48000 ?  5  DG C N7    1 
ATOM 542  C C5    . DG C 3 5  ? -10.00404 -26.72372 9.65712   1.000 314.44000 ?  5  DG C C5    1 
ATOM 543  C C6    . DG C 3 5  ? -10.35105 -27.56632 8.56412   1.000 328.73000 ?  5  DG C C6    1 
ATOM 544  O O6    . DG C 3 5  ? -11.35858 -27.52338 7.86096   1.000 348.83000 ?  5  DG C O6    1 
ATOM 545  N N1    . DG C 3 5  ? -9.38585  -28.53821 8.35247   1.000 326.71000 ?  5  DG C N1    1 
ATOM 546  C C2    . DG C 3 5  ? -8.24417  -28.69413 9.09570   1.000 313.18000 ?  5  DG C C2    1 
ATOM 547  N N2    . DG C 3 5  ? -7.44201  -29.69797 8.75197   1.000 331.29000 ?  5  DG C N2    1 
ATOM 548  N N3    . DG C 3 5  ? -7.90482  -27.91869 10.11462  1.000 307.02000 ?  5  DG C N3    1 
ATOM 549  C C4    . DG C 3 5  ? -8.83521  -26.97273 10.32526  1.000 311.74000 ?  5  DG C C4    1 
ATOM 550  P P     . DA C 3 6  ? -5.29211  -21.55314 11.48207  1.000 297.02000 ?  6  DA C P     1 
ATOM 551  O OP1   . DA C 3 6  ? -3.89982  -21.17127 11.85910  1.000 290.40000 ?  6  DA C OP1   1 
ATOM 552  O OP2   . DA C 3 6  ? -6.38371  -20.54814 11.56051  1.000 293.08000 -1 6  DA C OP2   1 
ATOM 553  O "O5'" . DA C 3 6  ? -5.14467  -22.13625 9.98820   1.000 288.17000 ?  6  DA C "O5'" 1 
ATOM 554  C "C5'" . DA C 3 6  ? -6.25796  -22.20369 9.09765   1.000 289.76000 ?  6  DA C "C5'" 1 
ATOM 555  C "C4'" . DA C 3 6  ? -6.75771  -23.62643 9.04684   1.000 286.72000 ?  6  DA C "C4'" 1 
ATOM 556  O "O4'" . DA C 3 6  ? -8.19365  -23.66566 8.88795   1.000 291.26000 ?  6  DA C "O4'" 1 
ATOM 557  C "C3'" . DA C 3 6  ? -6.14022  -24.53118 8.00985   1.000 281.93000 ?  6  DA C "C3'" 1 
ATOM 558  O "O3'" . DA C 3 6  ? -5.72117  -25.87897 8.64675   1.000 276.96000 ?  6  DA C "O3'" 1 
ATOM 559  C "C2'" . DA C 3 6  ? -7.27527  -24.58742 6.95403   1.000 299.91000 ?  6  DA C "C2'" 1 
ATOM 560  C "C1'" . DA C 3 6  ? -8.53640  -24.49092 7.81572   1.000 307.39000 ?  6  DA C "C1'" 1 
ATOM 561  N N9    . DA C 3 6  ? -9.72362  -23.88791 7.20933   1.000 319.27000 ?  6  DA C N9    1 
ATOM 562  C C8    . DA C 3 6  ? -10.10006 -22.57401 7.31811   1.000 318.73000 ?  6  DA C C8    1 
ATOM 563  N N7    . DA C 3 6  ? -11.23979 -22.29036 6.74324   1.000 333.11000 ?  6  DA C N7    1 
ATOM 564  C C5    . DA C 3 6  ? -11.67388 -23.50216 6.24312   1.000 349.84000 ?  6  DA C C5    1 
ATOM 565  C C6    . DA C 3 6  ? -12.82998 -23.87454 5.51895   1.000 392.59000 ?  6  DA C C6    1 
ATOM 566  N N6    . DA C 3 6  ? -13.79418 -23.01402 5.16856   1.000 415.97000 ?  6  DA C N6    1 
ATOM 567  N N1    . DA C 3 6  ? -12.95612 -25.16356 5.17338   1.000 416.01000 ?  6  DA C N1    1 
ATOM 568  C C2    . DA C 3 6  ? -12.00002 -26.01412 5.52936   1.000 382.56000 ?  6  DA C C2    1 
ATOM 569  N N3    . DA C 3 6  ? -10.86076 -25.78635 6.18162   1.000 348.70000 ?  6  DA C N3    1 
ATOM 570  C C4    . DA C 3 6  ? -10.77019 -24.50011 6.53277   1.000 333.99000 ?  6  DA C C4    1 
ATOM 571  P P     . DG C 3 7  ? -4.18287  -26.16582 9.14051   1.000 256.75000 ?  7  DG C P     1 
ATOM 572  O OP1   . DG C 3 7  ? -3.73567  -25.30514 10.24653  1.000 271.92000 ?  7  DG C OP1   1 
ATOM 573  O OP2   . DG C 3 7  ? -3.30922  -26.28676 7.97693   1.000 255.23000 -1 7  DG C OP2   1 
ATOM 574  O "O5'" . DG C 3 7  ? -4.15361  -27.64431 9.70815   1.000 258.66000 ?  7  DG C "O5'" 1 
ATOM 575  C "C5'" . DG C 3 7  ? -3.14741  -28.53019 9.24770   1.000 248.15000 ?  7  DG C "C5'" 1 
ATOM 576  C "C4'" . DG C 3 7  ? -3.73391  -29.46948 8.20933   1.000 269.51000 ?  7  DG C "C4'" 1 
ATOM 577  O "O4'" . DG C 3 7  ? -5.10384  -29.06963 7.88790   1.000 277.98000 ?  7  DG C "O4'" 1 
ATOM 578  C "C3'" . DG C 3 7  ? -2.99353  -29.55259 6.85091   1.000 276.04000 ?  7  DG C "C3'" 1 
ATOM 579  O "O3'" . DG C 3 7  ? -2.60663  -30.95980 6.54520   1.000 286.30000 ?  7  DG C "O3'" 1 
ATOM 580  C "C2'" . DG C 3 7  ? -4.03491  -29.00959 5.85026   1.000 280.74000 ?  7  DG C "C2'" 1 
ATOM 581  C "C1'" . DG C 3 7  ? -5.32851  -29.40721 6.53025   1.000 284.15000 ?  7  DG C "C1'" 1 
ATOM 582  N N9    . DG C 3 7  ? -6.55034  -28.73816 6.01907   1.000 288.37000 ?  7  DG C N9    1 
ATOM 583  C C8    . DG C 3 7  ? -7.01112  -27.51212 6.36967   1.000 294.18000 ?  7  DG C C8    1 
ATOM 584  N N7    . DG C 3 7  ? -8.12922  -27.17787 5.78266   1.000 300.19000 ?  7  DG C N7    1 
ATOM 585  C C5    . DG C 3 7  ? -8.44035  -28.26250 4.99603   1.000 300.26000 ?  7  DG C C5    1 
ATOM 586  C C6    . DG C 3 7  ? -9.54267  -28.47697 4.15474   1.000 319.77000 ?  7  DG C C6    1 
ATOM 587  O O6    . DG C 3 7  ? -10.46421 -27.71398 3.90743   1.000 340.18000 ?  7  DG C O6    1 
ATOM 588  N N1    . DG C 3 7  ? -9.48579  -29.71279 3.52927   1.000 322.21000 ?  7  DG C N1    1 
ATOM 589  C C2    . DG C 3 7  ? -8.49480  -30.63638 3.72309   1.000 300.94000 ?  7  DG C C2    1 
ATOM 590  N N2    . DG C 3 7  ? -8.60922  -31.78049 3.03719   1.000 297.64000 ?  7  DG C N2    1 
ATOM 591  N N3    . DG C 3 7  ? -7.46521  -30.45143 4.53105   1.000 287.95000 ?  7  DG C N3    1 
ATOM 592  C C4    . DG C 3 7  ? -7.48482  -29.23991 5.12577   1.000 291.23000 ?  7  DG C C4    1 
ATOM 593  P P     . DT C 3 8  ? -2.38168  -31.51244 5.02444   1.000 288.28000 ?  8  DT C P     1 
ATOM 594  O OP1   . DT C 3 8  ? -1.67479  -32.82317 5.03310   1.000 290.47000 ?  8  DT C OP1   1 
ATOM 595  O OP2   . DT C 3 8  ? -1.80784  -30.46135 4.17013   1.000 289.48000 -1 8  DT C OP2   1 
ATOM 596  O "O5'" . DT C 3 8  ? -3.85011  -31.76718 4.46991   1.000 287.20000 ?  8  DT C "O5'" 1 
ATOM 597  C "C5'" . DT C 3 8  ? -4.00907  -32.52606 3.32548   1.000 284.69000 ?  8  DT C "C5'" 1 
ATOM 598  C "C4'" . DT C 3 8  ? -5.02710  -31.90217 2.40795   1.000 281.55000 ?  8  DT C "C4'" 1 
ATOM 599  O "O4'" . DT C 3 8  ? -5.57624  -30.67089 2.94694   1.000 276.05000 ?  8  DT C "O4'" 1 
ATOM 600  C "C3'" . DT C 3 8  ? -4.49943  -31.51175 1.02629   1.000 281.61000 ?  8  DT C "C3'" 1 
ATOM 601  O "O3'" . DT C 3 8  ? -5.43151  -31.94754 0.06204   1.000 285.58000 ?  8  DT C "O3'" 1 
ATOM 602  C "C2'" . DT C 3 8  ? -4.53291  -29.98988 1.10409   1.000 277.25000 ?  8  DT C "C2'" 1 
ATOM 603  C "C1'" . DT C 3 8  ? -5.83790  -29.89457 1.82627   1.000 276.54000 ?  8  DT C "C1'" 1 
ATOM 604  N N1    . DT C 3 8  ? -6.29893  -28.54593 2.18019   1.000 275.20000 ?  8  DT C N1    1 
ATOM 605  C C2    . DT C 3 8  ? -7.60070  -28.20914 1.90781   1.000 280.45000 ?  8  DT C C2    1 
ATOM 606  O O2    . DT C 3 8  ? -8.40608  -28.98562 1.43882   1.000 285.43000 ?  8  DT C O2    1 
ATOM 607  N N3    . DT C 3 8  ? -7.95257  -26.94859 2.26057   1.000 283.38000 ?  8  DT C N3    1 
ATOM 608  C C4    . DT C 3 8  ? -7.14601  -25.99171 2.80662   1.000 288.01000 ?  8  DT C C4    1 
ATOM 609  O O4    . DT C 3 8  ? -7.55513  -24.87201 3.07548   1.000 298.63000 ?  8  DT C O4    1 
ATOM 610  C C5    . DT C 3 8  ? -5.78058  -26.39788 3.03617   1.000 283.30000 ?  8  DT C C5    1 
ATOM 611  C C7    . DT C 3 8  ? -4.80605  -25.43370 3.62584   1.000 287.85000 ?  8  DT C C7    1 
ATOM 612  C C6    . DT C 3 8  ? -5.42504  -27.64236 2.70844   1.000 279.26000 ?  8  DT C C6    1 
ATOM 613  P P     . DA C 3 9  ? -5.47307  -33.47398 -0.42917  1.000 291.75000 ?  9  DA C P     1 
ATOM 614  O OP1   . DA C 3 9  ? -5.53040  -34.34980 0.77388   1.000 295.93000 ?  9  DA C OP1   1 
ATOM 615  O OP2   . DA C 3 9  ? -4.33599  -33.60192 -1.37698  1.000 285.44000 -1 9  DA C OP2   1 
ATOM 616  O "O5'" . DA C 3 9  ? -6.84009  -33.57699 -1.30260  1.000 289.50000 ?  9  DA C "O5'" 1 
ATOM 617  C "C5'" . DA C 3 9  ? -8.12542  -33.15836 -0.75301  1.000 281.91000 ?  9  DA C "C5'" 1 
ATOM 618  C "C4'" . DA C 3 9  ? -8.90361  -32.31229 -1.76372  1.000 277.63000 ?  9  DA C "C4'" 1 
ATOM 619  O "O4'" . DA C 3 9  ? -8.81055  -30.89695 -1.39614  1.000 286.84000 ?  9  DA C "O4'" 1 
ATOM 620  C "C3'" . DA C 3 9  ? -8.40657  -32.40709 -3.21506  1.000 262.19000 ?  9  DA C "C3'" 1 
ATOM 621  O "O3'" . DA C 3 9  ? -9.51168  -32.37286 -4.13086  1.000 230.84000 ?  9  DA C "O3'" 1 
ATOM 622  C "C2'" . DA C 3 9  ? -7.53676  -31.15829 -3.35249  1.000 258.08000 ?  9  DA C "C2'" 1 
ATOM 623  C "C1'" . DA C 3 9  ? -8.32834  -30.15897 -2.50952  1.000 262.79000 ?  9  DA C "C1'" 1 
ATOM 624  N N9    . DA C 3 9  ? -7.53153  -28.98501 -2.03654  1.000 268.10000 ?  9  DA C N9    1 
ATOM 625  C C8    . DA C 3 9  ? -6.32276  -29.00963 -1.38918  1.000 273.87000 ?  9  DA C C8    1 
ATOM 626  N N7    . DA C 3 9  ? -5.84834  -27.81338 -1.08804  1.000 274.92000 ?  9  DA C N7    1 
ATOM 627  C C5    . DA C 3 9  ? -6.80667  -26.93579 -1.58263  1.000 266.83000 ?  9  DA C C5    1 
ATOM 628  C C6    . DA C 3 9  ? -6.88411  -25.52653 -1.58326  1.000 254.25000 ?  9  DA C C6    1 
ATOM 629  N N6    . DA C 3 9  ? -5.94481  -24.72857 -1.05514  1.000 247.58000 ?  9  DA C N6    1 
ATOM 630  N N1    . DA C 3 9  ? -7.97805  -24.96705 -2.15536  1.000 248.43000 ?  9  DA C N1    1 
ATOM 631  C C2    . DA C 3 9  ? -8.91710  -25.77484 -2.68634  1.000 254.53000 ?  9  DA C C2    1 
ATOM 632  N N3    . DA C 3 9  ? -8.94972  -27.10746 -2.74782  1.000 259.81000 ?  9  DA C N3    1 
ATOM 633  C C4    . DA C 3 9  ? -7.85877  -27.64964 -2.17148  1.000 262.09000 ?  9  DA C C4    1 
ATOM 634  P P     . DT C 3 10 ? -9.26122  -32.62863 -5.69106  1.000 212.03000 ?  10 DT C P     1 
ATOM 635  O OP1   . DT C 3 10 ? -10.45928 -33.28299 -6.25980  1.000 214.11000 ?  10 DT C OP1   1 
ATOM 636  O OP2   . DT C 3 10 ? -7.90032  -33.21718 -5.72917  1.000 213.59000 -1 10 DT C OP2   1 
ATOM 637  O "O5'" . DT C 3 10 ? -9.26358  -31.18388 -6.36424  1.000 213.65000 ?  10 DT C "O5'" 1 
ATOM 638  C "C5'" . DT C 3 10 ? -9.89265  -31.01196 -7.62397  1.000 204.28000 ?  10 DT C "C5'" 1 
ATOM 639  C "C4'" . DT C 3 10 ? -11.17133 -30.20825 -7.48595  1.000 198.20000 ?  10 DT C "C4'" 1 
ATOM 640  O "O4'" . DT C 3 10 ? -11.01020 -29.28495 -6.38194  1.000 203.46000 ?  10 DT C "O4'" 1 
ATOM 641  C "C3'" . DT C 3 10 ? -11.48502 -29.32708 -8.69661  1.000 194.20000 ?  10 DT C "C3'" 1 
ATOM 642  O "O3'" . DT C 3 10 ? -12.87784 -28.97564 -8.77442  1.000 196.35000 ?  10 DT C "O3'" 1 
ATOM 643  C "C2'" . DT C 3 10 ? -10.64730 -28.10961 -8.41163  1.000 188.42000 ?  10 DT C "C2'" 1 
ATOM 644  C "C1'" . DT C 3 10 ? -10.66466 -28.00731 -6.89629  1.000 198.35000 ?  10 DT C "C1'" 1 
ATOM 645  N N1    . DT C 3 10 ? -9.33372  -27.52447 -6.33789  1.000 210.03000 ?  10 DT C N1    1 
ATOM 646  C C2    . DT C 3 10 ? -9.19826  -26.19311 -6.04482  1.000 211.41000 ?  10 DT C C2    1 
ATOM 647  O O2    . DT C 3 10 ? -10.11126 -25.39637 -6.18171  1.000 207.17000 ?  10 DT C O2    1 
ATOM 648  N N3    . DT C 3 10 ? -7.96028  -25.81648 -5.56827  1.000 222.13000 ?  10 DT C N3    1 
ATOM 649  C C4    . DT C 3 10 ? -6.85322  -26.63224 -5.36467  1.000 231.24000 ?  10 DT C C4    1 
ATOM 650  O O4    . DT C 3 10 ? -5.77768  -26.20287 -4.92639  1.000 229.35000 ?  10 DT C O4    1 
ATOM 651  C C5    . DT C 3 10 ? -7.04434  -28.02369 -5.70811  1.000 228.23000 ?  10 DT C C5    1 
ATOM 652  C C7    . DT C 3 10 ? -5.90993  -29.00118 -5.52978  1.000 230.38000 ?  10 DT C C7    1 
ATOM 653  C C6    . DT C 3 10 ? -8.26162  -28.40001 -6.18454  1.000 218.52000 ?  10 DT C C6    1 
ATOM 654  P P     . DT C 3 11 ? -13.39055 -27.83836 -9.81015  1.000 182.09000 ?  11 DT C P     1 
ATOM 655  O OP1   . DT C 3 11 ? -14.85743 -27.84667 -9.96697  1.000 186.33000 ?  11 DT C OP1   1 
ATOM 656  O OP2   . DT C 3 11 ? -12.56623 -27.85388 -11.01142 1.000 182.52000 -1 11 DT C OP2   1 
ATOM 657  O "O5'" . DT C 3 11 ? -13.10723 -26.47209 -9.08561  1.000 177.04000 ?  11 DT C "O5'" 1 
ATOM 658  C "C5'" . DT C 3 11 ? -14.05446 -25.47476 -9.18009  1.000 175.60000 ?  11 DT C "C5'" 1 
ATOM 659  C "C4'" . DT C 3 11 ? -13.36716 -24.15609 -9.20436  1.000 170.83000 ?  11 DT C "C4'" 1 
ATOM 660  O "O4'" . DT C 3 11 ? -11.97924 -24.36531 -8.86122  1.000 170.46000 ?  11 DT C "O4'" 1 
ATOM 661  C "C3'" . DT C 3 11 ? -13.38061 -23.46376 -10.56176 1.000 166.33000 ?  11 DT C "C3'" 1 
ATOM 662  O "O3'" . DT C 3 11 ? -13.66682 -22.05727 -10.36518 1.000 162.26000 ?  11 DT C "O3'" 1 
ATOM 663  C "C2'" . DT C 3 11 ? -11.97445 -23.74352 -11.08655 1.000 165.16000 ?  11 DT C "C2'" 1 
ATOM 664  C "C1'" . DT C 3 11 ? -11.19531 -23.70674 -9.79192  1.000 166.05000 ?  11 DT C "C1'" 1 
ATOM 665  N N1    . DT C 3 11 ? -9.94728  -24.34746 -9.83373  1.000 166.97000 ?  11 DT C N1    1 
ATOM 666  C C2    . DT C 3 11 ? -8.87005  -23.68563 -9.34197  1.000 171.27000 ?  11 DT C C2    1 
ATOM 667  O O2    . DT C 3 11 ? -8.93597  -22.57497 -8.90576  1.000 174.49000 ?  11 DT C O2    1 
ATOM 668  N N3    . DT C 3 11 ? -7.71461  -24.37490 -9.38266  1.000 185.86000 ?  11 DT C N3    1 
ATOM 669  C C4    . DT C 3 11 ? -7.52663  -25.63872 -9.84361  1.000 177.69000 ?  11 DT C C4    1 
ATOM 670  O O4    . DT C 3 11 ? -6.43459  -26.17634 -9.85051  1.000 188.39000 ?  11 DT C O4    1 
ATOM 671  C C5    . DT C 3 11 ? -8.71049  -26.28466 -10.34488 1.000 175.34000 ?  11 DT C C5    1 
ATOM 672  C C7    . DT C 3 11 ? -8.61692  -27.67389 -10.89027 1.000 183.09000 ?  11 DT C C7    1 
ATOM 673  C C6    . DT C 3 11 ? -9.85617  -25.60876 -10.30445 1.000 171.69000 ?  11 DT C C6    1 
ATOM 674  P P     . DC C 3 12 ? -13.12771 -20.90559 -11.34693 1.000 140.88000 ?  12 DC C P     1 
ATOM 675  O OP1   . DC C 3 12 ? -13.81101 -19.64615 -10.96107 1.000 141.62000 ?  12 DC C OP1   1 
ATOM 676  O OP2   . DC C 3 12 ? -13.32055 -21.30251 -12.73563 1.000 155.20000 -1 12 DC C OP2   1 
ATOM 677  O "O5'" . DC C 3 12 ? -11.54489 -20.93238 -11.11539 1.000 148.23000 ?  12 DC C "O5'" 1 
ATOM 678  C "C5'" . DC C 3 12 ? -10.98584 -20.60724 -9.83395  1.000 157.00000 ?  12 DC C "C5'" 1 
ATOM 679  C "C4'" . DC C 3 12 ? -10.34032 -19.29214 -9.95110  1.000 158.01000 ?  12 DC C "C4'" 1 
ATOM 680  O "O4'" . DC C 3 12 ? -8.90545  -19.39861 -9.89475  1.000 157.89000 ?  12 DC C "O4'" 1 
ATOM 681  C "C3'" . DC C 3 12 ? -10.67147 -18.65567 -11.26290 1.000 152.76000 ?  12 DC C "C3'" 1 
ATOM 682  O "O3'" . DC C 3 12 ? -10.82779 -17.35770 -11.02035 1.000 155.49000 ?  12 DC C "O3'" 1 
ATOM 683  C "C2'" . DC C 3 12 ? -9.46713  -18.94876 -12.15624 1.000 152.30000 ?  12 DC C "C2'" 1 
ATOM 684  C "C1'" . DC C 3 12 ? -8.37029  -19.34504 -11.18452 1.000 155.35000 ?  12 DC C "C1'" 1 
ATOM 685  N N1    . DC C 3 12 ? -7.87342  -20.62986 -11.44829 1.000 161.02000 ?  12 DC C N1    1 
ATOM 686  C C2    . DC C 3 12 ? -6.66038  -20.98271 -10.89793 1.000 168.36000 ?  12 DC C C2    1 
ATOM 687  O O2    . DC C 3 12 ? -6.06328  -20.13305 -10.22991 1.000 171.96000 ?  12 DC C O2    1 
ATOM 688  N N3    . DC C 3 12 ? -6.17762  -22.21375 -11.12045 1.000 173.88000 ?  12 DC C N3    1 
ATOM 689  C C4    . DC C 3 12 ? -6.88222  -23.07402 -11.84828 1.000 170.29000 ?  12 DC C C4    1 
ATOM 690  N N4    . DC C 3 12 ? -6.37129  -24.27977 -12.04203 1.000 176.20000 ?  12 DC C N4    1 
ATOM 691  C C5    . DC C 3 12 ? -8.15721  -22.73429 -12.40257 1.000 165.81000 ?  12 DC C C5    1 
ATOM 692  C C6    . DC C 3 12 ? -8.60977  -21.51500 -12.17327 1.000 159.69000 ?  12 DC C C6    1 
ATOM 693  P P     . DA C 3 13 ? -11.34902 -16.37824 -12.14533 1.000 157.02000 ?  13 DA C P     1 
ATOM 694  O OP1   . DA C 3 13 ? -12.55579 -15.67411 -11.63455 1.000 164.55000 ?  13 DA C OP1   1 
ATOM 695  O OP2   . DA C 3 13 ? -11.63409 -17.30865 -13.26662 1.000 153.57000 -1 13 DA C OP2   1 
ATOM 696  O "O5'" . DA C 3 13 ? -10.07270 -15.39003 -12.25641 1.000 148.68000 ?  13 DA C "O5'" 1 
ATOM 697  C "C5'" . DA C 3 13 ? -9.07721  -15.44520 -11.20477 1.000 147.80000 ?  13 DA C "C5'" 1 
ATOM 698  C "C4'" . DA C 3 13 ? -7.69117  -15.37097 -11.78801 1.000 147.95000 ?  13 DA C "C4'" 1 
ATOM 699  O "O4'" . DA C 3 13 ? -7.07990  -16.66381 -11.89729 1.000 146.71000 ?  13 DA C "O4'" 1 
ATOM 700  C "C3'" . DA C 3 13 ? -7.66325  -14.86132 -13.20176 1.000 152.02000 ?  13 DA C "C3'" 1 
ATOM 701  O "O3'" . DA C 3 13 ? -7.75037  -13.43686 -13.19123 1.000 150.53000 ?  13 DA C "O3'" 1 
ATOM 702  C "C2'" . DA C 3 13 ? -6.32553  -15.41373 -13.74891 1.000 155.07000 ?  13 DA C "C2'" 1 
ATOM 703  C "C1'" . DA C 3 13 ? -5.94754  -16.47218 -12.71263 1.000 152.25000 ?  13 DA C "C1'" 1 
ATOM 704  N N9    . DA C 3 13 ? -5.56591  -17.71772 -13.30758 1.000 153.64000 ?  13 DA C N9    1 
ATOM 705  C C8    . DA C 3 13 ? -6.38648  -18.65980 -13.82484 1.000 159.39000 ?  13 DA C C8    1 
ATOM 706  N N7    . DA C 3 13 ? -5.75177  -19.68401 -14.32090 1.000 163.77000 ?  13 DA C N7    1 
ATOM 707  C C5    . DA C 3 13 ? -4.42728  -19.38570 -14.10964 1.000 161.47000 ?  13 DA C C5    1 
ATOM 708  C C6    . DA C 3 13 ? -3.26329  -20.09131 -14.42118 1.000 167.58000 ?  13 DA C C6    1 
ATOM 709  N N6    . DA C 3 13 ? -3.26916  -21.27524 -14.99571 1.000 168.23000 ?  13 DA C N6    1 
ATOM 710  N N1    . DA C 3 13 ? -2.09751  -19.53748 -14.09924 1.000 169.12000 ?  13 DA C N1    1 
ATOM 711  C C2    . DA C 3 13 ? -2.10104  -18.35124 -13.49379 1.000 161.64000 ?  13 DA C C2    1 
ATOM 712  N N3    . DA C 3 13 ? -3.14239  -17.58295 -13.15341 1.000 156.08000 ?  13 DA C N3    1 
ATOM 713  C C4    . DA C 3 13 ? -4.29117  -18.17389 -13.49057 1.000 157.67000 ?  13 DA C C4    1 
ATOM 714  P P     . DC C 3 14 ? -6.53844  -12.37149 -13.32407 1.000 178.25000 ?  14 DC C P     1 
ATOM 715  O OP1   . DC C 3 14 ? -5.23952  -12.76287 -12.63922 1.000 177.90000 ?  14 DC C OP1   1 
ATOM 716  O OP2   . DC C 3 14 ? -7.05334  -11.02177 -12.86529 1.000 182.57000 -1 14 DC C OP2   1 
ATOM 717  O "O5'" . DC C 3 14 ? -6.18735  -12.16269 -14.89526 1.000 172.04000 ?  14 DC C "O5'" 1 
ATOM 718  C "C5'" . DC C 3 14 ? -7.05423  -11.29925 -15.67453 1.000 173.94000 ?  14 DC C "C5'" 1 
ATOM 719  C "C4'" . DC C 3 14 ? -6.28623  -10.47244 -16.68091 1.000 180.41000 ?  14 DC C "C4'" 1 
ATOM 720  O "O4'" . DC C 3 14 ? -7.23226  -9.66224  -17.41015 1.000 180.04000 ?  14 DC C "O4'" 1 
ATOM 721  C "C3'" . DC C 3 14 ? -5.27654  -9.47360  -16.12695 1.000 189.08000 ?  14 DC C "C3'" 1 
ATOM 722  O "O3'" . DC C 3 14 ? -4.22350  -9.08325  -17.02707 1.000 197.11000 ?  14 DC C "O3'" 1 
ATOM 723  C "C2'" . DC C 3 14 ? -6.15613  -8.26920  -15.83097 1.000 198.51000 ?  14 DC C "C2'" 1 
ATOM 724  C "C1'" . DC C 3 14 ? -7.22652  -8.34187  -16.90580 1.000 194.18000 ?  14 DC C "C1'" 1 
ATOM 725  N N1    . DC C 3 14 ? -8.58171  -8.03674  -16.40083 1.000 197.10000 ?  14 DC C N1    1 
ATOM 726  C C2    . DC C 3 14 ? -9.14353  -6.80909  -16.73917 1.000 206.28000 ?  14 DC C C2    1 
ATOM 727  O O2    . DC C 3 14 ? -8.48081  -6.04188  -17.45167 1.000 208.39000 ?  14 DC C O2    1 
ATOM 728  N N3    . DC C 3 14 ? -10.37381 -6.49700  -16.26857 1.000 212.93000 ?  14 DC C N3    1 
ATOM 729  C C4    . DC C 3 14 ? -11.04079 -7.36229  -15.49724 1.000 212.47000 ?  14 DC C C4    1 
ATOM 730  N N4    . DC C 3 14 ? -12.24298 -7.01365  -15.06700 1.000 220.37000 ?  14 DC C N4    1 
ATOM 731  C C5    . DC C 3 14 ? -10.47870 -8.61538  -15.13863 1.000 207.58000 ?  14 DC C C5    1 
ATOM 732  C C6    . DC C 3 14 ? -9.25605  -8.90409  -15.60431 1.000 195.81000 ?  14 DC C C6    1 
ATOM 733  P P     . DC C 3 15 ? -2.79838  -8.47065  -16.54151 1.000 195.24000 ?  15 DC C P     1 
ATOM 734  O OP1   . DC C 3 15 ? -1.74183  -9.05888  -17.40279 1.000 195.93000 ?  15 DC C OP1   1 
ATOM 735  O OP2   . DC C 3 15 ? -2.84604  -8.76880  -15.11023 1.000 194.81000 -1 15 DC C OP2   1 
ATOM 736  O "O5'" . DC C 3 15 ? -2.80807  -6.88753  -16.62907 1.000 216.08000 ?  15 DC C "O5'" 1 
ATOM 737  C "C5'" . DC C 3 15 ? -3.62493  -6.26721  -17.58252 1.000 221.95000 ?  15 DC C "C5'" 1 
ATOM 738  C "C4'" . DC C 3 15 ? -3.80858  -4.81692  -17.24175 1.000 236.47000 ?  15 DC C "C4'" 1 
ATOM 739  O "O4'" . DC C 3 15 ? -5.18915  -4.58431  -16.85815 1.000 238.58000 ?  15 DC C "O4'" 1 
ATOM 740  C "C3'" . DC C 3 15 ? -2.95310  -4.33807  -16.07961 1.000 249.05000 ?  15 DC C "C3'" 1 
ATOM 741  O "O3'" . DC C 3 15 ? -2.56332  -3.00656  -16.30614 1.000 273.91000 ?  15 DC C "O3'" 1 
ATOM 742  C "C2'" . DC C 3 15 ? -3.91123  -4.44521  -14.90999 1.000 253.79000 ?  15 DC C "C2'" 1 
ATOM 743  C "C1'" . DC C 3 15 ? -5.22838  -4.04894  -15.56345 1.000 254.09000 ?  15 DC C "C1'" 1 
ATOM 744  N N1    . DC C 3 15 ? -6.38614  -4.61411  -14.86118 1.000 251.90000 ?  15 DC C N1    1 
ATOM 745  C C2    . DC C 3 15 ? -7.68370  -4.22955  -15.23785 1.000 246.40000 ?  15 DC C C2    1 
ATOM 746  O O2    . DC C 3 15 ? -7.84053  -3.42791  -16.17385 1.000 248.48000 ?  15 DC C O2    1 
ATOM 747  N N3    . DC C 3 15 ? -8.73182  -4.77226  -14.56137 1.000 242.25000 ?  15 DC C N3    1 
ATOM 748  C C4    . DC C 3 15 ? -8.51603  -5.63961  -13.56708 1.000 239.42000 ?  15 DC C C4    1 
ATOM 749  N N4    . DC C 3 15 ? -9.58001  -6.14679  -12.93495 1.000 241.85000 ?  15 DC C N4    1 
ATOM 750  C C5    . DC C 3 15 ? -7.19656  -6.02244  -13.17135 1.000 242.62000 ?  15 DC C C5    1 
ATOM 751  C C6    . DC C 3 15 ? -6.17672  -5.48597  -13.83947 1.000 249.35000 ?  15 DC C C6    1 
ATOM 752  P P     . DG C 3 16 ? -1.36656  -2.35832  -15.46040 1.000 289.23000 ?  16 DG C P     1 
ATOM 753  O OP1   . DG C 3 16 ? -0.34431  -1.88007  -16.41496 1.000 303.02000 ?  16 DG C OP1   1 
ATOM 754  O OP2   . DG C 3 16 ? -0.99387  -3.32301  -14.40370 1.000 288.61000 -1 16 DG C OP2   1 
ATOM 755  O "O5'" . DG C 3 16 ? -2.03132  -1.05969  -14.81297 1.000 308.22000 ?  16 DG C "O5'" 1 
ATOM 756  C "C5'" . DG C 3 16 ? -2.19153  0.11329   -15.59864 1.000 318.83000 ?  16 DG C "C5'" 1 
ATOM 757  C "C4'" . DG C 3 16 ? -3.51584  0.79706   -15.29727 1.000 335.50000 ?  16 DG C "C4'" 1 
ATOM 758  O "O4'" . DG C 3 16 ? -4.59822  -0.17584  -15.28952 1.000 325.18000 ?  16 DG C "O4'" 1 
ATOM 759  C "C3'" . DG C 3 16 ? -3.60316  1.46724   -13.94483 1.000 354.36000 ?  16 DG C "C3'" 1 
ATOM 760  O "O3'" . DG C 3 16 ? -2.98969  2.75636   -13.99929 1.000 369.30000 ?  16 DG C "O3'" 1 
ATOM 761  C "C2'" . DG C 3 16 ? -5.11859  1.56175   -13.76084 1.000 356.39000 ?  16 DG C "C2'" 1 
ATOM 762  C "C1'" . DG C 3 16 ? -5.59872  0.23904   -14.36974 1.000 336.51000 ?  16 DG C "C1'" 1 
ATOM 763  N N9    . DG C 3 16 ? -5.79051  -0.81531  -13.37961 1.000 320.58000 ?  16 DG C N9    1 
ATOM 764  C C8    . DG C 3 16 ? -4.96699  -1.88759  -13.12628 1.000 305.75000 ?  16 DG C C8    1 
ATOM 765  N N7    . DG C 3 16 ? -5.39254  -2.66934  -12.17047 1.000 300.74000 ?  16 DG C N7    1 
ATOM 766  C C5    . DG C 3 16 ? -6.56753  -2.06774  -11.75525 1.000 302.06000 ?  16 DG C C5    1 
ATOM 767  C C6    . DG C 3 16 ? -7.47245  -2.45680  -10.74123 1.000 298.03000 ?  16 DG C C6    1 
ATOM 768  O O6    . DG C 3 16 ? -7.39655  -3.44467  -9.98766  1.000 290.47000 ?  16 DG C O6    1 
ATOM 769  N N1    . DG C 3 16 ? -8.54480  -1.56140  -10.64411 1.000 302.36000 ?  16 DG C N1    1 
ATOM 770  C C2    . DG C 3 16 ? -8.71269  -0.43189  -11.42582 1.000 314.69000 ?  16 DG C C2    1 
ATOM 771  N N2    . DG C 3 16 ? -9.81131  0.30705   -11.18997 1.000 308.40000 ?  16 DG C N2    1 
ATOM 772  N N3    . DG C 3 16 ? -7.87202  -0.06065  -12.38434 1.000 328.56000 ?  16 DG C N3    1 
ATOM 773  C C4    . DG C 3 16 ? -6.83145  -0.92439  -12.48446 1.000 319.42000 ?  16 DG C C4    1 
ATOM 774  P P     . DG C 3 17 ? -2.91518  3.67896   -12.68914 1.000 386.89000 ?  17 DG C P     1 
ATOM 775  O OP1   . DG C 3 17 ? -1.94220  4.74751   -12.97577 1.000 433.07000 ?  17 DG C OP1   1 
ATOM 776  O OP2   . DG C 3 17 ? -2.72495  2.80885   -11.50913 1.000 391.85000 -1 17 DG C OP2   1 
ATOM 777  O "O5'" . DG C 3 17 ? -4.35817  4.34318   -12.61641 1.000 416.93000 ?  17 DG C "O5'" 1 
ATOM 778  C "C5'" . DG C 3 17 ? -4.65613  5.29344   -11.64617 1.000 448.35000 ?  17 DG C "C5'" 1 
ATOM 779  C "C4'" . DG C 3 17 ? -6.15167  5.44684   -11.54598 1.000 456.59000 ?  17 DG C "C4'" 1 
ATOM 780  O "O4'" . DG C 3 17 ? -6.76100  4.13365   -11.57899 1.000 418.68000 ?  17 DG C "O4'" 1 
ATOM 781  C "C3'" . DG C 3 17 ? -6.63042  6.04546   -10.25165 1.000 475.30000 ?  17 DG C "C3'" 1 
ATOM 782  O "O3'" . DG C 3 17 ? -7.93660  6.48555   -10.39762 1.000 492.05000 ?  17 DG C "O3'" 1 
ATOM 783  C "C2'" . DG C 3 17 ? -6.58863  4.84040   -9.34923  1.000 444.29000 ?  17 DG C "C2'" 1 
ATOM 784  C "C1'" . DG C 3 17 ? -7.10663  3.74972   -10.26208 1.000 413.38000 ?  17 DG C "C1'" 1 
ATOM 785  N N9    . DG C 3 17 ? -6.48503  2.47659   -9.96002  1.000 378.60000 ?  17 DG C N9    1 
ATOM 786  C C8    . DG C 3 17 ? -5.32761  1.98159   -10.49382 1.000 369.25000 ?  17 DG C C8    1 
ATOM 787  N N7    . DG C 3 17 ? -4.98269  0.82190   -10.00762 1.000 358.26000 ?  17 DG C N7    1 
ATOM 788  C C5    . DG C 3 17 ? -5.96614  0.53857   -9.06814  1.000 353.42000 ?  17 DG C C5    1 
ATOM 789  C C6    . DG C 3 17 ? -6.11567  -0.58864  -8.22266  1.000 336.48000 ?  17 DG C C6    1 
ATOM 790  O O6    . DG C 3 17 ? -5.38073  -1.59877  -8.13578  1.000 330.09000 ?  17 DG C O6    1 
ATOM 791  N N1    . DG C 3 17 ? -7.25817  -0.47064  -7.41778  1.000 329.82000 ?  17 DG C N1    1 
ATOM 792  C C2    . DG C 3 17 ? -8.14078  0.59788   -7.43573  1.000 339.76000 ?  17 DG C C2    1 
ATOM 793  N N2    . DG C 3 17 ? -9.17785  0.52905   -6.58224  1.000 328.11000 ?  17 DG C N2    1 
ATOM 794  N N3    . DG C 3 17 ? -8.00473  1.65845   -8.22941  1.000 354.60000 ?  17 DG C N3    1 
ATOM 795  C C4    . DG C 3 17 ? -6.89813  1.56163   -9.01744  1.000 363.19000 ?  17 DG C C4    1 
ATOM 796  P P     . DC C 3 18 ? -8.31055  8.01789   -10.11944 1.000 469.64000 ?  18 DC C P     1 
ATOM 797  O OP1   . DC C 3 18 ? -9.63059  8.01079   -9.45222  1.000 468.92000 ?  18 DC C OP1   1 
ATOM 798  O OP2   . DC C 3 18 ? -8.10823  8.73863   -11.39358 1.000 474.04000 -1 18 DC C OP2   1 
ATOM 799  O "O5'" . DC C 3 18 ? -7.21594  8.54936   -9.06924  1.000 469.16000 ?  18 DC C "O5'" 1 
ATOM 800  C "C5'" . DC C 3 18 ? -7.63846  9.43917   -8.01972  1.000 478.85000 ?  18 DC C "C5'" 1 
ATOM 801  C "C4'" . DC C 3 18 ? -6.49703  10.27490  -7.43050  1.000 487.41000 ?  18 DC C "C4'" 1 
ATOM 802  O "O4'" . DC C 3 18 ? -5.31211  9.47563   -7.20660  1.000 487.23000 ?  18 DC C "O4'" 1 
ATOM 803  C "C3'" . DC C 3 18 ? -6.02474  11.47685  -8.25555  1.000 495.23000 ?  18 DC C "C3'" 1 
ATOM 804  O "O3'" . DC C 3 18 ? -5.75349  12.54916  -7.37787  1.000 499.61000 ?  18 DC C "O3'" 1 
ATOM 805  C "C2'" . DC C 3 18 ? -4.72793  10.96232  -8.85216  1.000 494.54000 ?  18 DC C "C2'" 1 
ATOM 806  C "C1'" . DC C 3 18 ? -4.20283  10.21024  -7.65608  1.000 492.85000 ?  18 DC C "C1'" 1 
ATOM 807  N N1    . DC C 3 18 ? -3.13819  9.28497   -7.96632  1.000 491.67000 ?  18 DC C N1    1 
ATOM 808  C C2    . DC C 3 18 ? -2.06200  9.17020   -7.08867  1.000 494.32000 ?  18 DC C C2    1 
ATOM 809  O O2    . DC C 3 18 ? -2.03704  9.87502   -6.07323  1.000 493.25000 ?  18 DC C O2    1 
ATOM 810  N N3    . DC C 3 18 ? -1.07869  8.30408   -7.38461  1.000 494.72000 ?  18 DC C N3    1 
ATOM 811  C C4    . DC C 3 18 ? -1.14363  7.56751   -8.49069  1.000 499.55000 ?  18 DC C C4    1 
ATOM 812  N N4    . DC C 3 18 ? -0.14947  6.71906   -8.73614  1.000 502.30000 ?  18 DC C N4    1 
ATOM 813  C C5    . DC C 3 18 ? -2.24081  7.66805   -9.39706  1.000 495.00000 ?  18 DC C C5    1 
ATOM 814  C C6    . DC C 3 18 ? -3.20582  8.52987   -9.09518  1.000 490.69000 ?  18 DC C C6    1 
ATOM 815  P P     . DC C 3 19 ? -6.93948  13.51161  -6.89127  1.000 511.01000 ?  19 DC C P     1 
ATOM 816  O OP1   . DC C 3 19 ? -7.99373  12.68595  -6.25465  1.000 512.29000 ?  19 DC C OP1   1 
ATOM 817  O OP2   . DC C 3 19 ? -7.27197  14.36850  -8.04772  1.000 521.66000 -1 19 DC C OP2   1 
ATOM 818  O "O5'" . DC C 3 19 ? -6.25253  14.44637  -5.78961  1.000 509.23000 ?  19 DC C "O5'" 1 
ATOM 819  C "C5'" . DC C 3 19 ? -5.15389  13.96669  -5.03143  1.000 507.02000 ?  19 DC C "C5'" 1 
ATOM 820  C "C4'" . DC C 3 19 ? -3.87302  14.65163  -5.46305  1.000 508.02000 ?  19 DC C "C4'" 1 
ATOM 821  O "O4'" . DC C 3 19 ? -3.10771  13.76007  -6.29045  1.000 507.03000 ?  19 DC C "O4'" 1 
ATOM 822  C "C3'" . DC C 3 19 ? -4.07025  15.91980  -6.30044  1.000 507.94000 ?  19 DC C "C3'" 1 
ATOM 823  O "O3'" . DC C 3 19 ? -3.84128  17.08234  -5.48654  1.000 507.43000 ?  19 DC C "O3'" 1 
ATOM 824  C "C2'" . DC C 3 19 ? -3.04250  15.78821  -7.44832  1.000 512.61000 ?  19 DC C "C2'" 1 
ATOM 825  C "C1'" . DC C 3 19 ? -2.24830  14.53783  -7.07155  1.000 514.55000 ?  19 DC C "C1'" 1 
ATOM 826  N N1    . DC C 3 19 ? -1.80773  13.72362  -8.23405  1.000 518.69000 ?  19 DC C N1    1 
ATOM 827  C C2    . DC C 3 19 ? -0.57729  13.08016  -8.18595  1.000 523.25000 ?  19 DC C C2    1 
ATOM 828  O O2    . DC C 3 19 ? 0.11146   13.17659  -7.17260  1.000 523.79000 ?  19 DC C O2    1 
ATOM 829  N N3    . DC C 3 19 ? -0.18132  12.32759  -9.23662  1.000 526.69000 ?  19 DC C N3    1 
ATOM 830  C C4    . DC C 3 19 ? -0.95700  12.23303  -10.30607 1.000 529.48000 ?  19 DC C C4    1 
ATOM 831  N N4    . DC C 3 19 ? -0.52058  11.49264  -11.32546 1.000 541.91000 ?  19 DC C N4    1 
ATOM 832  C C5    . DC C 3 19 ? -2.21616  12.89403  -10.38304 1.000 523.23000 ?  19 DC C C5    1 
ATOM 833  C C6    . DC C 3 19 ? -2.59905  13.62464  -9.33189  1.000 519.48000 ?  19 DC C C6    1 
ATOM 834  P P     . DG C 3 20 ? -3.82639  18.56117  -6.12092  1.000 496.85000 ?  20 DG C P     1 
ATOM 835  O OP1   . DG C 3 20 ? -4.14139  19.51251  -5.02994  1.000 495.01000 ?  20 DG C OP1   1 
ATOM 836  O OP2   . DG C 3 20 ? -4.63322  18.57555  -7.35860  1.000 496.62000 -1 20 DG C OP2   1 
ATOM 837  O "O5'" . DG C 3 20 ? -2.30310  18.76036  -6.53353  1.000 506.30000 ?  20 DG C "O5'" 1 
ATOM 838  C "C5'" . DG C 3 20 ? -1.29213  18.23165  -5.70079  1.000 509.91000 ?  20 DG C "C5'" 1 
ATOM 839  C "C4'" . DG C 3 20 ? 0.02755   18.23208  -6.42178  1.000 518.55000 ?  20 DG C "C4'" 1 
ATOM 840  O "O4'" . DG C 3 20 ? 0.12271   17.07716  -7.29419  1.000 516.76000 ?  20 DG C "O4'" 1 
ATOM 841  C "C3'" . DG C 3 20 ? 0.24674   19.45141  -7.31511  1.000 523.48000 ?  20 DG C "C3'" 1 
ATOM 842  O "O3'" . DG C 3 20 ? 1.50382   19.98481  -7.04545  1.000 533.18000 ?  20 DG C "O3'" 1 
ATOM 843  C "C2'" . DG C 3 20 ? 0.18666   18.86834  -8.71945  1.000 530.06000 ?  20 DG C "C2'" 1 
ATOM 844  C "C1'" . DG C 3 20 ? 0.75362   17.49315  -8.46780  1.000 532.72000 ?  20 DG C "C1'" 1 
ATOM 845  N N9    . DG C 3 20 ? 0.46990   16.55439  -9.53256  1.000 540.26000 ?  20 DG C N9    1 
ATOM 846  C C8    . DG C 3 20 ? -0.72079  16.39137  -10.19108 1.000 539.41000 ?  20 DG C C8    1 
ATOM 847  N N7    . DG C 3 20 ? -0.67289  15.48651  -11.12302 1.000 547.77000 ?  20 DG C N7    1 
ATOM 848  C C5    . DG C 3 20 ? 0.63466   15.02003  -11.08015 1.000 552.67000 ?  20 DG C C5    1 
ATOM 849  C C6    . DG C 3 20 ? 1.27678   14.03430  -11.85969 1.000 567.13000 ?  20 DG C C6    1 
ATOM 850  O O6    . DG C 3 20 ? 0.80363   13.34514  -12.77084 1.000 572.90000 ?  20 DG C O6    1 
ATOM 851  N N1    . DG C 3 20 ? 2.60819   13.87734  -11.49758 1.000 567.42000 ?  20 DG C N1    1 
ATOM 852  C C2    . DG C 3 20 ? 3.23670   14.57393  -10.50125 1.000 563.08000 ?  20 DG C C2    1 
ATOM 853  N N2    . DG C 3 20 ? 4.52862   14.28285  -10.30231 1.000 567.15000 ?  20 DG C N2    1 
ATOM 854  N N3    . DG C 3 20 ? 2.64815   15.50512  -9.76340  1.000 555.86000 ?  20 DG C N3    1 
ATOM 855  C C4    . DG C 3 20 ? 1.34840   15.67123  -10.10621 1.000 550.09000 ?  20 DG C C4    1 
ATOM 856  P P     . DC C 3 21 ? 1.89312   21.45317  -7.55661  1.000 543.56000 ?  21 DC C P     1 
ATOM 857  O OP1   . DC C 3 21 ? 1.83799   22.34863  -6.37912  1.000 538.13000 ?  21 DC C OP1   1 
ATOM 858  O OP2   . DC C 3 21 ? 1.08277   21.78090  -8.75521  1.000 536.60000 -1 21 DC C OP2   1 
ATOM 859  O "O5'" . DC C 3 21 ? 3.41965   21.27993  -8.00510  1.000 555.68000 ?  21 DC C "O5'" 1 
ATOM 860  C "C5'" . DC C 3 21 ? 4.32774   20.51140  -7.19255  1.000 557.07000 ?  21 DC C "C5'" 1 
ATOM 861  C "C4'" . DC C 3 21 ? 5.42671   19.86650  -8.03560  1.000 572.74000 ?  21 DC C "C4'" 1 
ATOM 862  O "O4'" . DC C 3 21 ? 4.85832   18.78017  -8.82003  1.000 569.05000 ?  21 DC C "O4'" 1 
ATOM 863  C "C3'" . DC C 3 21 ? 6.11314   20.79073  -9.05354  1.000 585.82000 ?  21 DC C "C3'" 1 
ATOM 864  O "O3'" . DC C 3 21 ? 7.48285   20.38255  -9.26712  1.000 597.75000 ?  21 DC C "O3'" 1 
ATOM 865  C "C2'" . DC C 3 21 ? 5.27968   20.54767  -10.29389 1.000 581.19000 ?  21 DC C "C2'" 1 
ATOM 866  C "C1'" . DC C 3 21 ? 5.05766   19.05096  -10.19289 1.000 576.59000 ?  21 DC C "C1'" 1 
ATOM 867  N N1    . DC C 3 21 ? 3.87896   18.61126  -10.94525 1.000 571.03000 ?  21 DC C N1    1 
ATOM 868  C C2    . DC C 3 21 ? 3.90865   17.39667  -11.62042 1.000 572.66000 ?  21 DC C C2    1 
ATOM 869  O O2    . DC C 3 21 ? 4.92153   16.68526  -11.54239 1.000 576.73000 ?  21 DC C O2    1 
ATOM 870  N N3    . DC C 3 21 ? 2.81249   17.01624  -12.32272 1.000 572.04000 ?  21 DC C N3    1 
ATOM 871  C C4    . DC C 3 21 ? 1.73955   17.81253  -12.37027 1.000 570.38000 ?  21 DC C C4    1 
ATOM 872  N N4    . DC C 3 21 ? 0.68271   17.39565  -13.07370 1.000 570.74000 ?  21 DC C N4    1 
ATOM 873  C C5    . DC C 3 21 ? 1.70361   19.06608  -11.70231 1.000 561.92000 ?  21 DC C C5    1 
ATOM 874  C C6    . DC C 3 21 ? 2.78663   19.42506  -11.01240 1.000 565.08000 ?  21 DC C C6    1 
ATOM 875  P P     . DG C 3 22 ? 8.45079   21.17762  -10.28972 1.000 608.05000 ?  22 DG C P     1 
ATOM 876  O OP1   . DG C 3 22 ? 9.51132   21.80745  -9.47901  1.000 614.32000 ?  22 DG C OP1   1 
ATOM 877  O OP2   . DG C 3 22 ? 7.66881   22.04587  -11.20265 1.000 602.54000 -1 22 DG C OP2   1 
ATOM 878  O "O5'" . DG C 3 22 ? 9.13147   20.01846  -11.16794 1.000 602.54000 ?  22 DG C "O5'" 1 
ATOM 879  C "C5'" . DG C 3 22 ? 10.05200  19.07615  -10.58621 1.000 607.38000 ?  22 DG C "C5'" 1 
ATOM 880  C "C4'" . DG C 3 22 ? 10.48764  18.01689  -11.60314 1.000 603.04000 ?  22 DG C "C4'" 1 
ATOM 881  O "O4'" . DG C 3 22 ? 9.31712   17.45989  -12.24186 1.000 602.54000 ?  22 DG C "O4'" 1 
ATOM 882  C "C3'" . DG C 3 22 ? 11.35529  18.52329  -12.75553 1.000 602.72000 ?  22 DG C "C3'" 1 
ATOM 883  O "O3'" . DG C 3 22 ? 12.12933  17.44844  -13.32172 1.000 602.54000 ?  22 DG C "O3'" 1 
ATOM 884  C "C2'" . DG C 3 22 ? 10.30937  19.01543  -13.73845 1.000 602.54000 ?  22 DG C "C2'" 1 
ATOM 885  C "C1'" . DG C 3 22 ? 9.20491   17.97364  -13.55749 1.000 602.54000 ?  22 DG C "C1'" 1 
ATOM 886  N N9    . DG C 3 22 ? 7.86700   18.51960  -13.72967 1.000 602.54000 ?  22 DG C N9    1 
ATOM 887  C C8    . DG C 3 22 ? 7.14913   19.26744  -12.83242 1.000 602.54000 ?  22 DG C C8    1 
ATOM 888  N N7    . DG C 3 22 ? 5.98014   19.62502  -13.26900 1.000 602.54000 ?  22 DG C N7    1 
ATOM 889  C C5    . DG C 3 22 ? 5.91422   19.07539  -14.53630 1.000 602.61000 ?  22 DG C C5    1 
ATOM 890  C C6    . DG C 3 22 ? 4.88190   19.12565  -15.49096 1.000 608.66000 ?  22 DG C C6    1 
ATOM 891  O O6    . DG C 3 22 ? 3.77812   19.68612  -15.40083 1.000 607.67000 ?  22 DG C O6    1 
ATOM 892  N N1    . DG C 3 22 ? 5.22681   18.43470  -16.65274 1.000 618.15000 ?  22 DG C N1    1 
ATOM 893  C C2    . DG C 3 22 ? 6.42376   17.77836  -16.85392 1.000 617.96000 ?  22 DG C C2    1 
ATOM 894  N N2    . DG C 3 22 ? 6.57770   17.16646  -18.03741 1.000 621.35000 ?  22 DG C N2    1 
ATOM 895  N N3    . DG C 3 22 ? 7.39640   17.72794  -15.96161 1.000 614.05000 ?  22 DG C N3    1 
ATOM 896  C C4    . DG C 3 22 ? 7.07532   18.39501  -14.83043 1.000 609.70000 ?  22 DG C C4    1 
ATOM 897  P P     . DG C 3 23 ? 13.25382  17.75348  -14.43435 1.000 596.65000 ?  23 DG C P     1 
ATOM 898  O OP1   . DG C 3 23 ? 14.20811  16.62277  -14.47902 1.000 595.66000 ?  23 DG C OP1   1 
ATOM 899  O OP2   . DG C 3 23 ? 13.75354  19.12131  -14.17962 1.000 608.34000 -1 23 DG C OP2   1 
ATOM 900  O "O5'" . DG C 3 23 ? 12.44526  17.81262  -15.81284 1.000 601.32000 ?  23 DG C "O5'" 1 
ATOM 901  C "C5'" . DG C 3 23 ? 12.62552  16.79732  -16.78982 1.000 601.15000 ?  23 DG C "C5'" 1 
ATOM 902  C "C4'" . DG C 3 23 ? 11.98604  17.19514  -18.11352 1.000 604.86000 ?  23 DG C "C4'" 1 
ATOM 903  O "O4'" . DG C 3 23 ? 10.66894  17.75521  -17.88069 1.000 611.51000 ?  23 DG C "O4'" 1 
ATOM 904  C "C3'" . DG C 3 23 ? 12.75969  18.24488  -18.92098 1.000 606.15000 ?  23 DG C "C3'" 1 
ATOM 905  O "O3'" . DG C 3 23 ? 13.10793  17.71941  -20.19422 1.000 602.32000 ?  23 DG C "O3'" 1 
ATOM 906  C "C2'" . DG C 3 23 ? 11.78288  19.42533  -19.04720 1.000 613.31000 ?  23 DG C "C2'" 1 
ATOM 907  C "C1'" . DG C 3 23 ? 10.43340  18.75591  -18.83683 1.000 615.45000 ?  23 DG C "C1'" 1 
ATOM 908  N N9    . DG C 3 23 ? 9.39247   19.66621  -18.33676 1.000 621.02000 ?  23 DG C N9    1 
ATOM 909  C C8    . DG C 3 23 ? 9.23797   20.12204  -17.04523 1.000 619.88000 ?  23 DG C C8    1 
ATOM 910  N N7    . DG C 3 23 ? 8.21830   20.92790  -16.89444 1.000 620.96000 ?  23 DG C N7    1 
ATOM 911  C C5    . DG C 3 23 ? 7.65894   21.01513  -18.16636 1.000 624.01000 ?  23 DG C C5    1 
ATOM 912  C C6    . DG C 3 23 ? 6.53229   21.74338  -18.62151 1.000 626.87000 ?  23 DG C C6    1 
ATOM 913  O O6    . DG C 3 23 ? 5.77570   22.48317  -17.96860 1.000 627.71000 ?  23 DG C O6    1 
ATOM 914  N N1    . DG C 3 23 ? 6.31087   21.55201  -19.98815 1.000 628.02000 ?  23 DG C N1    1 
ATOM 915  C C2    . DG C 3 23 ? 7.08193   20.75627  -20.80851 1.000 624.86000 ?  23 DG C C2    1 
ATOM 916  N N2    . DG C 3 23 ? 6.71151   20.69563  -22.09771 1.000 624.26000 ?  23 DG C N2    1 
ATOM 917  N N3    . DG C 3 23 ? 8.13982   20.06876  -20.39357 1.000 622.55000 ?  23 DG C N3    1 
ATOM 918  C C4    . DG C 3 23 ? 8.37343   20.24238  -19.06533 1.000 623.18000 ?  23 DG C C4    1 
ATOM 919  P P     . DC C 3 28 ? -4.68039  22.50667  -22.55474 1.000 658.19000 ?  28 DC C P     1 
ATOM 920  O OP1   . DC C 3 28 ? -5.30862  22.91062  -23.83368 1.000 657.08000 ?  28 DC C OP1   1 
ATOM 921  O OP2   . DC C 3 28 ? -5.34752  21.51146  -21.68263 1.000 656.76000 -1 28 DC C OP2   1 
ATOM 922  O "O5'" . DC C 3 28 ? -3.18865  21.99290  -22.83123 1.000 651.45000 ?  28 DC C "O5'" 1 
ATOM 923  C "C5'" . DC C 3 28 ? -2.49583  22.40748  -24.00520 1.000 650.36000 ?  28 DC C "C5'" 1 
ATOM 924  C "C4'" . DC C 3 28 ? -1.08464  21.83554  -24.03572 1.000 649.15000 ?  28 DC C "C4'" 1 
ATOM 925  O "O4'" . DC C 3 28 ? -0.23172  22.58866  -23.14137 1.000 647.89000 ?  28 DC C "O4'" 1 
ATOM 926  C "C3'" . DC C 3 28 ? -0.96875  20.36536  -23.60940 1.000 647.87000 ?  28 DC C "C3'" 1 
ATOM 927  O "O3'" . DC C 3 28 ? -0.57021  19.55771  -24.72541 1.000 649.02000 ?  28 DC C "O3'" 1 
ATOM 928  C "C2'" . DC C 3 28 ? 0.09310   20.36619  -22.49067 1.000 646.64000 ?  28 DC C "C2'" 1 
ATOM 929  C "C1'" . DC C 3 28 ? 0.76003   21.73417  -22.63439 1.000 646.91000 ?  28 DC C "C1'" 1 
ATOM 930  N N1    . DC C 3 28 ? 1.27091   22.30603  -21.32704 1.000 645.89000 ?  28 DC C N1    1 
ATOM 931  C C2    . DC C 3 28 ? 2.64101   22.24765  -21.02592 1.000 642.77000 ?  28 DC C C2    1 
ATOM 932  O O2    . DC C 3 28 ? 3.42106   21.72901  -21.83834 1.000 641.61000 ?  28 DC C O2    1 
ATOM 933  N N3    . DC C 3 28 ? 3.07672   22.76658  -19.84289 1.000 641.06000 ?  28 DC C N3    1 
ATOM 934  C C4    . DC C 3 28 ? 2.20612   23.31802  -18.99090 1.000 639.50000 ?  28 DC C C4    1 
ATOM 935  N N4    . DC C 3 28 ? 2.68131   23.81466  -17.84008 1.000 633.90000 ?  28 DC C N4    1 
ATOM 936  C C5    . DC C 3 28 ? 0.81174   23.38572  -19.28084 1.000 642.20000 ?  28 DC C C5    1 
ATOM 937  C C6    . DC C 3 28 ? 0.39248   22.87326  -20.44793 1.000 645.50000 ?  28 DC C C6    1 
ATOM 938  P P     . DC C 3 29 ? -0.92677  17.98819  -24.77737 1.000 649.35000 ?  29 DC C P     1 
ATOM 939  O OP1   . DC C 3 29 ? -1.02369  17.61851  -26.20738 1.000 649.71000 ?  29 DC C OP1   1 
ATOM 940  O OP2   . DC C 3 29 ? -2.07546  17.72752  -23.87933 1.000 644.77000 -1 29 DC C OP2   1 
ATOM 941  O "O5'" . DC C 3 29 ? 0.36731   17.27936  -24.14853 1.000 645.56000 ?  29 DC C "O5'" 1 
ATOM 942  C "C5'" . DC C 3 29 ? 1.66995   17.58592  -24.65946 1.000 645.02000 ?  29 DC C "C5'" 1 
ATOM 943  C "C4'" . DC C 3 29 ? 2.75803   16.86640  -23.87115 1.000 640.73000 ?  29 DC C "C4'" 1 
ATOM 944  O "O4'" . DC C 3 29 ? 2.91350   17.48235  -22.56437 1.000 639.04000 ?  29 DC C "O4'" 1 
ATOM 945  C "C3'" . DC C 3 29 ? 2.50392   15.37729  -23.61848 1.000 638.70000 ?  29 DC C "C3'" 1 
ATOM 946  O "O3'" . DC C 3 29 ? 3.68553   14.63283  -23.87935 1.000 639.02000 ?  29 DC C "O3'" 1 
ATOM 947  C "C2'" . DC C 3 29 ? 2.12111   15.32524  -22.13936 1.000 634.87000 ?  29 DC C "C2'" 1 
ATOM 948  C "C1'" . DC C 3 29 ? 2.91778   16.48412  -21.56641 1.000 635.10000 ?  29 DC C "C1'" 1 
ATOM 949  N N1    . DC C 3 29 ? 2.31161   17.04751  -20.31698 1.000 632.83000 ?  29 DC C N1    1 
ATOM 950  C C2    . DC C 3 29 ? 3.08078   17.14685  -19.15245 1.000 627.39000 ?  29 DC C C2    1 
ATOM 951  O O2    . DC C 3 29 ? 4.26266   16.77845  -19.16984 1.000 627.04000 ?  29 DC C O2    1 
ATOM 952  N N3    . DC C 3 29 ? 2.50733   17.65870  -18.02714 1.000 625.91000 ?  29 DC C N3    1 
ATOM 953  C C4    . DC C 3 29 ? 1.22763   18.04585  -18.04870 1.000 627.18000 ?  29 DC C C4    1 
ATOM 954  N N4    . DC C 3 29 ? 0.70430   18.54070  -16.91775 1.000 621.30000 ?  29 DC C N4    1 
ATOM 955  C C5    . DC C 3 29 ? 0.43003   17.94501  -19.22465 1.000 631.89000 ?  29 DC C C5    1 
ATOM 956  C C6    . DC C 3 29 ? 1.00600   17.44295  -20.32508 1.000 634.97000 ?  29 DC C C6    1 
ATOM 957  P P     . DG C 3 30 ? 3.72281   13.04681  -23.61996 1.000 638.52000 ?  30 DG C P     1 
ATOM 958  O OP1   . DG C 3 30 ? 4.60233   12.46773  -24.65955 1.000 637.67000 ?  30 DG C OP1   1 
ATOM 959  O OP2   . DG C 3 30 ? 2.33361   12.54757  -23.47525 1.000 631.11000 -1 30 DG C OP2   1 
ATOM 960  O "O5'" . DG C 3 30 ? 4.44296   12.91559  -22.19640 1.000 637.50000 ?  30 DG C "O5'" 1 
ATOM 961  C "C5'" . DG C 3 30 ? 5.71490   13.53265  -21.97569 1.000 636.97000 ?  30 DG C "C5'" 1 
ATOM 962  C "C4'" . DG C 3 30 ? 6.12609   13.42242  -20.51364 1.000 635.12000 ?  30 DG C "C4'" 1 
ATOM 963  O "O4'" . DG C 3 30 ? 5.18288   14.15270  -19.67988 1.000 630.53000 ?  30 DG C "O4'" 1 
ATOM 964  C "C3'" . DG C 3 30 ? 6.15617   11.99357  -19.94908 1.000 636.15000 ?  30 DG C "C3'" 1 
ATOM 965  O "O3'" . DG C 3 30 ? 7.27877   11.82676  -19.08750 1.000 636.11000 ?  30 DG C "O3'" 1 
ATOM 966  C "C2'" . DG C 3 30 ? 4.85486   11.91743  -19.16186 1.000 627.68000 ?  30 DG C "C2'" 1 
ATOM 967  C "C1'" . DG C 3 30 ? 4.80880   13.32432  -18.60470 1.000 624.10000 ?  30 DG C "C1'" 1 
ATOM 968  N N9    . DG C 3 30 ? 3.49653   13.72545  -18.11529 1.000 619.30000 ?  30 DG C N9    1 
ATOM 969  C C8    . DG C 3 30 ? 2.30308   13.68988  -18.79716 1.000 619.40000 ?  30 DG C C8    1 
ATOM 970  N N7    . DG C 3 30 ? 1.29248   14.11004  -18.08747 1.000 616.61000 ?  30 DG C N7    1 
ATOM 971  C C5    . DG C 3 30 ? 1.85787   14.45126  -16.86015 1.000 612.59000 ?  30 DG C C5    1 
ATOM 972  C C6    . DG C 3 30 ? 1.25362   14.95468  -15.68652 1.000 603.99000 ?  30 DG C C6    1 
ATOM 973  O O6    . DG C 3 30 ? 0.06165   15.22788  -15.49076 1.000 602.54000 ?  30 DG C O6    1 
ATOM 974  N N1    . DG C 3 30 ? 2.18975   15.14705  -14.66672 1.000 602.54000 ?  30 DG C N1    1 
ATOM 975  C C2    . DG C 3 30 ? 3.53670   14.88665  -14.77385 1.000 602.54000 ?  30 DG C C2    1 
ATOM 976  N N2    . DG C 3 30 ? 4.28004   15.12984  -13.68417 1.000 602.54000 ?  30 DG C N2    1 
ATOM 977  N N3    . DG C 3 30 ? 4.10877   14.40210  -15.86495 1.000 610.69000 ?  30 DG C N3    1 
ATOM 978  C C4    . DG C 3 30 ? 3.21411   14.20980  -16.86725 1.000 613.46000 ?  30 DG C C4    1 
ATOM 979  P P     . DC C 3 31 ? 8.18307   10.50291  -19.19621 1.000 642.81000 ?  31 DC C P     1 
ATOM 980  O OP1   . DC C 3 31 ? 9.44960   10.88382  -19.86464 1.000 647.93000 ?  31 DC C OP1   1 
ATOM 981  O OP2   . DC C 3 31 ? 7.32756   9.43406   -19.75860 1.000 641.93000 -1 31 DC C OP2   1 
ATOM 982  O "O5'" . DC C 3 31 ? 8.47379   10.08619  -17.68194 1.000 629.36000 ?  31 DC C "O5'" 1 
ATOM 983  C "C5'" . DC C 3 31 ? 8.85655   11.05657  -16.72404 1.000 626.16000 ?  31 DC C "C5'" 1 
ATOM 984  C "C4'" . DC C 3 31 ? 8.36171   10.64344  -15.35775 1.000 613.89000 ?  31 DC C "C4'" 1 
ATOM 985  O "O4'" . DC C 3 31 ? 7.09165   11.29918  -15.10237 1.000 610.32000 ?  31 DC C "O4'" 1 
ATOM 986  C "C3'" . DC C 3 31 ? 8.10065   9.13599   -15.21449 1.000 604.51000 ?  31 DC C "C3'" 1 
ATOM 987  O "O3'" . DC C 3 31 ? 8.55131   8.66402   -13.94765 1.000 602.54000 ?  31 DC C "O3'" 1 
ATOM 988  C "C2'" . DC C 3 31 ? 6.58790   9.04213   -15.33754 1.000 603.99000 ?  31 DC C "C2'" 1 
ATOM 989  C "C1'" . DC C 3 31 ? 6.17223   10.33695  -14.66965 1.000 602.54000 ?  31 DC C "C1'" 1 
ATOM 990  N N1    . DC C 3 31 ? 4.80182   10.75795  -15.01687 1.000 602.54000 ?  31 DC C N1    1 
ATOM 991  C C2    . DC C 3 31 ? 4.15893   11.71942  -14.24039 1.000 602.54000 ?  31 DC C C2    1 
ATOM 992  O O2    . DC C 3 31 ? 4.75779   12.22342  -13.28064 1.000 602.54000 ?  31 DC C O2    1 
ATOM 993  N N3    . DC C 3 31 ? 2.88940   12.06920  -14.55669 1.000 602.54000 ?  31 DC C N3    1 
ATOM 994  C C4    . DC C 3 31 ? 2.27925   11.49790  -15.59623 1.000 602.54000 ?  31 DC C C4    1 
ATOM 995  N N4    . DC C 3 31 ? 1.02907   11.87722  -15.87338 1.000 603.44000 ?  31 DC C N4    1 
ATOM 996  C C5    . DC C 3 31 ? 2.91974   10.51211  -16.39484 1.000 604.55000 ?  31 DC C C5    1 
ATOM 997  C C6    . DC C 3 31 ? 4.16531   10.17017  -16.06821 1.000 605.46000 ?  31 DC C C6    1 
ATOM 998  P P     . DG C 3 32 ? 8.81540   7.09374   -13.71167 1.000 600.50000 ?  32 DG C P     1 
ATOM 999  O OP1   . DG C 3 32 ? 10.00580  6.68224   -14.48719 1.000 609.36000 ?  32 DG C OP1   1 
ATOM 1000 O OP2   . DG C 3 32 ? 7.53258   6.39125   -13.91493 1.000 607.39000 -1 32 DG C OP2   1 
ATOM 1001 O "O5'" . DG C 3 32 ? 9.17794   7.00962   -12.16344 1.000 569.10000 ?  32 DG C "O5'" 1 
ATOM 1002 C "C5'" . DG C 3 32 ? 9.82043   8.10541   -11.54665 1.000 558.00000 ?  32 DG C "C5'" 1 
ATOM 1003 C "C4'" . DG C 3 32 ? 8.98876   8.63798   -10.39852 1.000 542.57000 ?  32 DG C "C4'" 1 
ATOM 1004 O "O4'" . DG C 3 32 ? 7.82521   9.36091   -10.89421 1.000 553.34000 ?  32 DG C "O4'" 1 
ATOM 1005 C "C3'" . DG C 3 32 ? 8.42640   7.57319   -9.46671  1.000 525.93000 ?  32 DG C "C3'" 1 
ATOM 1006 O "O3'" . DG C 3 32 ? 8.38609   8.10166   -8.20242  1.000 506.08000 ?  32 DG C "O3'" 1 
ATOM 1007 C "C2'" . DG C 3 32 ? 7.01436   7.41200   -9.98816  1.000 533.14000 ?  32 DG C "C2'" 1 
ATOM 1008 C "C1'" . DG C 3 32 ? 6.69005   8.86565   -10.22271 1.000 541.84000 ?  32 DG C "C1'" 1 
ATOM 1009 N N9    . DG C 3 32 ? 5.51934   9.08057   -11.04939 1.000 560.56000 ?  32 DG C N9    1 
ATOM 1010 C C8    . DG C 3 32 ? 5.25103   8.49782   -12.25695 1.000 584.04000 ?  32 DG C C8    1 
ATOM 1011 N N7    . DG C 3 32 ? 4.12150   8.88541   -12.77661 1.000 595.13000 ?  32 DG C N7    1 
ATOM 1012 C C5    . DG C 3 32 ? 3.60996   9.78016   -11.84607 1.000 584.19000 ?  32 DG C C5    1 
ATOM 1013 C C6    . DG C 3 32 ? 2.41028   10.51184  -11.85915 1.000 588.13000 ?  32 DG C C6    1 
ATOM 1014 O O6    . DG C 3 32 ? 1.52860   10.52719  -12.72202 1.000 601.62000 ?  32 DG C O6    1 
ATOM 1015 N N1    . DG C 3 32 ? 2.26949   11.28538  -10.71775 1.000 569.78000 ?  32 DG C N1    1 
ATOM 1016 C C2    . DG C 3 32 ? 3.17991   11.35771  -9.70125  1.000 557.30000 ?  32 DG C C2    1 
ATOM 1017 N N2    . DG C 3 32 ? 2.86296   12.16691  -8.68786  1.000 549.55000 ?  32 DG C N2    1 
ATOM 1018 N N3    . DG C 3 32 ? 4.30728   10.67029  -9.67188  1.000 553.15000 ?  32 DG C N3    1 
ATOM 1019 C C4    . DG C 3 32 ? 4.46360   9.90483   -10.77722 1.000 562.99000 ?  32 DG C C4    1 
ATOM 1020 P P     . DG C 3 33 ? 8.97387   7.28315   -6.96750  1.000 489.09000 ?  33 DG C P     1 
ATOM 1021 O OP1   . DG C 3 33 ? 10.40187  7.00369   -7.25258  1.000 487.49000 ?  33 DG C OP1   1 
ATOM 1022 O OP2   . DG C 3 33 ? 8.03867   6.15944   -6.74938  1.000 491.11000 -1 33 DG C OP2   1 
ATOM 1023 O "O5'" . DG C 3 33 ? 8.84907   8.32947   -5.76060  1.000 490.55000 ?  33 DG C "O5'" 1 
ATOM 1024 C "C5'" . DG C 3 33 ? 7.86312   9.34963   -5.80379  1.000 491.44000 ?  33 DG C "C5'" 1 
ATOM 1025 C "C4'" . DG C 3 33 ? 6.82088   9.15269   -4.71983  1.000 490.64000 ?  33 DG C "C4'" 1 
ATOM 1026 O "O4'" . DG C 3 33 ? 5.55209   9.63861   -5.20651  1.000 493.78000 ?  33 DG C "O4'" 1 
ATOM 1027 C "C3'" . DG C 3 33 ? 6.61677   7.70335   -4.28434  1.000 492.86000 ?  33 DG C "C3'" 1 
ATOM 1028 O "O3'" . DG C 3 33 ? 7.15007   7.51057   -2.97904  1.000 495.92000 ?  33 DG C "O3'" 1 
ATOM 1029 C "C2'" . DG C 3 33 ? 5.10417   7.49205   -4.29299  1.000 497.73000 ?  33 DG C "C2'" 1 
ATOM 1030 C "C1'" . DG C 3 33 ? 4.57617   8.62924   -5.15539  1.000 499.51000 ?  33 DG C "C1'" 1 
ATOM 1031 N N9    . DG C 3 33 ? 4.20333   8.24584   -6.51734  1.000 502.82000 ?  33 DG C N9    1 
ATOM 1032 C C8    . DG C 3 33 ? 4.84258   7.37277   -7.36698  1.000 504.47000 ?  33 DG C C8    1 
ATOM 1033 N N7    . DG C 3 33 ? 4.23892   7.25039   -8.51836  1.000 509.47000 ?  33 DG C N7    1 
ATOM 1034 C C5    . DG C 3 33 ? 3.14284   8.09357   -8.41174  1.000 516.95000 ?  33 DG C C5    1 
ATOM 1035 C C6    . DG C 3 33 ? 2.12641   8.38449   -9.33441  1.000 520.94000 ?  33 DG C C6    1 
ATOM 1036 O O6    . DG C 3 33 ? 1.97769   7.93397   -10.46570 1.000 532.88000 ?  33 DG C O6    1 
ATOM 1037 N N1    . DG C 3 33 ? 1.21083   9.29431   -8.82335  1.000 514.29000 ?  33 DG C N1    1 
ATOM 1038 C C2    . DG C 3 33 ? 1.28266   9.84314   -7.57570  1.000 509.81000 ?  33 DG C C2    1 
ATOM 1039 N N2    . DG C 3 33 ? 0.32006   10.68714  -7.24254  1.000 506.31000 ?  33 DG C N2    1 
ATOM 1040 N N3    . DG C 3 33 ? 2.22381   9.57754   -6.71000  1.000 509.77000 ?  33 DG C N3    1 
ATOM 1041 C C4    . DG C 3 33 ? 3.11685   8.70232   -7.19087  1.000 509.42000 ?  33 DG C C4    1 
ATOM 1042 P P     . DC C 3 34 ? 8.73633   7.56156   -2.75930  1.000 483.46000 ?  34 DC C P     1 
ATOM 1043 O OP1   . DC C 3 34 ? 9.09435   8.97187   -2.48988  1.000 489.38000 ?  34 DC C OP1   1 
ATOM 1044 O OP2   . DC C 3 34 ? 9.36547   6.79534   -3.85061  1.000 483.92000 -1 34 DC C OP2   1 
ATOM 1045 O "O5'" . DC C 3 34 ? 9.00838   6.66735   -1.46744  1.000 494.70000 ?  34 DC C "O5'" 1 
ATOM 1046 C "C5'" . DC C 3 34 ? 10.33634  6.56335   -0.98099  1.000 490.58000 ?  34 DC C "C5'" 1 
ATOM 1047 C "C4'" . DC C 3 34 ? 10.81085  5.11482   -0.92041  1.000 483.32000 ?  34 DC C "C4'" 1 
ATOM 1048 O "O4'" . DC C 3 34 ? 10.70283  4.63774   0.45008   1.000 479.67000 ?  34 DC C "O4'" 1 
ATOM 1049 C "C3'" . DC C 3 34 ? 10.01563  4.10982   -1.75292  1.000 479.31000 ?  34 DC C "C3'" 1 
ATOM 1050 O "O3'" . DC C 3 34 ? 10.55572  3.98528   -3.05991  1.000 480.04000 ?  34 DC C "O3'" 1 
ATOM 1051 C "C2'" . DC C 3 34 ? 10.20113  2.82587   -0.95098  1.000 467.46000 ?  34 DC C "C2'" 1 
ATOM 1052 C "C1'" . DC C 3 34 ? 10.09884  3.35521   0.46546   1.000 468.99000 ?  34 DC C "C1'" 1 
ATOM 1053 N N1    . DC C 3 34 ? 8.69928   3.50125   0.93513   1.000 467.91000 ?  34 DC C N1    1 
ATOM 1054 C C2    . DC C 3 34 ? 8.03437   2.39378   1.45963   1.000 447.46000 ?  34 DC C C2    1 
ATOM 1055 O O2    . DC C 3 34 ? 8.62676   1.31365   1.51935   1.000 445.05000 ?  34 DC C O2    1 
ATOM 1056 N N3    . DC C 3 34 ? 6.75964   2.54693   1.88885   1.000 434.78000 ?  34 DC C N3    1 
ATOM 1057 C C4    . DC C 3 34 ? 6.16715   3.73465   1.79884   1.000 454.99000 ?  34 DC C C4    1 
ATOM 1058 N N4    . DC C 3 34 ? 4.91895   3.85665   2.23755   1.000 448.44000 ?  34 DC C N4    1 
ATOM 1059 C C5    . DC C 3 34 ? 6.83258   4.85846   1.25714   1.000 488.67000 ?  34 DC C C5    1 
ATOM 1060 C C6    . DC C 3 34 ? 8.07978   4.70575   0.85767   1.000 489.67000 ?  34 DC C C6    1 
ATOM 1061 P P     . DG C 3 35 ? 10.02914  2.81011   -4.02340  1.000 478.89000 ?  35 DG C P     1 
ATOM 1062 O OP1   . DG C 3 35 ? 10.86758  1.61342   -3.78460  1.000 476.85000 ?  35 DG C OP1   1 
ATOM 1063 O OP2   . DG C 3 35 ? 9.92258   3.36577   -5.39218  1.000 480.76000 -1 35 DG C OP2   1 
ATOM 1064 O "O5'" . DG C 3 35 ? 8.54622   2.52286   -3.48641  1.000 471.86000 ?  35 DG C "O5'" 1 
ATOM 1065 C "C5'" . DG C 3 35 ? 7.79936   1.42946   -3.99595  1.000 466.84000 ?  35 DG C "C5'" 1 
ATOM 1066 C "C4'" . DG C 3 35 ? 8.06615   0.16733   -3.19895  1.000 461.57000 ?  35 DG C "C4'" 1 
ATOM 1067 O "O4'" . DG C 3 35 ? 7.71065   0.38236   -1.81345  1.000 465.38000 ?  35 DG C "O4'" 1 
ATOM 1068 C "C3'" . DG C 3 35 ? 7.25254   -1.02846  -3.63741  1.000 460.81000 ?  35 DG C "C3'" 1 
ATOM 1069 O "O3'" . DG C 3 35 ? 7.93395   -2.22195  -3.31909  1.000 456.92000 ?  35 DG C "O3'" 1 
ATOM 1070 C "C2'" . DG C 3 35 ? 5.96604   -0.86944  -2.83363  1.000 465.03000 ?  35 DG C "C2'" 1 
ATOM 1071 C "C1'" . DG C 3 35 ? 6.43807   -0.17570  -1.54872  1.000 467.37000 ?  35 DG C "C1'" 1 
ATOM 1072 N N9    . DG C 3 35 ? 5.54369   0.89921   -1.10821  1.000 414.65000 ?  35 DG C N9    1 
ATOM 1073 C C8    . DG C 3 35 ? 5.45728   2.16858   -1.62705  1.000 418.90000 ?  35 DG C C8    1 
ATOM 1074 N N7    . DG C 3 35 ? 4.56375   2.91506   -1.03945  1.000 409.21000 ?  35 DG C N7    1 
ATOM 1075 C C5    . DG C 3 35 ? 4.01860   2.09105   -0.07073  1.000 392.57000 ?  35 DG C C5    1 
ATOM 1076 C C6    . DG C 3 35 ? 2.99867   2.35266   0.86643   1.000 365.87000 ?  35 DG C C6    1 
ATOM 1077 O O6    . DG C 3 35 ? 2.36596   3.40928   1.03975   1.000 365.62000 ?  35 DG C O6    1 
ATOM 1078 N N1    . DG C 3 35 ? 2.75446   1.24557   1.67756   1.000 354.31000 ?  35 DG C N1    1 
ATOM 1079 C C2    . DG C 3 35 ? 3.40831   0.03432   1.58181   1.000 354.73000 ?  35 DG C C2    1 
ATOM 1080 N N2    . DG C 3 35 ? 3.02338   -0.91743  2.44541   1.000 328.63000 ?  35 DG C N2    1 
ATOM 1081 N N3    . DG C 3 35 ? 4.35498   -0.22787  0.69179   1.000 384.83000 ?  35 DG C N3    1 
ATOM 1082 C C4    . DG C 3 35 ? 4.61699   0.84393   -0.09439  1.000 397.71000 ?  35 DG C C4    1 
ATOM 1083 P P     . DC C 3 36 ? 7.41113   -3.60626  -3.92574  1.000 457.04000 ?  36 DC C P     1 
ATOM 1084 O OP1   . DC C 3 36 ? 8.53110   -4.57316  -3.97394  1.000 477.26000 ?  36 DC C OP1   1 
ATOM 1085 O OP2   . DC C 3 36 ? 6.68456   -3.26738  -5.16360  1.000 480.62000 -1 36 DC C OP2   1 
ATOM 1086 O "O5'" . DC C 3 36 ? 6.32817   -4.07531  -2.86061  1.000 414.26000 ?  36 DC C "O5'" 1 
ATOM 1087 C "C5'" . DC C 3 36 ? 6.63039   -3.99542  -1.47962  1.000 405.66000 ?  36 DC C "C5'" 1 
ATOM 1088 C "C4'" . DC C 3 36 ? 5.55680   -4.66488  -0.64280  1.000 367.01000 ?  36 DC C "C4'" 1 
ATOM 1089 O "O4'" . DC C 3 36 ? 4.69208   -3.65213  -0.06795  1.000 356.78000 ?  36 DC C "O4'" 1 
ATOM 1090 C "C3'" . DC C 3 36 ? 4.61813   -5.60155  -1.40897  1.000 357.15000 ?  36 DC C "C3'" 1 
ATOM 1091 O "O3'" . DC C 3 36 ? 4.11083   -6.61962  -0.52727  1.000 343.33000 ?  36 DC C "O3'" 1 
ATOM 1092 C "C2'" . DC C 3 36 ? 3.51519   -4.64890  -1.80154  1.000 344.27000 ?  36 DC C "C2'" 1 
ATOM 1093 C "C1'" . DC C 3 36 ? 3.37077   -3.89320  -0.49987  1.000 341.30000 ?  36 DC C "C1'" 1 
ATOM 1094 N N1    . DC C 3 36 ? 2.71550   -2.63138  -0.66503  1.000 338.13000 ?  36 DC C N1    1 
ATOM 1095 C C2    . DC C 3 36 ? 1.73259   -2.24830  0.23884   1.000 323.44000 ?  36 DC C C2    1 
ATOM 1096 O O2    . DC C 3 36 ? 1.45939   -2.99288  1.18851   1.000 311.73000 ?  36 DC C O2    1 
ATOM 1097 N N3    . DC C 3 36 ? 1.12934   -1.05374  0.06706   1.000 323.88000 ?  36 DC C N3    1 
ATOM 1098 C C4    . DC C 3 36 ? 1.47021   -0.27776  -0.96234  1.000 335.58000 ?  36 DC C C4    1 
ATOM 1099 N N4    . DC C 3 36 ? 0.84387   0.89363   -1.09381  1.000 337.21000 ?  36 DC C N4    1 
ATOM 1100 C C5    . DC C 3 36 ? 2.46086   -0.67200  -1.90701  1.000 345.63000 ?  36 DC C C5    1 
ATOM 1101 C C6    . DC C 3 36 ? 3.04605   -1.84819  -1.71864  1.000 347.06000 ?  36 DC C C6    1 
ATOM 1102 P P     . DA C 3 37 ? 3.39302   -7.94469  -1.10936  1.000 331.93000 ?  37 DA C P     1 
ATOM 1103 O OP1   . DA C 3 37 ? 3.89892   -9.12344  -0.36533  1.000 333.27000 ?  37 DA C OP1   1 
ATOM 1104 O OP2   . DA C 3 37 ? 3.42212   -7.91661  -2.58499  1.000 335.82000 -1 37 DA C OP2   1 
ATOM 1105 O "O5'" . DA C 3 37 ? 1.86504   -7.74524  -0.74787  1.000 309.41000 ?  37 DA C "O5'" 1 
ATOM 1106 C "C5'" . DA C 3 37 ? 1.24143   -8.62991  0.13518   1.000 293.68000 ?  37 DA C "C5'" 1 
ATOM 1107 C "C4'" . DA C 3 37 ? -0.19787  -8.24182  0.27962   1.000 283.51000 ?  37 DA C "C4'" 1 
ATOM 1108 O "O4'" . DA C 3 37 ? -0.30994  -6.80335  0.11776   1.000 289.84000 ?  37 DA C "O4'" 1 
ATOM 1109 C "C3'" . DA C 3 37 ? -1.11776  -8.85215  -0.76564  1.000 257.70000 ?  37 DA C "C3'" 1 
ATOM 1110 O "O3'" . DA C 3 37 ? -2.33248  -9.19830  -0.15365  1.000 249.33000 ?  37 DA C "O3'" 1 
ATOM 1111 C "C2'" . DA C 3 37 ? -1.29757  -7.72002  -1.77213  1.000 260.95000 ?  37 DA C "C2'" 1 
ATOM 1112 C "C1'" . DA C 3 37 ? -1.28142  -6.52216  -0.84723  1.000 280.99000 ?  37 DA C "C1'" 1 
ATOM 1113 N N9    . DA C 3 37 ? -0.94103  -5.26876  -1.49976  1.000 284.67000 ?  37 DA C N9    1 
ATOM 1114 C C8    . DA C 3 37 ? 0.02094   -5.05382  -2.44313  1.000 293.80000 ?  37 DA C C8    1 
ATOM 1115 N N7    . DA C 3 37 ? 0.08719   -3.80221  -2.84414  1.000 295.38000 ?  37 DA C N7    1 
ATOM 1116 C C5    . DA C 3 37 ? -0.89942  -3.16389  -2.10754  1.000 292.44000 ?  37 DA C C5    1 
ATOM 1117 C C6    . DA C 3 37 ? -1.34511  -1.82369  -2.06448  1.000 293.22000 ?  37 DA C C6    1 
ATOM 1118 N N6    . DA C 3 37 ? -0.83113  -0.84301  -2.81379  1.000 303.13000 ?  37 DA C N6    1 
ATOM 1119 N N1    . DA C 3 37 ? -2.35175  -1.53170  -1.21718  1.000 289.48000 ?  37 DA C N1    1 
ATOM 1120 C C2    . DA C 3 37 ? -2.86540  -2.50980  -0.46518  1.000 283.84000 ?  37 DA C C2    1 
ATOM 1121 N N3    . DA C 3 37 ? -2.53226  -3.79680  -0.42566  1.000 283.20000 ?  37 DA C N3    1 
ATOM 1122 C C4    . DA C 3 37 ? -1.53414  -4.06255  -1.27437  1.000 285.72000 ?  37 DA C C4    1 
ATOM 1123 P P     . DG C 3 38 ? -3.21294  -10.40818 -0.73203  1.000 252.01000 ?  38 DG C P     1 
ATOM 1124 O OP1   . DG C 3 38 ? -3.44076  -11.37899 0.37052   1.000 259.03000 ?  38 DG C OP1   1 
ATOM 1125 O OP2   . DG C 3 38 ? -2.51964  -10.84765 -1.97610  1.000 252.06000 -1 38 DG C OP2   1 
ATOM 1126 O "O5'" . DG C 3 38 ? -4.64376  -9.72633  -1.02969  1.000 248.05000 ?  38 DG C "O5'" 1 
ATOM 1127 C "C5'" . DG C 3 38 ? -5.59971  -9.59709  0.02906   1.000 243.07000 ?  38 DG C "C5'" 1 
ATOM 1128 C "C4'" . DG C 3 38 ? -6.16752  -8.18550  0.10277   1.000 240.98000 ?  38 DG C "C4'" 1 
ATOM 1129 O "O4'" . DG C 3 38 ? -5.15343  -7.22323  -0.23129  1.000 252.41000 ?  38 DG C "O4'" 1 
ATOM 1130 C "C3'" . DG C 3 38 ? -7.28607  -7.88729  -0.87225  1.000 238.96000 ?  38 DG C "C3'" 1 
ATOM 1131 O "O3'" . DG C 3 38 ? -8.52294  -8.34991  -0.33917  1.000 232.06000 ?  38 DG C "O3'" 1 
ATOM 1132 C "C2'" . DG C 3 38 ? -7.24277  -6.35686  -0.97234  1.000 241.68000 ?  38 DG C "C2'" 1 
ATOM 1133 C "C1'" . DG C 3 38 ? -5.78387  -6.02312  -0.61875  1.000 252.99000 ?  38 DG C "C1'" 1 
ATOM 1134 N N9    . DG C 3 38 ? -5.01964  -5.44342  -1.71710  1.000 262.11000 ?  38 DG C N9    1 
ATOM 1135 C C8    . DG C 3 38 ? -4.10469  -6.07666  -2.51662  1.000 266.99000 ?  38 DG C C8    1 
ATOM 1136 N N7    . DG C 3 38 ? -3.57001  -5.29582  -3.41441  1.000 275.64000 ?  38 DG C N7    1 
ATOM 1137 C C5    . DG C 3 38 ? -4.18161  -4.06069  -3.19289  1.000 281.97000 ?  38 DG C C5    1 
ATOM 1138 C C6    . DG C 3 38 ? -4.01263  -2.81588  -3.86026  1.000 294.27000 ?  38 DG C C6    1 
ATOM 1139 O O6    . DG C 3 38 ? -3.26857  -2.53178  -4.82069  1.000 298.17000 ?  38 DG C O6    1 
ATOM 1140 N N1    . DG C 3 38 ? -4.83503  -1.82729  -3.29943  1.000 298.29000 ?  38 DG C N1    1 
ATOM 1141 C C2    . DG C 3 38 ? -5.70339  -2.02184  -2.24258  1.000 288.82000 ?  38 DG C C2    1 
ATOM 1142 N N2    . DG C 3 38 ? -6.41175  -0.95472  -1.85028  1.000 292.03000 ?  38 DG C N2    1 
ATOM 1143 N N3    . DG C 3 38 ? -5.86031  -3.17776  -1.62252  1.000 277.39000 ?  38 DG C N3    1 
ATOM 1144 C C4    . DG C 3 38 ? -5.07943  -4.15225  -2.14490  1.000 272.85000 ?  38 DG C C4    1 
ATOM 1145 P P     . DC C 3 39 ? -9.78625  -8.59262  -1.31116  1.000 239.33000 ?  39 DC C P     1 
ATOM 1146 O OP1   . DC C 3 39 ? -10.09261 -10.04639 -1.33419  1.000 234.32000 ?  39 DC C OP1   1 
ATOM 1147 O OP2   . DC C 3 39 ? -9.54777  -7.87872  -2.58470  1.000 240.56000 -1 39 DC C OP2   1 
ATOM 1148 O "O5'" . DC C 3 39 ? -10.96743 -7.77283  -0.60739  1.000 241.17000 ?  39 DC C "O5'" 1 
ATOM 1149 C "C5'" . DC C 3 39 ? -11.92717 -7.08174  -1.43114  1.000 243.87000 ?  39 DC C "C5'" 1 
ATOM 1150 C "C4'" . DC C 3 39 ? -11.60862 -5.58347  -1.58050  1.000 248.47000 ?  39 DC C "C4'" 1 
ATOM 1151 O "O4'" . DC C 3 39 ? -10.19892 -5.34949  -1.86672  1.000 251.58000 ?  39 DC C "O4'" 1 
ATOM 1152 C "C3'" . DC C 3 39 ? -12.30562 -4.87873  -2.73710  1.000 244.70000 ?  39 DC C "C3'" 1 
ATOM 1153 O "O3'" . DC C 3 39 ? -13.69276 -4.61944  -2.42697  1.000 239.22000 ?  39 DC C "O3'" 1 
ATOM 1154 C "C2'" . DC C 3 39 ? -11.49144 -3.58149  -2.82786  1.000 248.98000 ?  39 DC C "C2'" 1 
ATOM 1155 C "C1'" . DC C 3 39 ? -10.07485 -4.03305  -2.42546  1.000 253.29000 ?  39 DC C "C1'" 1 
ATOM 1156 N N1    . DC C 3 39 ? -9.10520  -4.04729  -3.58236  1.000 259.14000 ?  39 DC C N1    1 
ATOM 1157 C C2    . DC C 3 39 ? -8.78710  -2.83616  -4.24999  1.000 273.03000 ?  39 DC C C2    1 
ATOM 1158 O O2    . DC C 3 39 ? -9.29691  -1.76808  -3.86865  1.000 277.44000 ?  39 DC C O2    1 
ATOM 1159 N N3    . DC C 3 39 ? -7.92235  -2.87832  -5.29693  1.000 282.20000 ?  39 DC C N3    1 
ATOM 1160 C C4    . DC C 3 39 ? -7.38711  -4.03943  -5.68441  1.000 282.14000 ?  39 DC C C4    1 
ATOM 1161 N N4    . DC C 3 39 ? -6.53490  -4.02973  -6.72337  1.000 289.42000 ?  39 DC C N4    1 
ATOM 1162 C C5    . DC C 3 39 ? -7.70288  -5.26897  -5.02284  1.000 263.92000 ?  39 DC C C5    1 
ATOM 1163 C C6    . DC C 3 39 ? -8.55844  -5.22585  -3.99505  1.000 254.13000 ?  39 DC C C6    1 
ATOM 1164 P P     . DC C 3 40 ? -14.84695 -4.81486  -3.53694  1.000 225.74000 ?  40 DC C P     1 
ATOM 1165 O OP1   . DC C 3 40 ? -16.14610 -4.63924  -2.83113  1.000 220.87000 ?  40 DC C OP1   1 
ATOM 1166 O OP2   . DC C 3 40 ? -14.52989 -6.07805  -4.23820  1.000 222.05000 -1 40 DC C OP2   1 
ATOM 1167 O "O5'" . DC C 3 40 ? -14.65713 -3.58508  -4.56341  1.000 235.47000 ?  40 DC C "O5'" 1 
ATOM 1168 C "C5'" . DC C 3 40 ? -14.96600 -2.24897  -4.13675  1.000 242.64000 ?  40 DC C "C5'" 1 
ATOM 1169 C "C4'" . DC C 3 40 ? -14.74595 -1.22323  -5.24529  1.000 248.45000 ?  40 DC C "C4'" 1 
ATOM 1170 O "O4'" . DC C 3 40 ? -13.38308 -1.30608  -5.73754  1.000 253.80000 ?  40 DC C "O4'" 1 
ATOM 1171 C "C3'" . DC C 3 40 ? -15.66442 -1.37251  -6.46207  1.000 250.22000 ?  40 DC C "C3'" 1 
ATOM 1172 O "O3'" . DC C 3 40 ? -16.20162 -0.10613  -6.84578  1.000 251.87000 ?  40 DC C "O3'" 1 
ATOM 1173 C "C2'" . DC C 3 40 ? -14.74955 -1.93540  -7.53716  1.000 253.53000 ?  40 DC C "C2'" 1 
ATOM 1174 C "C1'" . DC C 3 40 ? -13.39667 -1.36562  -7.14100  1.000 257.40000 ?  40 DC C "C1'" 1 
ATOM 1175 N N1    . DC C 3 40 ? -12.30804 -2.22935  -7.56710  1.000 262.24000 ?  40 DC C N1    1 
ATOM 1176 C C2    . DC C 3 40 ? -11.22307 -1.66933  -8.24091  1.000 272.09000 ?  40 DC C C2    1 
ATOM 1177 O O2    . DC C 3 40 ? -11.20218 -0.44919  -8.43778  1.000 274.41000 ?  40 DC C O2    1 
ATOM 1178 N N3    . DC C 3 40 ? -10.22216 -2.48795  -8.64739  1.000 276.35000 ?  40 DC C N3    1 
ATOM 1179 C C4    . DC C 3 40 ? -10.29056 -3.79912  -8.40683  1.000 271.29000 ?  40 DC C C4    1 
ATOM 1180 N N4    . DC C 3 40 ? -9.27916  -4.56458  -8.82578  1.000 281.51000 ?  40 DC C N4    1 
ATOM 1181 C C5    . DC C 3 40 ? -11.40160 -4.38443  -7.72151  1.000 266.75000 ?  40 DC C C5    1 
ATOM 1182 C C6    . DC C 3 40 ? -12.37804 -3.56848  -7.32704  1.000 260.52000 ?  40 DC C C6    1 
ATOM 1183 P P     . DG C 3 41 ? -17.43696 -0.04251  -7.87476  1.000 245.51000 ?  41 DG C P     1 
ATOM 1184 O OP1   . DG C 3 41 ? -18.40981 0.95001   -7.35747  1.000 244.93000 ?  41 DG C OP1   1 
ATOM 1185 O OP2   . DG C 3 41 ? -17.87567 -1.43328  -8.10388  1.000 240.31000 -1 41 DG C OP2   1 
ATOM 1186 O "O5'" . DG C 3 41 ? -16.77869 0.51863   -9.21617  1.000 247.55000 ?  41 DG C "O5'" 1 
ATOM 1187 C "C5'" . DG C 3 41 ? -15.92790 1.63326   -9.13529  1.000 251.12000 ?  41 DG C "C5'" 1 
ATOM 1188 C "C4'" . DG C 3 41 ? -14.87669 1.62200   -10.23822 1.000 255.02000 ?  41 DG C "C4'" 1 
ATOM 1189 O "O4'" . DG C 3 41 ? -13.77377 0.74130   -9.91610  1.000 257.00000 ?  41 DG C "O4'" 1 
ATOM 1190 C "C3'" . DG C 3 41 ? -15.28236 1.06284   -11.58190 1.000 254.94000 ?  41 DG C "C3'" 1 
ATOM 1191 O "O3'" . DG C 3 41 ? -16.14573 1.88273   -12.26820 1.000 259.51000 ?  41 DG C "O3'" 1 
ATOM 1192 C "C2'" . DG C 3 41 ? -13.92928 1.06578   -12.24959 1.000 257.31000 ?  41 DG C "C2'" 1 
ATOM 1193 C "C1'" . DG C 3 41 ? -13.11291 0.43846   -11.15666 1.000 259.05000 ?  41 DG C "C1'" 1 
ATOM 1194 N N9    . DG C 3 41 ? -12.99441 -0.98274  -11.35856 1.000 255.42000 ?  41 DG C N9    1 
ATOM 1195 C C8    . DG C 3 41 ? -13.74199 -1.99878  -10.80334 1.000 248.56000 ?  41 DG C C8    1 
ATOM 1196 N N7    . DG C 3 41 ? -13.37641 -3.17960  -11.21153 1.000 243.47000 ?  41 DG C N7    1 
ATOM 1197 C C5    . DG C 3 41 ? -12.33332 -2.90354  -12.11202 1.000 246.15000 ?  41 DG C C5    1 
ATOM 1198 C C6    . DG C 3 41 ? -11.52835 -3.78701  -12.84690 1.000 244.37000 ?  41 DG C C6    1 
ATOM 1199 O O6    . DG C 3 41 ? -11.58479 -5.01261  -12.91620 1.000 242.80000 ?  41 DG C O6    1 
ATOM 1200 N N1    . DG C 3 41 ? -10.59523 -3.08075  -13.63100 1.000 245.99000 ?  41 DG C N1    1 
ATOM 1201 C C2    . DG C 3 41 ? -10.45877 -1.72093  -13.66009 1.000 250.57000 ?  41 DG C C2    1 
ATOM 1202 N N2    . DG C 3 41 ? -9.51237  -1.22303  -14.47061 1.000 259.75000 ?  41 DG C N2    1 
ATOM 1203 N N3    . DG C 3 41 ? -11.21032 -0.90284  -12.96355 1.000 251.34000 ?  41 DG C N3    1 
ATOM 1204 C C4    . DG C 3 41 ? -12.12234 -1.56940  -12.20337 1.000 250.42000 ?  41 DG C C4    1 
ATOM 1205 P P     . DG C 3 42 ? -16.70087 1.34681   -13.67404 1.000 260.69000 ?  42 DG C P     1 
ATOM 1206 O OP1   . DG C 3 42 ? -17.96940 2.05505   -13.98247 1.000 274.88000 ?  42 DG C OP1   1 
ATOM 1207 O OP2   . DG C 3 42 ? -16.63388 -0.14158  -13.54350 1.000 249.62000 -1 42 DG C OP2   1 
ATOM 1208 O "O5'" . DG C 3 42 ? -15.59545 1.76005   -14.76575 1.000 250.73000 ?  42 DG C "O5'" 1 
ATOM 1209 C "C5'" . DG C 3 42 ? -15.04633 3.06502   -14.87093 1.000 253.36000 ?  42 DG C "C5'" 1 
ATOM 1210 C "C4'" . DG C 3 42 ? -13.87636 2.95710   -15.80595 1.000 249.92000 ?  42 DG C "C4'" 1 
ATOM 1211 O "O4'" . DG C 3 42 ? -12.95907 1.98986   -15.21886 1.000 241.51000 ?  42 DG C "O4'" 1 
ATOM 1212 C "C3'" . DG C 3 42 ? -14.27918 2.41290   -17.18104 1.000 249.56000 ?  42 DG C "C3'" 1 
ATOM 1213 O "O3'" . DG C 3 42 ? -14.10310 3.39972   -18.23941 1.000 249.32000 ?  42 DG C "O3'" 1 
ATOM 1214 C "C2'" . DG C 3 42 ? -13.39204 1.19665   -17.41457 1.000 242.94000 ?  42 DG C "C2'" 1 
ATOM 1215 C "C1'" . DG C 3 42 ? -12.67301 0.94121   -16.10930 1.000 238.42000 ?  42 DG C "C1'" 1 
ATOM 1216 N N9    . DG C 3 42 ? -13.10551 -0.32133  -15.57377 1.000 235.39000 ?  42 DG C N9    1 
ATOM 1217 C C8    . DG C 3 42 ? -14.25876 -0.60313  -14.90840 1.000 239.13000 ?  42 DG C C8    1 
ATOM 1218 N N7    . DG C 3 42 ? -14.40971 -1.85443  -14.62623 1.000 238.34000 ?  42 DG C N7    1 
ATOM 1219 C C5    . DG C 3 42 ? -13.30614 -2.43575  -15.20333 1.000 235.44000 ?  42 DG C C5    1 
ATOM 1220 C C6    . DG C 3 42 ? -12.94668 -3.78285  -15.26405 1.000 234.19000 ?  42 DG C C6    1 
ATOM 1221 O O6    . DG C 3 42 ? -13.52031 -4.74309  -14.75964 1.000 235.77000 ?  42 DG C O6    1 
ATOM 1222 N N1    . DG C 3 42 ? -11.73301 -3.95180  -15.93261 1.000 230.81000 ?  42 DG C N1    1 
ATOM 1223 C C2    . DG C 3 42 ? -10.99857 -2.93614  -16.50482 1.000 232.37000 ?  42 DG C C2    1 
ATOM 1224 N N2    . DG C 3 42 ? -9.86828  -3.28480  -17.12983 1.000 231.52000 ?  42 DG C N2    1 
ATOM 1225 N N3    . DG C 3 42 ? -11.35580 -1.66941  -16.46991 1.000 234.52000 ?  42 DG C N3    1 
ATOM 1226 C C4    . DG C 3 42 ? -12.51800 -1.50381  -15.81267 1.000 234.56000 ?  42 DG C C4    1 
ATOM 1227 P P     . DA C 3 43 ? -14.30577 2.97959   -19.79533 1.000 264.01000 ?  43 DA C P     1 
ATOM 1228 O OP1   . DA C 3 43 ? -14.12250 4.18146   -20.64890 1.000 271.16000 ?  43 DA C OP1   1 
ATOM 1229 O OP2   . DA C 3 43 ? -15.59590 2.22448   -19.86511 1.000 248.17000 -1 43 DA C OP2   1 
ATOM 1230 O "O5'" . DA C 3 43 ? -13.09770 1.93270   -20.14722 1.000 253.47000 ?  43 DA C "O5'" 1 
ATOM 1231 C "C5'" . DA C 3 43 ? -11.63397 2.26001   -20.06534 1.000 246.49000 ?  43 DA C "C5'" 1 
ATOM 1232 C "C4'" . DA C 3 43 ? -10.82896 1.17388   -20.79478 1.000 234.86000 ?  43 DA C "C4'" 1 
ATOM 1233 O "O4'" . DA C 3 43 ? -10.66984 -0.02137  -19.92742 1.000 233.44000 ?  43 DA C "O4'" 1 
ATOM 1234 C "C3'" . DA C 3 43 ? -11.56471 0.68246   -22.04812 1.000 234.88000 ?  43 DA C "C3'" 1 
ATOM 1235 O "O3'" . DA C 3 43 ? -10.72523 0.42184   -23.16835 1.000 230.92000 ?  43 DA C "O3'" 1 
ATOM 1236 C "C2'" . DA C 3 43 ? -12.21797 -0.58961  -21.56837 1.000 236.07000 ?  43 DA C "C2'" 1 
ATOM 1237 C "C1'" . DA C 3 43 ? -11.15452 -1.14916  -20.64862 1.000 233.10000 ?  43 DA C "C1'" 1 
ATOM 1238 N N9    . DA C 3 43 ? -11.76544 -2.19630  -19.81470 1.000 233.05000 ?  43 DA C N9    1 
ATOM 1239 C C8    . DA C 3 43 ? -13.00686 -2.14447  -19.20625 1.000 231.28000 ?  43 DA C C8    1 
ATOM 1240 N N7    . DA C 3 43 ? -13.37756 -3.27046  -18.63122 1.000 226.03000 ?  43 DA C N7    1 
ATOM 1241 C C5    . DA C 3 43 ? -12.34441 -4.14711  -18.93846 1.000 220.83000 ?  43 DA C C5    1 
ATOM 1242 C C6    . DA C 3 43 ? -12.13615 -5.50011  -18.61059 1.000 209.37000 ?  43 DA C C6    1 
ATOM 1243 N N6    . DA C 3 43 ? -13.00565 -6.21424  -17.89297 1.000 203.73000 ?  43 DA C N6    1 
ATOM 1244 N N1    . DA C 3 43 ? -11.00036 -6.08809  -19.07045 1.000 203.59000 ?  43 DA C N1    1 
ATOM 1245 C C2    . DA C 3 43 ? -10.12414 -5.35736  -19.79070 1.000 210.23000 ?  43 DA C C2    1 
ATOM 1246 N N3    . DA C 3 43 ? -10.20259 -4.07177  -20.15546 1.000 221.81000 ?  43 DA C N3    1 
ATOM 1247 C C4    . DA C 3 43 ? -11.35359 -3.52011  -19.69386 1.000 225.76000 ?  43 DA C C4    1 
ATOM 1248 P P     . DC C 3 44 ? -11.36067 -0.42150  -24.39300 1.000 236.00000 ?  44 DC C P     1 
ATOM 1249 O OP1   . DC C 3 44 ? -10.64115 -0.13591  -25.65179 1.000 235.16000 ?  44 DC C OP1   1 
ATOM 1250 O OP2   . DC C 3 44 ? -12.84206 -0.20936  -24.42261 1.000 233.90000 -1 44 DC C OP2   1 
ATOM 1251 O "O5'" . DC C 3 44 ? -11.14598 -1.95197  -23.93894 1.000 230.82000 ?  44 DC C "O5'" 1 
ATOM 1252 C "C5'" . DC C 3 44 ? -9.82194  -2.53003  -23.70900 1.000 224.06000 ?  44 DC C "C5'" 1 
ATOM 1253 C "C4'" . DC C 3 44 ? -9.73229  -3.87960  -24.41867 1.000 214.39000 ?  44 DC C "C4'" 1 
ATOM 1254 O "O4'" . DC C 3 44 ? -10.29896 -4.94925  -23.60320 1.000 210.53000 ?  44 DC C "O4'" 1 
ATOM 1255 C "C3'" . DC C 3 44 ? -10.48804 -3.92048  -25.73716 1.000 209.97000 ?  44 DC C "C3'" 1 
ATOM 1256 O "O3'" . DC C 3 44 ? -9.78915  -4.67181  -26.63429 1.000 203.72000 ?  44 DC C "O3'" 1 
ATOM 1257 C "C2'" . DC C 3 44 ? -11.83591 -4.56779  -25.39208 1.000 206.42000 ?  44 DC C "C2'" 1 
ATOM 1258 C "C1'" . DC C 3 44 ? -11.52369 -5.42726  -24.16673 1.000 204.32000 ?  44 DC C "C1'" 1 
ATOM 1259 N N1    . DC C 3 44 ? -12.60819 -5.35652  -23.09735 1.000 202.76000 ?  44 DC C N1    1 
ATOM 1260 C C2    . DC C 3 44 ? -12.73883 -6.40267  -22.16837 1.000 196.29000 ?  44 DC C C2    1 
ATOM 1261 O O2    . DC C 3 44 ? -11.96759 -7.37476  -22.24211 1.000 190.32000 ?  44 DC C O2    1 
ATOM 1262 N N3    . DC C 3 44 ? -13.70553 -6.30543  -21.20995 1.000 192.60000 ?  44 DC C N3    1 
ATOM 1263 C C4    . DC C 3 44 ? -14.52175 -5.23911  -21.16485 1.000 197.17000 ?  44 DC C C4    1 
ATOM 1264 N N4    . DC C 3 44 ? -15.44925 -5.19531  -20.20650 1.000 188.72000 ?  44 DC C N4    1 
ATOM 1265 C C5    . DC C 3 44 ? -14.41123 -4.16884  -22.10406 1.000 203.57000 ?  44 DC C C5    1 
ATOM 1266 C C6    . DC C 3 44 ? -13.45497 -4.26731  -23.04216 1.000 205.96000 ?  44 DC C C6    1 
ATOM 1267 P P     . DA C 3 45 ? -10.03548 -4.49081  -28.20278 1.000 196.55000 ?  45 DA C P     1 
ATOM 1268 O OP1   . DA C 3 45 ? -9.51534  -3.18156  -28.66491 1.000 193.10000 ?  45 DA C OP1   1 
ATOM 1269 O OP2   . DA C 3 45 ? -11.45532 -4.81324  -28.46722 1.000 197.95000 -1 45 DA C OP2   1 
ATOM 1270 O "O5'" . DA C 3 45 ? -9.10632  -5.65190  -28.74820 1.000 196.59000 ?  45 DA C "O5'" 1 
ATOM 1271 C "C5'" . DA C 3 45 ? -8.65014  -6.61886  -27.81710 1.000 187.68000 ?  45 DA C "C5'" 1 
ATOM 1272 C "C4'" . DA C 3 45 ? -9.61870  -7.77488  -27.73262 1.000 189.41000 ?  45 DA C "C4'" 1 
ATOM 1273 O "O4'" . DA C 3 45 ? -10.82236 -7.43829  -26.99332 1.000 189.57000 ?  45 DA C "O4'" 1 
ATOM 1274 C "C3'" . DA C 3 45 ? -10.09438 -8.34990  -29.06805 1.000 189.08000 ?  45 DA C "C3'" 1 
ATOM 1275 O "O3'" . DA C 3 45 ? -9.86578  -9.73401  -29.08717 1.000 188.75000 ?  45 DA C "O3'" 1 
ATOM 1276 C "C2'" . DA C 3 45 ? -11.60040 -8.06500  -29.07293 1.000 191.65000 ?  45 DA C "C2'" 1 
ATOM 1277 C "C1'" . DA C 3 45 ? -11.89270 -8.14325  -27.59475 1.000 189.50000 ?  45 DA C "C1'" 1 
ATOM 1278 N N9    . DA C 3 45 ? -13.16522 -7.53957  -27.20740 1.000 194.28000 ?  45 DA C N9    1 
ATOM 1279 C C8    . DA C 3 45 ? -13.78223 -6.45103  -27.77466 1.000 197.68000 ?  45 DA C C8    1 
ATOM 1280 N N7    . DA C 3 45 ? -14.92732 -6.13507  -27.21311 1.000 195.82000 ?  45 DA C N7    1 
ATOM 1281 C C5    . DA C 3 45 ? -15.07892 -7.09306  -26.21811 1.000 196.90000 ?  45 DA C C5    1 
ATOM 1282 C C6    . DA C 3 45 ? -16.10067 -7.30540  -25.26055 1.000 194.52000 ?  45 DA C C6    1 
ATOM 1283 N N6    . DA C 3 45 ? -17.19714 -6.52550  -25.15529 1.000 196.06000 ?  45 DA C N6    1 
ATOM 1284 N N1    . DA C 3 45 ? -15.94386 -8.36381  -24.42075 1.000 188.99000 ?  45 DA C N1    1 
ATOM 1285 C C2    . DA C 3 45 ? -14.83789 -9.13260  -24.52518 1.000 190.61000 ?  45 DA C C2    1 
ATOM 1286 N N3    . DA C 3 45 ? -13.81809 -9.02633  -25.38267 1.000 191.29000 ?  45 DA C N3    1 
ATOM 1287 C C4    . DA C 3 45 ? -14.00351 -7.97509  -26.20688 1.000 190.49000 ?  45 DA C C4    1 
ATOM 1288 P P     . DG C 3 46 ? -8.94492  -10.46844 -27.99369 1.000 189.86000 ?  46 DG C P     1 
ATOM 1289 O OP1   . DG C 3 46 ? -9.25912  -10.15840 -26.57392 1.000 188.29000 ?  46 DG C OP1   1 
ATOM 1290 O OP2   . DG C 3 46 ? -7.53910  -10.32783 -28.45532 1.000 186.11000 -1 46 DG C OP2   1 
ATOM 1291 O "O5'" . DG C 3 46 ? -9.47488  -11.97369 -28.09142 1.000 188.78000 ?  46 DG C "O5'" 1 
ATOM 1292 C "C5'" . DG C 3 46 ? -9.59690  -12.72326 -26.89991 1.000 184.43000 ?  46 DG C "C5'" 1 
ATOM 1293 C "C4'" . DG C 3 46 ? -11.01965 -13.22842 -26.64020 1.000 183.18000 ?  46 DG C "C4'" 1 
ATOM 1294 O "O4'" . DG C 3 46 ? -12.01980 -12.16501 -26.59634 1.000 182.52000 ?  46 DG C "O4'" 1 
ATOM 1295 C "C3'" . DG C 3 46 ? -11.58734 -14.25232 -27.62951 1.000 183.93000 ?  46 DG C "C3'" 1 
ATOM 1296 O "O3'" . DG C 3 46 ? -12.26092 -15.20864 -26.86673 1.000 187.97000 ?  46 DG C "O3'" 1 
ATOM 1297 C "C2'" . DG C 3 46 ? -12.60704 -13.41937 -28.38521 1.000 185.88000 ?  46 DG C "C2'" 1 
ATOM 1298 C "C1'" . DG C 3 46 ? -13.16460 -12.73577 -27.18007 1.000 185.44000 ?  46 DG C "C1'" 1 
ATOM 1299 N N9    . DG C 3 46 ? -14.16288 -11.74527 -27.44307 1.000 186.68000 ?  46 DG C N9    1 
ATOM 1300 C C8    . DG C 3 46 ? -14.18688 -10.84055 -28.46529 1.000 190.17000 ?  46 DG C C8    1 
ATOM 1301 N N7    . DG C 3 46 ? -15.23378 -10.07273 -28.44194 1.000 192.02000 ?  46 DG C N7    1 
ATOM 1302 C C5    . DG C 3 46 ? -15.94548 -10.51058 -27.33625 1.000 193.22000 ?  46 DG C C5    1 
ATOM 1303 C C6    . DG C 3 46 ? -17.16472 -10.05552 -26.80819 1.000 196.50000 ?  46 DG C C6    1 
ATOM 1304 O O6    . DG C 3 46 ? -17.88235 -9.12267  -27.21898 1.000 202.66000 ?  46 DG C O6    1 
ATOM 1305 N N1    . DG C 3 46 ? -17.53539 -10.78007 -25.67314 1.000 193.48000 ?  46 DG C N1    1 
ATOM 1306 C C2    . DG C 3 46 ? -16.80902 -11.80770 -25.11608 1.000 190.35000 ?  46 DG C C2    1 
ATOM 1307 N N2    . DG C 3 46 ? -17.35001 -12.38522 -24.02399 1.000 187.11000 ?  46 DG C N2    1 
ATOM 1308 N N3    . DG C 3 46 ? -15.65818 -12.24758 -25.61048 1.000 187.86000 ?  46 DG C N3    1 
ATOM 1309 C C4    . DG C 3 46 ? -15.28882 -11.54963 -26.71690 1.000 188.65000 ?  46 DG C C4    1 
ATOM 1310 P P     . DC C 3 47 ? -12.48396 -16.68001 -27.43625 1.000 195.02000 ?  47 DC C P     1 
ATOM 1311 O OP1   . DC C 3 47 ? -11.47856 -17.52866 -26.77749 1.000 196.32000 ?  47 DC C OP1   1 
ATOM 1312 O OP2   . DC C 3 47 ? -12.38487 -16.48852 -28.90470 1.000 202.92000 -1 47 DC C OP2   1 
ATOM 1313 O "O5'" . DC C 3 47 ? -13.98149 -17.06672 -26.95563 1.000 190.99000 ?  47 DC C "O5'" 1 
ATOM 1314 C "C5'" . DC C 3 47 ? -14.29412 -18.29228 -26.20684 1.000 190.52000 ?  47 DC C "C5'" 1 
ATOM 1315 C "C4'" . DC C 3 47 ? -15.56595 -18.07282 -25.40667 1.000 191.55000 ?  47 DC C "C4'" 1 
ATOM 1316 O "O4'" . DC C 3 47 ? -15.61467 -16.64447 -25.06934 1.000 189.46000 ?  47 DC C "O4'" 1 
ATOM 1317 C "C3'" . DC C 3 47 ? -16.87486 -18.27841 -26.17779 1.000 200.66000 ?  47 DC C "C3'" 1 
ATOM 1318 O "O3'" . DC C 3 47 ? -17.33775 -19.63362 -26.22801 1.000 205.55000 ?  47 DC C "O3'" 1 
ATOM 1319 C "C2'" . DC C 3 47 ? -17.80162 -17.37426 -25.38488 1.000 206.37000 ?  47 DC C "C2'" 1 
ATOM 1320 C "C1'" . DC C 3 47 ? -16.92739 -16.13909 -25.31168 1.000 197.49000 ?  47 DC C "C1'" 1 
ATOM 1321 N N1    . DC C 3 47 ? -16.98081 -15.31143 -26.61619 1.000 195.20000 ?  47 DC C N1    1 
ATOM 1322 C C2    . DC C 3 47 ? -17.87097 -14.24266 -26.71743 1.000 198.32000 ?  47 DC C C2    1 
ATOM 1323 O O2    . DC C 3 47 ? -18.55873 -13.94693 -25.72542 1.000 200.47000 ?  47 DC C O2    1 
ATOM 1324 N N3    . DC C 3 47 ? -17.92782 -13.54625 -27.88531 1.000 196.88000 ?  47 DC C N3    1 
ATOM 1325 C C4    . DC C 3 47 ? -17.16171 -13.90940 -28.92273 1.000 193.45000 ?  47 DC C C4    1 
ATOM 1326 N N4    . DC C 3 47 ? -17.24164 -13.21746 -30.04853 1.000 192.61000 ?  47 DC C N4    1 
ATOM 1327 C C5    . DC C 3 47 ? -16.27861 -15.00045 -28.84646 1.000 192.70000 ?  47 DC C C5    1 
ATOM 1328 C C6    . DC C 3 47 ? -16.22699 -15.66151 -27.70364 1.000 195.30000 ?  47 DC C C6    1 
ATOM 1329 P P     . DG C 3 48 ? -18.42123 -20.06610 -27.35700 1.000 212.91000 ?  48 DG C P     1 
ATOM 1330 O OP1   . DG C 3 48 ? -18.53213 -21.54482 -27.35722 1.000 210.21000 ?  48 DG C OP1   1 
ATOM 1331 O OP2   . DG C 3 48 ? -18.04631 -19.36831 -28.60853 1.000 213.12000 -1 48 DG C OP2   1 
ATOM 1332 O "O5'" . DG C 3 48 ? -19.83287 -19.41667 -26.87365 1.000 228.59000 ?  48 DG C "O5'" 1 
ATOM 1333 C "C5'" . DG C 3 48 ? -20.45302 -19.82551 -25.60378 1.000 233.72000 ?  48 DG C "C5'" 1 
ATOM 1334 C "C4'" . DG C 3 48 ? -21.73871 -19.02402 -25.23122 1.000 233.05000 ?  48 DG C "C4'" 1 
ATOM 1335 O "O4'" . DG C 3 48 ? -21.44665 -17.62107 -24.88414 1.000 235.24000 ?  48 DG C "O4'" 1 
ATOM 1336 C "C3'" . DG C 3 48 ? -22.84296 -18.93848 -26.28178 1.000 231.67000 ?  48 DG C "C3'" 1 
ATOM 1337 O "O3'" . DG C 3 48 ? -23.61857 -20.15911 -26.32722 1.000 224.65000 ?  48 DG C "O3'" 1 
ATOM 1338 C "C2'" . DG C 3 48 ? -23.65391 -17.74389 -25.75110 1.000 233.38000 ?  48 DG C "C2'" 1 
ATOM 1339 C "C1'" . DG C 3 48 ? -22.52732 -16.77990 -25.32685 1.000 234.12000 ?  48 DG C "C1'" 1 
ATOM 1340 N N9    . DG C 3 48 ? -22.02066 -15.95342 -26.43702 1.000 227.39000 ?  48 DG C N9    1 
ATOM 1341 C C8    . DG C 3 48 ? -20.76424 -16.03624 -26.99755 1.000 221.66000 ?  48 DG C C8    1 
ATOM 1342 N N7    . DG C 3 48 ? -20.56984 -15.22325 -27.99192 1.000 218.79000 ?  48 DG C N7    1 
ATOM 1343 C C5    . DG C 3 48 ? -21.77692 -14.55057 -28.11143 1.000 224.81000 ?  48 DG C C5    1 
ATOM 1344 C C6    . DG C 3 48 ? -22.12993 -13.55797 -29.02969 1.000 233.71000 ?  48 DG C C6    1 
ATOM 1345 O O6    . DG C 3 48 ? -21.41239 -13.08994 -29.91301 1.000 244.48000 ?  48 DG C O6    1 
ATOM 1346 N N1    . DG C 3 48 ? -23.45553 -13.11589 -28.84140 1.000 236.40000 ?  48 DG C N1    1 
ATOM 1347 C C2    . DG C 3 48 ? -24.32022 -13.59637 -27.87147 1.000 227.68000 ?  48 DG C C2    1 
ATOM 1348 N N2    . DG C 3 48 ? -25.55307 -13.05486 -27.83716 1.000 222.06000 ?  48 DG C N2    1 
ATOM 1349 N N3    . DG C 3 48 ? -23.98511 -14.54906 -26.99185 1.000 225.36000 ?  48 DG C N3    1 
ATOM 1350 C C4    . DG C 3 48 ? -22.69818 -14.98079 -27.17487 1.000 225.05000 ?  48 DG C C4    1 
ATOM 1351 O "O5'" . DT D 4 1  ? -23.93828 -12.66347 -41.86833 1.000 445.78000 ?  1  DT E "O5'" 1 
ATOM 1352 C "C5'" . DT D 4 1  ? -22.93620 -11.71452 -41.50182 1.000 445.78000 ?  1  DT E "C5'" 1 
ATOM 1353 C "C4'" . DT D 4 1  ? -22.73328 -11.69701 -39.99586 1.000 445.78000 ?  1  DT E "C4'" 1 
ATOM 1354 O "O4'" . DT D 4 1  ? -22.91528 -13.03669 -39.46509 1.000 445.78000 ?  1  DT E "O4'" 1 
ATOM 1355 C "C3'" . DT D 4 1  ? -21.34373 -11.22843 -39.52481 1.000 445.78000 ?  1  DT E "C3'" 1 
ATOM 1356 O "O3'" . DT D 4 1  ? -21.48122 -10.17743 -38.55239 1.000 445.78000 ?  1  DT E "O3'" 1 
ATOM 1357 C "C2'" . DT D 4 1  ? -20.71954 -12.50507 -38.91664 1.000 445.78000 ?  1  DT E "C2'" 1 
ATOM 1358 C "C1'" . DT D 4 1  ? -21.96469 -13.24568 -38.45163 1.000 445.78000 ?  1  DT E "C1'" 1 
ATOM 1359 N N1    . DT D 4 1  ? -21.80873 -14.75719 -38.18488 1.000 445.78000 ?  1  DT E N1    1 
ATOM 1360 C C2    . DT D 4 1  ? -22.90357 -15.44245 -37.72243 1.000 445.78000 ?  1  DT E C2    1 
ATOM 1361 O O2    . DT D 4 1  ? -23.97696 -14.91100 -37.54411 1.000 445.78000 ?  1  DT E O2    1 
ATOM 1362 N N3    . DT D 4 1  ? -22.69970 -16.78050 -37.48563 1.000 445.78000 ?  1  DT E N3    1 
ATOM 1363 C C4    . DT D 4 1  ? -21.52323 -17.48388 -37.63805 1.000 445.78000 ?  1  DT E C4    1 
ATOM 1364 O O4    . DT D 4 1  ? -21.44266 -18.69066 -37.41316 1.000 445.78000 ?  1  DT E O4    1 
ATOM 1365 C C5    . DT D 4 1  ? -20.40576 -16.71464 -38.13221 1.000 445.78000 ?  1  DT E C5    1 
ATOM 1366 C C7    . DT D 4 1  ? -19.08180 -17.38220 -38.35028 1.000 445.78000 ?  1  DT E C7    1 
ATOM 1367 C C6    . DT D 4 1  ? -20.59331 -15.39519 -38.37024 1.000 445.78000 ?  1  DT E C6    1 
ATOM 1368 P P     . DG D 4 2  ? -21.30333 -8.62996  -38.95872 1.000 428.62000 ?  2  DG E P     1 
ATOM 1369 O OP1   . DG D 4 2  ? -20.92493 -8.55492  -40.37921 1.000 459.52000 ?  2  DG E OP1   1 
ATOM 1370 O OP2   . DG D 4 2  ? -20.44017 -8.01529  -37.93388 1.000 433.47000 -1 2  DG E OP2   1 
ATOM 1371 O "O5'" . DG D 4 2  ? -22.76191 -7.99058  -38.82488 1.000 398.06000 ?  2  DG E "O5'" 1 
ATOM 1372 C "C5'" . DG D 4 2  ? -23.17524 -7.43332  -37.60388 1.000 359.56000 ?  2  DG E "C5'" 1 
ATOM 1373 C "C4'" . DG D 4 2  ? -23.97152 -8.44802  -36.83182 1.000 338.87000 ?  2  DG E "C4'" 1 
ATOM 1374 O "O4'" . DG D 4 2  ? -23.36072 -9.73882  -36.99777 1.000 367.37000 ?  2  DG E "O4'" 1 
ATOM 1375 C "C3'" . DG D 4 2  ? -24.00020 -8.24730  -35.33923 1.000 315.12000 ?  2  DG E "C3'" 1 
ATOM 1376 O "O3'" . DG D 4 2  ? -25.01261 -7.29220  -34.98627 1.000 298.90000 ?  2  DG E "O3'" 1 
ATOM 1377 C "C2'" . DG D 4 2  ? -24.36340 -9.65091  -34.86777 1.000 304.53000 ?  2  DG E "C2'" 1 
ATOM 1378 C "C1'" . DG D 4 2  ? -23.62875 -10.54055 -35.86893 1.000 340.08000 ?  2  DG E "C1'" 1 
ATOM 1379 N N9    . DG D 4 2  ? -22.37363 -11.11281 -35.35171 1.000 338.45000 ?  2  DG E N9    1 
ATOM 1380 C C8    . DG D 4 2  ? -21.08748 -10.69668 -35.61340 1.000 349.14000 ?  2  DG E C8    1 
ATOM 1381 N N7    . DG D 4 2  ? -20.17235 -11.40736 -34.99799 1.000 339.49000 ?  2  DG E N7    1 
ATOM 1382 C C5    . DG D 4 2  ? -20.89276 -12.35358 -34.27787 1.000 321.16000 ?  2  DG E C5    1 
ATOM 1383 C C6    . DG D 4 2  ? -20.44670 -13.40590 -33.41685 1.000 300.64000 ?  2  DG E C6    1 
ATOM 1384 O O6    . DG D 4 2  ? -19.27768 -13.71374 -33.10350 1.000 279.94000 ?  2  DG E O6    1 
ATOM 1385 N N1    . DG D 4 2  ? -21.51335 -14.12794 -32.88770 1.000 284.40000 ?  2  DG E N1    1 
ATOM 1386 C C2    . DG D 4 2  ? -22.83919 -13.89630 -33.17406 1.000 293.80000 ?  2  DG E C2    1 
ATOM 1387 N N2    . DG D 4 2  ? -23.72822 -14.69387 -32.55082 1.000 282.07000 ?  2  DG E N2    1 
ATOM 1388 N N3    . DG D 4 2  ? -23.27464 -12.90696 -33.96147 1.000 304.84000 ?  2  DG E N3    1 
ATOM 1389 C C4    . DG D 4 2  ? -22.24877 -12.18410 -34.47987 1.000 324.09000 ?  2  DG E C4    1 
ATOM 1390 P P     . DC D 4 3  ? -24.69562 -6.13424  -33.91232 1.000 278.11000 ?  3  DC E P     1 
ATOM 1391 O OP1   . DC D 4 3  ? -25.72036 -5.06243  -33.96729 1.000 267.55000 ?  3  DC E OP1   1 
ATOM 1392 O OP2   . DC D 4 3  ? -23.26286 -5.84223  -34.10442 1.000 300.90000 -1 3  DC E OP2   1 
ATOM 1393 O "O5'" . DC D 4 3  ? -24.83417 -6.83722  -32.49299 1.000 264.26000 ?  3  DC E "O5'" 1 
ATOM 1394 C "C5'" . DC D 4 3  ? -26.03474 -6.71021  -31.76106 1.000 257.30000 ?  3  DC E "C5'" 1 
ATOM 1395 C "C4'" . DC D 4 3  ? -26.56670 -8.08456  -31.38990 1.000 259.11000 ?  3  DC E "C4'" 1 
ATOM 1396 O "O4'" . DC D 4 3  ? -26.02771 -9.06626  -32.30590 1.000 265.33000 ?  3  DC E "O4'" 1 
ATOM 1397 C "C3'" . DC D 4 3  ? -26.14720 -8.61548  -30.02533 1.000 248.11000 ?  3  DC E "C3'" 1 
ATOM 1398 O "O3'" . DC D 4 3  ? -26.95225 -8.07911  -29.01945 1.000 241.29000 ?  3  DC E "O3'" 1 
ATOM 1399 C "C2'" . DC D 4 3  ? -26.35768 -10.10870 -30.20754 1.000 249.51000 ?  3  DC E "C2'" 1 
ATOM 1400 C "C1'" . DC D 4 3  ? -25.76638 -10.27213 -31.60204 1.000 265.08000 ?  3  DC E "C1'" 1 
ATOM 1401 N N1    . DC D 4 3  ? -24.32671 -10.46943 -31.58243 1.000 265.63000 ?  3  DC E N1    1 
ATOM 1402 C C2    . DC D 4 3  ? -23.85369 -11.72639 -31.33810 1.000 268.47000 ?  3  DC E C2    1 
ATOM 1403 O O2    . DC D 4 3  ? -24.65485 -12.65347 -31.16940 1.000 258.31000 ?  3  DC E O2    1 
ATOM 1404 N N3    . DC D 4 3  ? -22.52906 -11.91567 -31.32502 1.000 271.95000 ?  3  DC E N3    1 
ATOM 1405 C C4    . DC D 4 3  ? -21.69038 -10.90876 -31.51922 1.000 276.51000 ?  3  DC E C4    1 
ATOM 1406 N N4    . DC D 4 3  ? -20.38075 -11.17549 -31.47999 1.000 275.35000 ?  3  DC E N4    1 
ATOM 1407 C C5    . DC D 4 3  ? -22.15392 -9.59167  -31.75468 1.000 272.89000 ?  3  DC E C5    1 
ATOM 1408 C C6    . DC D 4 3  ? -23.47320 -9.41593  -31.77163 1.000 268.60000 ?  3  DC E C6    1 
ATOM 1409 P P     . DG D 4 4  ? -26.42603 -6.78342  -28.24097 1.000 246.51000 ?  4  DG E P     1 
ATOM 1410 O OP1   . DG D 4 4  ? -27.30063 -5.63495  -28.59254 1.000 248.26000 ?  4  DG E OP1   1 
ATOM 1411 O OP2   . DG D 4 4  ? -24.99114 -6.69672  -28.62845 1.000 251.63000 -1 4  DG E OP2   1 
ATOM 1412 O "O5'" . DG D 4 4  ? -26.58677 -7.18656  -26.68873 1.000 233.49000 ?  4  DG E "O5'" 1 
ATOM 1413 C "C5'" . DG D 4 4  ? -27.55089 -8.19594  -26.29440 1.000 222.85000 ?  4  DG E "C5'" 1 
ATOM 1414 C "C4'" . DG D 4 4  ? -26.91901 -9.21836  -25.35411 1.000 214.14000 ?  4  DG E "C4'" 1 
ATOM 1415 O "O4'" . DG D 4 4  ? -25.84170 -9.92356  -26.05568 1.000 215.83000 ?  4  DG E "O4'" 1 
ATOM 1416 C "C3'" . DG D 4 4  ? -26.27489 -8.61850  -24.08556 1.000 207.21000 ?  4  DG E "C3'" 1 
ATOM 1417 O "O3'" . DG D 4 4  ? -26.40616 -9.53383  -22.90775 1.000 209.12000 ?  4  DG E "O3'" 1 
ATOM 1418 C "C2'" . DG D 4 4  ? -24.82239 -8.45461  -24.51962 1.000 208.49000 ?  4  DG E "C2'" 1 
ATOM 1419 C "C1'" . DG D 4 4  ? -24.62114 -9.71500  -25.35669 1.000 213.43000 ?  4  DG E "C1'" 1 
ATOM 1420 N N9    . DG D 4 4  ? -23.49775 -9.60793  -26.30473 1.000 216.55000 ?  4  DG E N9    1 
ATOM 1421 C C8    . DG D 4 4  ? -23.31718 -8.64509  -27.27745 1.000 222.08000 ?  4  DG E C8    1 
ATOM 1422 N N7    . DG D 4 4  ? -22.20509 -8.78416  -27.94910 1.000 227.70000 ?  4  DG E N7    1 
ATOM 1423 C C5    . DG D 4 4  ? -21.60034 -9.90435  -27.38379 1.000 218.48000 ?  4  DG E C5    1 
ATOM 1424 C C6    . DG D 4 4  ? -20.37887 -10.52934 -27.70084 1.000 215.08000 ?  4  DG E C6    1 
ATOM 1425 O O6    . DG D 4 4  ? -19.56346 -10.21687 -28.59113 1.000 215.85000 ?  4  DG E O6    1 
ATOM 1426 N N1    . DG D 4 4  ? -20.13355 -11.64116 -26.87763 1.000 208.50000 ?  4  DG E N1    1 
ATOM 1427 C C2    . DG D 4 4  ? -20.98506 -12.09060 -25.88102 1.000 203.44000 ?  4  DG E C2    1 
ATOM 1428 N N2    . DG D 4 4  ? -20.56952 -13.17104 -25.18876 1.000 199.41000 ?  4  DG E N2    1 
ATOM 1429 N N3    . DG D 4 4  ? -22.13603 -11.50096 -25.57017 1.000 204.72000 ?  4  DG E N3    1 
ATOM 1430 C C4    . DG D 4 4  ? -22.39147 -10.41553 -26.35882 1.000 210.81000 ?  4  DG E C4    1 
ATOM 1431 P P     . DC D 4 5  ? -26.08954 -9.03936  -21.38332 1.000 194.03000 ?  5  DC E P     1 
ATOM 1432 O OP1   . DC D 4 5  ? -27.23575 -9.27582  -20.46471 1.000 195.05000 ?  5  DC E OP1   1 
ATOM 1433 O OP2   . DC D 4 5  ? -25.60008 -7.65903  -21.51247 1.000 193.97000 -1 5  DC E OP2   1 
ATOM 1434 O "O5'" . DC D 4 5  ? -24.86937 -9.97630  -20.87035 1.000 182.27000 ?  5  DC E "O5'" 1 
ATOM 1435 C "C5'" . DC D 4 5  ? -25.12407 -11.33596 -20.51860 1.000 174.98000 ?  5  DC E "C5'" 1 
ATOM 1436 C "C4'" . DC D 4 5  ? -23.90575 -12.22310 -20.72904 1.000 169.81000 ?  5  DC E "C4'" 1 
ATOM 1437 O "O4'" . DC D 4 5  ? -23.19254 -11.87820 -21.94983 1.000 176.92000 ?  5  DC E "O4'" 1 
ATOM 1438 C "C3'" . DC D 4 5  ? -22.89257 -12.16894 -19.61431 1.000 165.25000 ?  5  DC E "C3'" 1 
ATOM 1439 O "O3'" . DC D 4 5  ? -22.51958 -13.48627 -19.28847 1.000 167.03000 ?  5  DC E "O3'" 1 
ATOM 1440 C "C2'" . DC D 4 5  ? -21.73336 -11.37117 -20.20998 1.000 165.78000 ?  5  DC E "C2'" 1 
ATOM 1441 C "C1'" . DC D 4 5  ? -21.81839 -11.70664 -21.67940 1.000 172.08000 ?  5  DC E "C1'" 1 
ATOM 1442 N N1    . DC D 4 5  ? -21.33234 -10.60487 -22.52357 1.000 179.18000 ?  5  DC E N1    1 
ATOM 1443 C C2    . DC D 4 5  ? -20.20428 -10.77713 -23.33628 1.000 183.09000 ?  5  DC E C2    1 
ATOM 1444 O O2    . DC D 4 5  ? -19.63007 -11.88004 -23.33793 1.000 179.47000 ?  5  DC E O2    1 
ATOM 1445 N N3    . DC D 4 5  ? -19.80029 -9.74151  -24.11304 1.000 190.16000 ?  5  DC E N3    1 
ATOM 1446 C C4    . DC D 4 5  ? -20.45852 -8.57114  -24.08969 1.000 192.07000 ?  5  DC E C4    1 
ATOM 1447 N N4    . DC D 4 5  ? -20.02224 -7.56933  -24.86326 1.000 190.74000 ?  5  DC E N4    1 
ATOM 1448 C C5    . DC D 4 5  ? -21.60225 -8.38414  -23.26320 1.000 188.48000 ?  5  DC E C5    1 
ATOM 1449 C C6    . DC D 4 5  ? -21.99554 -9.41261  -22.51259 1.000 185.20000 ?  5  DC E C6    1 
ATOM 1450 P P     . DT D 4 6  ? -21.34232 -13.77079 -18.22898 1.000 164.59000 ?  6  DT E P     1 
ATOM 1451 O OP1   . DT D 4 6  ? -21.67093 -14.99496 -17.43281 1.000 159.94000 ?  6  DT E OP1   1 
ATOM 1452 O OP2   . DT D 4 6  ? -21.09590 -12.49415 -17.51734 1.000 159.58000 -1 6  DT E OP2   1 
ATOM 1453 O "O5'" . DT D 4 6  ? -20.03666 -13.99337 -19.15208 1.000 168.81000 ?  6  DT E "O5'" 1 
ATOM 1454 C "C5'" . DT D 4 6  ? -19.86952 -15.16883 -19.98334 1.000 170.20000 ?  6  DT E "C5'" 1 
ATOM 1455 C "C4'" . DT D 4 6  ? -18.38449 -15.51705 -20.12431 1.000 169.10000 ?  6  DT E "C4'" 1 
ATOM 1456 O "O4'" . DT D 4 6  ? -17.67498 -14.43604 -20.79636 1.000 167.04000 ?  6  DT E "O4'" 1 
ATOM 1457 C "C3'" . DT D 4 6  ? -17.65594 -15.73570 -18.79260 1.000 166.35000 ?  6  DT E "C3'" 1 
ATOM 1458 O "O3'" . DT D 4 6  ? -16.65985 -16.78673 -18.88630 1.000 167.40000 ?  6  DT E "O3'" 1 
ATOM 1459 C "C2'" . DT D 4 6  ? -17.01608 -14.37926 -18.51180 1.000 159.73000 ?  6  DT E "C2'" 1 
ATOM 1460 C "C1'" . DT D 4 6  ? -16.75016 -13.83122 -19.90655 1.000 161.91000 ?  6  DT E "C1'" 1 
ATOM 1461 N N1    . DT D 4 6  ? -16.95921 -12.39840 -19.97447 1.000 164.25000 ?  6  DT E N1    1 
ATOM 1462 C C2    . DT D 4 6  ? -16.38877 -11.71445 -20.99533 1.000 170.93000 ?  6  DT E C2    1 
ATOM 1463 O O2    . DT D 4 6  ? -15.69943 -12.24436 -21.85266 1.000 173.94000 ?  6  DT E O2    1 
ATOM 1464 N N3    . DT D 4 6  ? -16.64679 -10.36300 -20.98086 1.000 172.73000 ?  6  DT E N3    1 
ATOM 1465 C C4    . DT D 4 6  ? -17.40781 -9.65969  -20.06146 1.000 166.82000 ?  6  DT E C4    1 
ATOM 1466 O O4    . DT D 4 6  ? -17.57601 -8.44016  -20.13106 1.000 164.35000 ?  6  DT E O4    1 
ATOM 1467 C C5    . DT D 4 6  ? -17.97965 -10.44982 -19.01013 1.000 160.90000 ?  6  DT E C5    1 
ATOM 1468 C C7    . DT D 4 6  ? -18.81750 -9.79957  -17.95764 1.000 151.58000 ?  6  DT E C7    1 
ATOM 1469 C C6    . DT D 4 6  ? -17.73269 -11.77274 -19.01597 1.000 160.99000 ?  6  DT E C6    1 
ATOM 1470 P P     . DG D 4 7  ? -15.54713 -16.97436 -17.72758 1.000 148.32000 ?  7  DG E P     1 
ATOM 1471 O OP1   . DG D 4 7  ? -15.31194 -18.44295 -17.56657 1.000 154.28000 ?  7  DG E OP1   1 
ATOM 1472 O OP2   . DG D 4 7  ? -16.00982 -16.21064 -16.52352 1.000 153.16000 -1 7  DG E OP2   1 
ATOM 1473 O "O5'" . DG D 4 7  ? -14.19308 -16.31478 -18.35353 1.000 146.42000 ?  7  DG E "O5'" 1 
ATOM 1474 C "C5'" . DG D 4 7  ? -13.18282 -17.17016 -18.97161 1.000 142.93000 ?  7  DG E "C5'" 1 
ATOM 1475 C "C4'" . DG D 4 7  ? -12.18365 -16.35461 -19.78233 1.000 138.42000 ?  7  DG E "C4'" 1 
ATOM 1476 O "O4'" . DG D 4 7  ? -12.83033 -15.15346 -20.23539 1.000 137.74000 ?  7  DG E "O4'" 1 
ATOM 1477 C "C3'" . DG D 4 7  ? -10.93736 -15.89831 -19.01520 1.000 136.12000 ?  7  DG E "C3'" 1 
ATOM 1478 O "O3'" . DG D 4 7  ? -9.75225  -16.07110 -19.74914 1.000 138.70000 ?  7  DG E "O3'" 1 
ATOM 1479 C "C2'" . DG D 4 7  ? -11.17503 -14.45381 -18.77331 1.000 137.60000 ?  7  DG E "C2'" 1 
ATOM 1480 C "C1'" . DG D 4 7  ? -12.04031 -14.06654 -19.92400 1.000 138.29000 ?  7  DG E "C1'" 1 
ATOM 1481 N N9    . DG D 4 7  ? -12.86823 -13.04775 -19.50999 1.000 144.95000 ?  7  DG E N9    1 
ATOM 1482 C C8    . DG D 4 7  ? -13.71625 -13.08612 -18.43608 1.000 149.47000 ?  7  DG E C8    1 
ATOM 1483 N N7    . DG D 4 7  ? -14.30643 -11.96711 -18.22750 1.000 152.45000 ?  7  DG E N7    1 
ATOM 1484 C C5    . DG D 4 7  ? -13.78613 -11.12791 -19.20930 1.000 159.95000 ?  7  DG E C5    1 
ATOM 1485 C C6    . DG D 4 7  ? -14.05417 -9.79633  -19.49400 1.000 172.51000 ?  7  DG E C6    1 
ATOM 1486 O O6    . DG D 4 7  ? -14.81102 -8.99427  -18.91302 1.000 173.93000 ?  7  DG E O6    1 
ATOM 1487 N N1    . DG D 4 7  ? -13.28263 -9.35338  -20.57852 1.000 177.19000 ?  7  DG E N1    1 
ATOM 1488 C C2    . DG D 4 7  ? -12.39803 -10.14581 -21.29091 1.000 175.35000 ?  7  DG E C2    1 
ATOM 1489 N N2    . DG D 4 7  ? -11.74813 -9.55030  -22.31728 1.000 182.10000 ?  7  DG E N2    1 
ATOM 1490 N N3    . DG D 4 7  ? -12.15487 -11.39985 -21.01654 1.000 164.76000 ?  7  DG E N3    1 
ATOM 1491 C C4    . DG D 4 7  ? -12.89506 -11.83222 -19.96355 1.000 155.34000 ?  7  DG E C4    1 
ATOM 1492 P P     . DT D 4 8  ? -8.47282  -16.63785 -18.96166 1.000 141.60000 ?  8  DT E P     1 
ATOM 1493 O OP1   . DT D 4 8  ? -7.73386  -17.66694 -19.73852 1.000 159.39000 ?  8  DT E OP1   1 
ATOM 1494 O OP2   . DT D 4 8  ? -9.07585  -17.10197 -17.69685 1.000 146.64000 -1 8  DT E OP2   1 
ATOM 1495 O "O5'" . DT D 4 8  ? -7.54031  -15.35512 -18.74841 1.000 150.07000 ?  8  DT E "O5'" 1 
ATOM 1496 C "C5'" . DT D 4 8  ? -7.97912  -14.13871 -19.14976 1.000 147.49000 ?  8  DT E "C5'" 1 
ATOM 1497 C "C4'" . DT D 4 8  ? -6.98317  -13.46687 -20.02941 1.000 150.95000 ?  8  DT E "C4'" 1 
ATOM 1498 O "O4'" . DT D 4 8  ? -7.71161  -12.64665 -20.95292 1.000 148.74000 ?  8  DT E "O4'" 1 
ATOM 1499 C "C3'" . DT D 4 8  ? -6.02646  -12.55455 -19.28078 1.000 158.75000 ?  8  DT E "C3'" 1 
ATOM 1500 O "O3'" . DT D 4 8  ? -4.71677  -13.07218 -19.33192 1.000 163.64000 ?  8  DT E "O3'" 1 
ATOM 1501 C "C2'" . DT D 4 8  ? -6.12452  -11.21174 -20.00152 1.000 159.17000 ?  8  DT E "C2'" 1 
ATOM 1502 C "C1'" . DT D 4 8  ? -7.46425  -11.29481 -20.70096 1.000 159.97000 ?  8  DT E "C1'" 1 
ATOM 1503 N N1    . DT D 4 8  ? -8.64259  -10.67095 -19.97086 1.000 164.21000 ?  8  DT E N1    1 
ATOM 1504 C C2    . DT D 4 8  ? -9.02743  -9.40909  -20.35147 1.000 174.58000 ?  8  DT E C2    1 
ATOM 1505 O O2    . DT D 4 8  ? -8.44510  -8.76660  -21.20842 1.000 177.21000 ?  8  DT E O2    1 
ATOM 1506 N N3    . DT D 4 8  ? -10.10385 -8.91492  -19.67649 1.000 179.45000 ?  8  DT E N3    1 
ATOM 1507 C C4    . DT D 4 8  ? -10.83972 -9.53576  -18.69365 1.000 174.43000 ?  8  DT E C4    1 
ATOM 1508 O O4    . DT D 4 8  ? -11.78796 -8.99196  -18.13989 1.000 175.81000 ?  8  DT E O4    1 
ATOM 1509 C C5    . DT D 4 8  ? -10.40103 -10.86363 -18.35540 1.000 166.28000 ?  8  DT E C5    1 
ATOM 1510 C C7    . DT D 4 8  ? -11.10712 -11.61445 -17.28336 1.000 164.86000 ?  8  DT E C7    1 
ATOM 1511 C C6    . DT D 4 8  ? -9.34492  -11.36416 -19.00141 1.000 161.38000 ?  8  DT E C6    1 
# 
